data_4X97
#
_entry.id   4X97
#
_cell.length_a   69.147
_cell.length_b   85.495
_cell.length_c   88.852
_cell.angle_alpha   88.850
_cell.angle_beta   70.870
_cell.angle_gamma   79.740
#
_symmetry.space_group_name_H-M   'P 1'
#
loop_
_entity.id
_entity.type
_entity.pdbx_description
1 polymer 'Group XV phospholipase A2'
2 non-polymer 2-acetamido-2-deoxy-beta-D-glucopyranose
3 non-polymer 'METHYL ARACHIDONYL FLUOROPHOSPHONATE'
4 non-polymer '4-(2-HYDROXYETHYL)-1-PIPERAZINE ETHANESULFONIC ACID'
5 non-polymer 'PHOSPHATE ION'
6 non-polymer 'CHLORIDE ION'
7 water water
#
_entity_poly.entity_id   1
_entity_poly.type   'polypeptide(L)'
_entity_poly.pdbx_seq_one_letter_code
;GAGRHPPVVLVPGDLGNQLEAKLDKPTVVHYLCSKKTESYFTIWLNLELLLPVIIDCWIDNIRLVYNKTSRATQFPDGVD
VRVPGFGKTFSLEFLDPSKSSVGSYFHTMVESLVGWGYTRGEDVRGAPYDWRRAPNENGPYFLALREMIEEMYQLYGGPV
VLVAHSMGNMYTLYFLQRQPQAWKDKYIRAFVSLGAPWGGVAKTLRVLASGDNNRIPVIGPLKIREQQRSAVSTSWLLPY
NYTWSPEKVFVQTPTINYTLRDYRKFFQDIGFEDGWLMRQDTEGLVEATMPPGVQLHCLYGTGVPTPDSFYYESFPDRDP
KICFGDGDGTVNLKSALQCQAWQSRQEHQVLLQELPGSEHIEMLANATTLAYLKRVLLGP
;
_entity_poly.pdbx_strand_id   A,B,C,D
#
# COMPACT_ATOMS: atom_id res chain seq x y z
N ARG A 4 2.10 23.50 -4.72
CA ARG A 4 2.42 22.22 -5.37
C ARG A 4 3.89 21.89 -5.06
N HIS A 5 4.28 20.65 -5.33
CA HIS A 5 5.57 20.13 -4.90
C HIS A 5 5.97 18.85 -5.64
N PRO A 6 7.25 18.66 -5.86
CA PRO A 6 7.63 17.53 -6.67
C PRO A 6 7.63 16.21 -5.95
N PRO A 7 7.43 15.10 -6.68
CA PRO A 7 7.56 13.76 -6.03
C PRO A 7 8.96 13.48 -5.54
N VAL A 8 9.07 12.70 -4.47
CA VAL A 8 10.34 12.42 -3.81
C VAL A 8 10.56 10.93 -3.71
N VAL A 9 11.75 10.49 -4.08
CA VAL A 9 12.25 9.12 -3.85
C VAL A 9 13.43 9.12 -2.90
N LEU A 10 13.34 8.35 -1.83
CA LEU A 10 14.32 8.23 -0.76
C LEU A 10 15.17 6.98 -0.97
N VAL A 11 16.50 7.14 -1.00
CA VAL A 11 17.45 6.06 -1.20
C VAL A 11 18.34 5.94 0.02
N PRO A 12 18.27 4.81 0.70
CA PRO A 12 18.94 4.64 1.98
C PRO A 12 20.43 4.25 1.79
N GLY A 13 21.16 4.28 2.88
CA GLY A 13 22.51 3.82 2.89
C GLY A 13 22.68 2.41 3.36
N ASP A 14 23.93 2.05 3.62
CA ASP A 14 24.26 0.72 4.12
C ASP A 14 23.55 0.50 5.47
N LEU A 15 22.98 -0.69 5.68
CA LEU A 15 22.19 -0.98 6.87
C LEU A 15 20.89 -0.21 6.96
N GLY A 16 20.53 0.49 5.91
CA GLY A 16 19.55 1.56 5.96
C GLY A 16 18.14 1.22 5.61
N ASN A 17 17.85 -0.05 5.45
CA ASN A 17 16.48 -0.53 5.32
C ASN A 17 16.35 -1.92 5.89
N GLN A 18 15.11 -2.26 6.26
CA GLN A 18 14.85 -3.58 6.77
C GLN A 18 15.23 -4.66 5.74
N LEU A 19 15.60 -5.84 6.25
CA LEU A 19 15.76 -7.04 5.47
C LEU A 19 14.98 -8.16 6.17
N GLU A 20 14.38 -9.04 5.37
CA GLU A 20 13.67 -10.19 5.88
C GLU A 20 14.28 -11.48 5.37
N ALA A 21 14.21 -12.53 6.17
CA ALA A 21 14.73 -13.83 5.77
C ALA A 21 13.70 -14.93 5.97
N LYS A 22 13.79 -15.94 5.11
CA LYS A 22 13.02 -17.17 5.28
C LYS A 22 13.98 -18.34 5.13
N LEU A 23 13.81 -19.34 6.00
CA LEU A 23 14.80 -20.40 6.14
C LEU A 23 14.25 -21.77 5.85
N ASP A 24 15.08 -22.57 5.16
CA ASP A 24 14.88 -24.02 5.02
C ASP A 24 16.29 -24.66 4.90
N LYS A 25 17.09 -24.60 5.98
CA LYS A 25 18.49 -24.87 5.94
C LYS A 25 18.80 -26.32 6.16
N PRO A 26 19.80 -26.87 5.44
CA PRO A 26 20.19 -28.27 5.70
C PRO A 26 20.88 -28.43 7.06
N THR A 27 21.67 -27.45 7.46
CA THR A 27 22.43 -27.53 8.71
C THR A 27 22.44 -26.18 9.44
N VAL A 28 22.67 -26.24 10.75
CA VAL A 28 22.84 -25.04 11.54
C VAL A 28 24.15 -25.09 12.35
N VAL A 29 24.62 -23.92 12.75
CA VAL A 29 25.84 -23.80 13.56
C VAL A 29 25.65 -24.10 15.04
N HIS A 30 24.44 -23.92 15.55
CA HIS A 30 24.06 -24.32 16.92
C HIS A 30 22.70 -24.99 16.90
N TYR A 31 22.46 -25.92 17.80
CA TYR A 31 21.12 -26.54 17.95
C TYR A 31 20.00 -25.58 18.18
N LEU A 32 20.29 -24.50 18.89
CA LEU A 32 19.26 -23.51 19.19
C LEU A 32 18.91 -22.61 18.00
N CYS A 33 19.63 -22.72 16.88
CA CYS A 33 19.28 -22.00 15.66
C CYS A 33 18.13 -22.70 14.93
N SER A 34 17.13 -21.96 14.49
CA SER A 34 16.09 -22.51 13.64
C SER A 34 16.63 -22.93 12.28
N LYS A 35 16.25 -24.15 11.85
CA LYS A 35 16.52 -24.61 10.49
C LYS A 35 15.48 -24.13 9.52
N LYS A 36 14.24 -23.93 9.96
CA LYS A 36 13.14 -23.66 9.11
C LYS A 36 12.27 -22.53 9.72
N THR A 37 11.78 -21.65 8.85
CA THR A 37 10.68 -20.79 9.21
C THR A 37 9.54 -20.96 8.22
N GLU A 38 8.30 -20.84 8.68
CA GLU A 38 7.14 -20.92 7.81
C GLU A 38 6.90 -19.64 7.01
N SER A 39 7.38 -18.51 7.52
CA SER A 39 7.32 -17.28 6.74
C SER A 39 8.57 -16.47 6.91
N TYR A 40 8.60 -15.30 6.29
CA TYR A 40 9.74 -14.38 6.44
C TYR A 40 9.67 -13.75 7.81
N PHE A 41 10.86 -13.47 8.38
CA PHE A 41 10.93 -12.73 9.62
C PHE A 41 11.96 -11.62 9.39
N THR A 42 11.91 -10.59 10.22
CA THR A 42 12.86 -9.51 10.12
C THR A 42 14.23 -9.92 10.64
N ILE A 43 15.21 -9.91 9.74
CA ILE A 43 16.59 -10.25 10.08
C ILE A 43 17.44 -8.99 10.36
N TRP A 44 17.01 -7.86 9.81
CA TRP A 44 17.57 -6.55 10.17
C TRP A 44 16.42 -5.54 10.16
N LEU A 45 16.18 -4.79 11.23
CA LEU A 45 16.90 -4.81 12.51
C LEU A 45 15.99 -5.47 13.55
N ASN A 46 16.49 -6.56 14.15
CA ASN A 46 15.87 -7.15 15.30
C ASN A 46 16.96 -7.43 16.33
N LEU A 47 16.86 -6.72 17.46
CA LEU A 47 17.92 -6.73 18.46
C LEU A 47 18.08 -8.07 19.12
N GLU A 48 17.00 -8.82 19.21
CA GLU A 48 17.06 -10.13 19.87
C GLU A 48 17.92 -11.14 19.12
N LEU A 49 18.13 -10.91 17.83
CA LEU A 49 18.94 -11.83 17.01
C LEU A 49 20.43 -11.58 17.15
N LEU A 50 20.79 -10.48 17.81
CA LEU A 50 22.18 -10.05 17.93
C LEU A 50 22.81 -10.39 19.31
N LEU A 51 22.04 -11.03 20.18
CA LEU A 51 22.48 -11.44 21.49
C LEU A 51 23.55 -12.55 21.38
N PRO A 52 24.42 -12.68 22.43
CA PRO A 52 25.47 -13.68 22.33
C PRO A 52 24.89 -15.08 22.01
N VAL A 53 25.67 -15.86 21.26
CA VAL A 53 25.30 -17.19 20.78
C VAL A 53 24.29 -17.18 19.65
N ILE A 54 23.12 -16.60 19.91
CA ILE A 54 22.09 -16.41 18.86
C ILE A 54 22.65 -15.65 17.68
N ILE A 55 23.58 -14.73 17.93
CA ILE A 55 24.21 -13.98 16.83
C ILE A 55 24.90 -14.89 15.82
N ASP A 56 25.35 -16.07 16.23
CA ASP A 56 25.96 -17.00 15.26
C ASP A 56 24.90 -17.49 14.23
N CYS A 57 23.67 -17.70 14.70
CA CYS A 57 22.56 -18.06 13.82
C CYS A 57 22.32 -16.94 12.81
N TRP A 58 22.29 -15.71 13.32
CA TRP A 58 22.07 -14.53 12.50
C TRP A 58 23.15 -14.39 11.44
N ILE A 59 24.41 -14.47 11.85
CA ILE A 59 25.55 -14.41 10.92
C ILE A 59 25.41 -15.49 9.86
N ASP A 60 25.04 -16.71 10.26
CA ASP A 60 24.92 -17.81 9.31
C ASP A 60 23.85 -17.57 8.26
N ASN A 61 22.83 -16.76 8.59
CA ASN A 61 21.74 -16.44 7.67
C ASN A 61 21.97 -15.17 6.85
N ILE A 62 22.57 -14.17 7.45
CA ILE A 62 22.70 -12.86 6.80
C ILE A 62 24.03 -12.67 6.05
N ARG A 63 24.98 -13.55 6.29
CA ARG A 63 26.23 -13.53 5.50
C ARG A 63 25.93 -13.82 4.05
N LEU A 64 26.76 -13.26 3.18
CA LEU A 64 26.79 -13.63 1.77
C LEU A 64 27.92 -14.66 1.54
N VAL A 65 27.69 -15.58 0.64
CA VAL A 65 28.70 -16.54 0.23
C VAL A 65 29.30 -16.05 -1.09
N TYR A 66 30.62 -15.98 -1.14
CA TYR A 66 31.29 -15.54 -2.38
C TYR A 66 31.63 -16.77 -3.24
N ASN A 67 31.16 -16.79 -4.47
CA ASN A 67 31.49 -17.84 -5.41
C ASN A 67 32.60 -17.34 -6.33
N LYS A 68 33.78 -17.92 -6.21
CA LYS A 68 34.93 -17.51 -7.02
C LYS A 68 34.78 -17.83 -8.51
N THR A 69 33.95 -18.85 -8.82
CA THR A 69 33.69 -19.25 -10.21
C THR A 69 32.83 -18.21 -10.92
N SER A 70 31.72 -17.84 -10.31
CA SER A 70 30.85 -16.85 -10.90
C SER A 70 31.27 -15.43 -10.60
N ARG A 71 32.21 -15.23 -9.70
CA ARG A 71 32.54 -13.87 -9.20
C ARG A 71 31.29 -13.13 -8.74
N ALA A 72 30.49 -13.80 -7.95
CA ALA A 72 29.21 -13.29 -7.52
C ALA A 72 28.91 -13.83 -6.11
N THR A 73 28.05 -13.13 -5.36
CA THR A 73 27.61 -13.61 -4.09
C THR A 73 26.32 -14.42 -4.25
N GLN A 74 26.11 -15.34 -3.31
CA GLN A 74 24.87 -16.03 -3.17
C GLN A 74 24.50 -16.17 -1.71
N PHE A 75 23.25 -16.49 -1.40
CA PHE A 75 22.84 -16.65 -0.01
C PHE A 75 23.33 -18.04 0.45
N PRO A 76 23.51 -18.25 1.75
CA PRO A 76 23.75 -19.60 2.26
C PRO A 76 22.64 -20.60 1.84
N ASP A 77 22.97 -21.88 1.80
CA ASP A 77 22.01 -22.88 1.38
C ASP A 77 20.75 -22.78 2.22
N GLY A 78 19.60 -22.77 1.55
CA GLY A 78 18.30 -22.74 2.20
C GLY A 78 17.91 -21.41 2.83
N VAL A 79 18.61 -20.33 2.50
CA VAL A 79 18.30 -19.03 3.03
C VAL A 79 17.83 -18.13 1.88
N ASP A 80 16.66 -17.47 2.04
CA ASP A 80 16.37 -16.35 1.19
C ASP A 80 16.29 -15.07 2.04
N VAL A 81 16.80 -14.00 1.45
CA VAL A 81 16.72 -12.67 1.98
C VAL A 81 16.03 -11.75 1.01
N ARG A 82 14.93 -11.09 1.47
CA ARG A 82 14.21 -10.15 0.61
C ARG A 82 14.14 -8.76 1.25
N VAL A 83 13.90 -7.77 0.42
CA VAL A 83 13.85 -6.37 0.80
C VAL A 83 12.37 -5.98 0.81
N PRO A 84 11.78 -5.78 2.02
CA PRO A 84 10.41 -5.35 2.06
C PRO A 84 10.25 -3.85 1.79
N GLY A 85 9.06 -3.41 1.43
CA GLY A 85 8.72 -2.00 1.44
C GLY A 85 9.19 -1.17 0.25
N PHE A 86 9.52 -1.79 -0.86
CA PHE A 86 9.89 -1.05 -2.04
C PHE A 86 8.69 -0.23 -2.52
N GLY A 87 8.87 1.05 -2.72
CA GLY A 87 7.80 1.95 -3.14
C GLY A 87 7.06 2.53 -1.96
N LYS A 88 7.34 2.05 -0.73
CA LYS A 88 6.74 2.57 0.49
C LYS A 88 7.85 3.21 1.34
N THR A 89 7.51 3.64 2.56
CA THR A 89 8.53 4.28 3.39
C THR A 89 8.77 3.62 4.70
N PHE A 90 7.90 2.70 5.13
CA PHE A 90 8.05 2.13 6.46
C PHE A 90 9.41 1.47 6.70
N SER A 91 9.96 0.82 5.67
CA SER A 91 11.17 -0.03 5.91
C SER A 91 12.46 0.79 5.93
N LEU A 92 12.40 2.03 5.50
CA LEU A 92 13.51 2.95 5.70
C LEU A 92 13.25 3.97 6.81
N GLU A 93 12.00 4.17 7.22
CA GLU A 93 11.70 5.06 8.38
C GLU A 93 12.17 4.46 9.65
N PHE A 94 11.86 3.17 9.81
CA PHE A 94 12.24 2.38 10.98
C PHE A 94 12.97 1.14 10.54
N LEU A 95 14.19 0.96 11.00
CA LEU A 95 14.96 -0.25 10.72
C LEU A 95 14.46 -1.41 11.56
N ASP A 96 13.98 -1.11 12.77
CA ASP A 96 13.36 -2.12 13.63
C ASP A 96 11.86 -1.97 13.54
N PRO A 97 11.15 -3.02 13.05
CA PRO A 97 9.70 -2.90 12.88
C PRO A 97 8.93 -2.74 14.20
N SER A 98 9.57 -2.92 15.35
CA SER A 98 9.01 -2.49 16.64
C SER A 98 8.85 -0.97 16.71
N LYS A 99 9.53 -0.26 15.83
CA LYS A 99 9.50 1.19 15.72
C LYS A 99 10.24 1.88 16.84
N SER A 100 11.15 1.13 17.47
CA SER A 100 11.95 1.68 18.53
C SER A 100 12.88 2.77 17.94
N SER A 101 13.22 3.73 18.79
CA SER A 101 14.09 4.85 18.40
C SER A 101 15.47 4.38 17.96
N VAL A 102 15.91 3.24 18.47
CA VAL A 102 17.20 2.68 18.08
C VAL A 102 17.26 2.46 16.55
N GLY A 103 16.14 2.17 15.90
CA GLY A 103 16.15 2.02 14.46
C GLY A 103 15.60 3.20 13.65
N SER A 104 15.36 4.32 14.29
CA SER A 104 14.70 5.45 13.61
C SER A 104 15.68 6.09 12.63
N TYR A 105 15.36 6.07 11.35
CA TYR A 105 16.35 6.43 10.32
C TYR A 105 15.76 7.56 9.45
N PHE A 106 14.90 7.25 8.50
CA PHE A 106 14.22 8.28 7.71
C PHE A 106 12.93 8.80 8.38
N HIS A 107 12.57 8.29 9.55
CA HIS A 107 11.22 8.66 10.13
C HIS A 107 11.04 10.16 10.34
N THR A 108 12.05 10.84 10.89
CA THR A 108 11.89 12.26 11.15
C THR A 108 11.70 13.01 9.83
N MET A 109 12.47 12.65 8.80
CA MET A 109 12.35 13.31 7.51
C MET A 109 11.00 13.07 6.88
N VAL A 110 10.50 11.85 6.95
CA VAL A 110 9.19 11.52 6.34
C VAL A 110 8.08 12.26 7.09
N GLU A 111 8.16 12.31 8.43
CA GLU A 111 7.21 13.12 9.22
C GLU A 111 7.14 14.57 8.71
N SER A 112 8.33 15.12 8.48
CA SER A 112 8.41 16.49 7.96
C SER A 112 7.78 16.63 6.59
N LEU A 113 8.12 15.71 5.69
CA LEU A 113 7.56 15.71 4.34
C LEU A 113 6.06 15.62 4.38
N VAL A 114 5.53 14.73 5.20
CA VAL A 114 4.08 14.56 5.34
C VAL A 114 3.44 15.84 5.90
N GLY A 115 4.09 16.47 6.89
CA GLY A 115 3.64 17.76 7.39
C GLY A 115 3.61 18.84 6.29
N TRP A 116 4.50 18.74 5.30
CA TRP A 116 4.50 19.65 4.15
C TRP A 116 3.55 19.29 3.04
N GLY A 117 2.83 18.19 3.20
CA GLY A 117 1.78 17.81 2.25
C GLY A 117 2.04 16.56 1.42
N TYR A 118 3.14 15.85 1.69
CA TYR A 118 3.43 14.58 1.03
C TYR A 118 2.57 13.47 1.59
N THR A 119 2.47 12.38 0.83
CA THR A 119 1.71 11.19 1.21
C THR A 119 2.60 9.96 1.13
N ARG A 120 2.76 9.24 2.24
CA ARG A 120 3.51 7.99 2.24
C ARG A 120 3.09 7.03 1.20
N GLY A 121 4.02 6.52 0.39
CA GLY A 121 3.73 5.51 -0.60
C GLY A 121 3.19 6.07 -1.88
N GLU A 122 2.95 7.39 -1.94
CA GLU A 122 2.37 8.02 -3.10
C GLU A 122 3.39 8.98 -3.68
N ASP A 123 3.39 10.24 -3.25
CA ASP A 123 4.35 11.20 -3.81
C ASP A 123 5.67 11.27 -3.01
N VAL A 124 5.77 10.50 -1.92
CA VAL A 124 7.05 10.18 -1.33
C VAL A 124 7.14 8.67 -1.21
N ARG A 125 8.19 8.12 -1.82
CA ARG A 125 8.41 6.67 -1.81
C ARG A 125 9.83 6.31 -1.54
N GLY A 126 10.01 5.17 -0.88
CA GLY A 126 11.34 4.63 -0.63
C GLY A 126 11.82 3.70 -1.72
N ALA A 127 13.12 3.68 -1.96
CA ALA A 127 13.81 2.74 -2.82
C ALA A 127 14.83 1.92 -2.02
N PRO A 128 14.37 1.12 -1.06
CA PRO A 128 15.25 0.23 -0.31
C PRO A 128 15.85 -0.89 -1.18
N TYR A 129 16.98 -1.42 -0.77
CA TYR A 129 17.70 -2.40 -1.53
C TYR A 129 18.47 -3.30 -0.57
N ASP A 130 19.00 -4.40 -1.12
CA ASP A 130 19.89 -5.25 -0.38
C ASP A 130 21.26 -4.60 -0.31
N TRP A 131 21.47 -3.85 0.75
CA TRP A 131 22.67 -3.03 0.91
C TRP A 131 23.92 -3.87 1.25
N ARG A 132 23.79 -5.20 1.36
CA ARG A 132 24.94 -6.09 1.50
C ARG A 132 25.66 -6.23 0.18
N ARG A 133 24.99 -5.94 -0.92
CA ARG A 133 25.58 -5.99 -2.23
C ARG A 133 25.91 -4.65 -2.78
N ALA A 134 26.79 -4.65 -3.76
CA ALA A 134 27.15 -3.45 -4.55
C ALA A 134 26.27 -3.39 -5.78
N PRO A 135 26.26 -2.32 -6.55
CA PRO A 135 25.41 -2.21 -7.70
C PRO A 135 25.45 -3.32 -8.73
N ASN A 136 26.61 -3.94 -8.89
CA ASN A 136 26.76 -5.04 -9.86
C ASN A 136 25.84 -6.22 -9.59
N GLU A 137 25.41 -6.37 -8.34
CA GLU A 137 24.47 -7.44 -7.99
C GLU A 137 23.11 -6.94 -7.55
N ASN A 138 22.73 -5.76 -8.03
CA ASN A 138 21.42 -5.20 -7.73
C ASN A 138 20.75 -4.69 -8.99
N GLY A 139 20.95 -5.40 -10.10
CA GLY A 139 20.36 -4.99 -11.39
C GLY A 139 18.85 -4.79 -11.32
N PRO A 140 18.12 -5.75 -10.78
CA PRO A 140 16.65 -5.64 -10.67
C PRO A 140 16.20 -4.39 -9.88
N TYR A 141 16.93 -4.04 -8.82
CA TYR A 141 16.63 -2.83 -8.07
C TYR A 141 16.67 -1.59 -8.98
N PHE A 142 17.69 -1.48 -9.84
CA PHE A 142 17.80 -0.30 -10.70
C PHE A 142 16.70 -0.24 -11.74
N LEU A 143 16.26 -1.39 -12.21
CA LEU A 143 15.12 -1.44 -13.12
C LEU A 143 13.85 -0.93 -12.39
N ALA A 144 13.64 -1.39 -11.18
CA ALA A 144 12.50 -0.97 -10.38
C ALA A 144 12.58 0.52 -10.04
N LEU A 145 13.76 1.01 -9.74
CA LEU A 145 13.94 2.43 -9.45
C LEU A 145 13.57 3.31 -10.68
N ARG A 146 14.06 2.92 -11.85
CA ARG A 146 13.70 3.61 -13.07
C ARG A 146 12.19 3.63 -13.30
N GLU A 147 11.57 2.46 -13.17
CA GLU A 147 10.12 2.37 -13.34
C GLU A 147 9.35 3.19 -12.35
N MET A 148 9.78 3.19 -11.09
CA MET A 148 9.08 3.94 -10.03
C MET A 148 9.17 5.43 -10.31
N ILE A 149 10.34 5.90 -10.74
CA ILE A 149 10.53 7.30 -11.09
C ILE A 149 9.58 7.70 -12.24
N GLU A 150 9.51 6.86 -13.28
CA GLU A 150 8.62 7.15 -14.38
C GLU A 150 7.14 7.19 -13.95
N GLU A 151 6.74 6.26 -13.11
CA GLU A 151 5.38 6.22 -12.58
C GLU A 151 5.06 7.49 -11.77
N MET A 152 5.99 7.89 -10.92
CA MET A 152 5.76 9.06 -10.10
C MET A 152 5.63 10.33 -10.96
N TYR A 153 6.44 10.40 -11.99
CA TYR A 153 6.40 11.52 -12.94
C TYR A 153 5.03 11.62 -13.59
N GLN A 154 4.51 10.47 -14.04
CA GLN A 154 3.22 10.42 -14.69
C GLN A 154 2.08 10.71 -13.78
N LEU A 155 2.10 10.12 -12.58
CA LEU A 155 1.01 10.29 -11.61
C LEU A 155 0.94 11.70 -11.10
N TYR A 156 2.09 12.25 -10.70
CA TYR A 156 2.08 13.52 -9.95
C TYR A 156 2.45 14.70 -10.81
N GLY A 157 2.70 14.47 -12.11
CA GLY A 157 2.74 15.55 -13.09
C GLY A 157 4.03 16.33 -13.18
N GLY A 158 5.13 15.77 -12.68
CA GLY A 158 6.40 16.43 -12.79
C GLY A 158 7.57 15.54 -12.39
N PRO A 159 8.79 16.02 -12.71
CA PRO A 159 10.02 15.30 -12.41
C PRO A 159 10.25 15.16 -10.91
N VAL A 160 11.03 14.13 -10.55
CA VAL A 160 11.21 13.71 -9.18
C VAL A 160 12.51 14.23 -8.57
N VAL A 161 12.47 14.42 -7.26
CA VAL A 161 13.65 14.77 -6.48
C VAL A 161 14.12 13.47 -5.80
N LEU A 162 15.36 13.07 -6.07
CA LEU A 162 16.00 11.96 -5.40
C LEU A 162 16.71 12.43 -4.18
N VAL A 163 16.50 11.78 -3.05
CA VAL A 163 17.12 12.16 -1.79
C VAL A 163 17.80 10.93 -1.28
N ALA A 164 19.13 10.95 -1.20
CA ALA A 164 19.93 9.75 -0.88
C ALA A 164 20.84 10.03 0.30
N HIS A 165 21.03 9.03 1.13
CA HIS A 165 21.86 9.10 2.30
C HIS A 165 23.00 8.10 2.19
N SER A 166 24.19 8.57 2.55
CA SER A 166 25.37 7.74 2.67
C SER A 166 25.62 6.92 1.41
N MET A 167 25.79 5.60 1.52
CA MET A 167 26.03 4.75 0.33
C MET A 167 24.91 4.84 -0.74
N GLY A 168 23.71 5.22 -0.32
CA GLY A 168 22.63 5.42 -1.27
C GLY A 168 22.99 6.44 -2.32
N ASN A 169 23.89 7.34 -2.01
CA ASN A 169 24.36 8.31 -3.00
C ASN A 169 25.16 7.72 -4.12
N MET A 170 25.96 6.71 -3.77
CA MET A 170 26.76 6.00 -4.74
CA MET A 170 26.76 5.99 -4.74
C MET A 170 25.88 5.09 -5.61
N TYR A 171 24.89 4.45 -5.01
CA TYR A 171 23.86 3.73 -5.74
C TYR A 171 23.15 4.66 -6.74
N THR A 172 22.75 5.83 -6.28
CA THR A 172 22.04 6.80 -7.12
C THR A 172 22.93 7.32 -8.24
N LEU A 173 24.19 7.63 -7.94
CA LEU A 173 25.14 8.06 -8.97
C LEU A 173 25.34 6.97 -10.06
N TYR A 174 25.51 5.72 -9.63
CA TYR A 174 25.61 4.61 -10.53
C TYR A 174 24.41 4.59 -11.47
N PHE A 175 23.24 4.68 -10.88
CA PHE A 175 21.98 4.70 -11.65
C PHE A 175 21.97 5.83 -12.68
N LEU A 176 22.24 7.03 -12.22
CA LEU A 176 22.18 8.23 -13.09
C LEU A 176 23.22 8.22 -14.18
N GLN A 177 24.42 7.75 -13.88
CA GLN A 177 25.49 7.64 -14.90
C GLN A 177 25.08 6.75 -16.05
N ARG A 178 24.20 5.78 -15.78
CA ARG A 178 23.74 4.87 -16.80
C ARG A 178 22.43 5.21 -17.50
N GLN A 179 21.84 6.34 -17.19
CA GLN A 179 20.65 6.81 -17.89
C GLN A 179 21.07 7.87 -18.89
N PRO A 180 20.47 7.88 -20.06
CA PRO A 180 20.68 8.93 -21.04
C PRO A 180 20.35 10.32 -20.46
N GLN A 181 21.07 11.32 -20.93
CA GLN A 181 20.86 12.68 -20.50
C GLN A 181 19.42 13.13 -20.73
N ALA A 182 18.83 12.77 -21.87
CA ALA A 182 17.45 13.16 -22.15
C ALA A 182 16.46 12.60 -21.13
N TRP A 183 16.73 11.38 -20.66
CA TRP A 183 15.88 10.74 -19.67
C TRP A 183 15.96 11.53 -18.38
N LYS A 184 17.18 11.86 -17.95
CA LYS A 184 17.37 12.58 -16.70
C LYS A 184 16.75 13.97 -16.75
N ASP A 185 16.88 14.64 -17.90
CA ASP A 185 16.31 15.98 -18.07
C ASP A 185 14.80 15.97 -17.95
N LYS A 186 14.17 14.90 -18.42
CA LYS A 186 12.73 14.77 -18.31
C LYS A 186 12.26 14.39 -16.92
N TYR A 187 12.90 13.37 -16.34
CA TYR A 187 12.36 12.69 -15.15
C TYR A 187 12.94 13.08 -13.81
N ILE A 188 14.11 13.72 -13.79
CA ILE A 188 14.76 14.10 -12.54
C ILE A 188 14.79 15.59 -12.39
N ARG A 189 14.20 16.09 -11.30
CA ARG A 189 14.21 17.51 -10.99
C ARG A 189 15.53 17.88 -10.32
N ALA A 190 15.91 17.12 -9.31
CA ALA A 190 17.14 17.32 -8.60
C ALA A 190 17.52 16.06 -7.85
N PHE A 191 18.79 16.02 -7.43
CA PHE A 191 19.38 14.98 -6.61
C PHE A 191 19.93 15.67 -5.36
N VAL A 192 19.32 15.42 -4.20
CA VAL A 192 19.78 15.90 -2.91
C VAL A 192 20.60 14.78 -2.29
N SER A 193 21.88 15.05 -2.12
CA SER A 193 22.89 14.07 -1.73
C SER A 193 23.31 14.33 -0.30
N LEU A 194 22.98 13.46 0.63
CA LEU A 194 23.20 13.67 2.06
C LEU A 194 24.30 12.72 2.60
N GLY A 195 25.45 13.28 2.96
CA GLY A 195 26.53 12.47 3.52
C GLY A 195 27.12 11.47 2.53
N ALA A 196 27.32 11.85 1.28
CA ALA A 196 27.85 10.94 0.27
C ALA A 196 29.34 10.62 0.42
N PRO A 197 29.70 9.34 0.50
CA PRO A 197 31.05 8.83 0.52
C PRO A 197 31.52 8.57 -0.90
N TRP A 198 31.62 9.62 -1.67
CA TRP A 198 31.94 9.51 -3.07
C TRP A 198 33.21 8.73 -3.42
N GLY A 199 34.26 8.90 -2.62
CA GLY A 199 35.49 8.12 -2.86
C GLY A 199 35.79 7.01 -1.86
N GLY A 200 34.77 6.49 -1.20
CA GLY A 200 34.90 5.54 -0.13
C GLY A 200 35.02 6.17 1.24
N VAL A 201 35.01 5.34 2.29
CA VAL A 201 35.23 5.81 3.66
C VAL A 201 36.38 5.01 4.32
N ALA A 202 37.25 5.68 5.06
CA ALA A 202 38.45 5.06 5.54
C ALA A 202 38.14 3.94 6.54
N LYS A 203 37.05 4.06 7.30
CA LYS A 203 36.72 3.08 8.30
C LYS A 203 36.47 1.67 7.81
N THR A 204 36.19 1.51 6.51
CA THR A 204 36.07 0.20 5.88
C THR A 204 37.31 -0.67 6.09
N LEU A 205 38.50 -0.08 6.11
CA LEU A 205 39.73 -0.87 6.37
C LEU A 205 39.70 -1.54 7.72
N ARG A 206 39.27 -0.81 8.76
CA ARG A 206 39.22 -1.36 10.09
C ARG A 206 38.16 -2.46 10.19
N VAL A 207 37.00 -2.19 9.60
CA VAL A 207 35.90 -3.12 9.58
C VAL A 207 36.36 -4.47 9.03
N LEU A 208 37.00 -4.45 7.85
CA LEU A 208 37.44 -5.66 7.20
C LEU A 208 38.56 -6.36 7.94
N ALA A 209 39.50 -5.59 8.46
CA ALA A 209 40.66 -6.19 9.15
C ALA A 209 40.25 -6.85 10.46
N SER A 210 39.64 -6.06 11.32
CA SER A 210 39.47 -6.44 12.73
C SER A 210 38.05 -6.37 13.28
N GLY A 211 37.08 -6.00 12.43
CA GLY A 211 35.67 -5.89 12.82
C GLY A 211 35.34 -4.58 13.45
N ASP A 212 34.07 -4.20 13.42
CA ASP A 212 33.57 -3.01 14.11
C ASP A 212 32.27 -3.40 14.81
N ASN A 213 32.32 -3.48 16.14
CA ASN A 213 31.11 -3.67 16.94
C ASN A 213 30.52 -2.39 17.46
N ASN A 214 30.99 -1.26 16.95
CA ASN A 214 30.33 0.04 17.13
C ASN A 214 30.12 0.41 18.57
N ARG A 215 30.92 -0.11 19.48
CA ARG A 215 30.85 0.19 20.90
C ARG A 215 29.69 -0.55 21.62
N ILE A 216 29.18 -1.56 20.96
CA ILE A 216 28.20 -2.46 21.51
C ILE A 216 28.98 -3.70 21.99
N PRO A 217 29.46 -3.66 23.24
CA PRO A 217 30.42 -4.62 23.76
C PRO A 217 29.90 -6.06 23.88
N VAL A 218 28.59 -6.23 23.92
CA VAL A 218 27.97 -7.53 23.94
C VAL A 218 28.14 -8.25 22.57
N ILE A 219 28.53 -7.53 21.53
CA ILE A 219 28.92 -8.17 20.27
C ILE A 219 30.40 -8.14 20.09
N GLY A 220 31.08 -9.28 20.06
CA GLY A 220 32.54 -9.33 19.80
C GLY A 220 32.90 -8.77 18.43
N PRO A 221 33.97 -7.98 18.33
CA PRO A 221 34.26 -7.41 17.00
C PRO A 221 34.68 -8.53 16.00
N LEU A 222 35.36 -9.58 16.48
CA LEU A 222 35.80 -10.65 15.58
C LEU A 222 34.63 -11.52 15.11
N LYS A 223 33.56 -11.54 15.88
CA LYS A 223 32.33 -12.28 15.49
C LYS A 223 31.59 -11.53 14.41
N ILE A 224 31.33 -10.25 14.63
CA ILE A 224 30.62 -9.44 13.63
C ILE A 224 31.44 -9.20 12.36
N ARG A 225 32.75 -9.28 12.45
CA ARG A 225 33.66 -9.17 11.29
C ARG A 225 33.30 -10.15 10.21
N GLU A 226 32.83 -11.34 10.62
CA GLU A 226 32.38 -12.36 9.65
C GLU A 226 31.32 -11.84 8.72
N GLN A 227 30.32 -11.19 9.27
CA GLN A 227 29.24 -10.62 8.46
C GLN A 227 29.75 -9.43 7.63
N GLN A 228 30.54 -8.56 8.26
CA GLN A 228 30.96 -7.35 7.61
C GLN A 228 31.84 -7.61 6.41
N ARG A 229 32.71 -8.62 6.50
CA ARG A 229 33.52 -9.04 5.37
C ARG A 229 32.71 -9.64 4.26
N SER A 230 31.64 -10.38 4.61
CA SER A 230 30.83 -11.05 3.64
C SER A 230 30.02 -10.16 2.75
N ALA A 231 29.78 -8.93 3.24
CA ALA A 231 29.01 -7.93 2.49
C ALA A 231 29.90 -7.27 1.45
N VAL A 232 29.61 -7.49 0.19
CA VAL A 232 30.36 -6.88 -0.93
C VAL A 232 30.44 -5.40 -0.82
N SER A 233 29.37 -4.79 -0.36
CA SER A 233 29.29 -3.30 -0.20
C SER A 233 30.38 -2.78 0.69
N THR A 234 30.86 -3.54 1.64
CA THR A 234 32.01 -3.09 2.50
C THR A 234 33.27 -2.87 1.69
N SER A 235 33.67 -3.86 0.88
CA SER A 235 34.86 -3.75 0.02
C SER A 235 34.66 -2.73 -1.08
N TRP A 236 33.43 -2.57 -1.56
CA TRP A 236 33.11 -1.51 -2.54
C TRP A 236 33.38 -0.13 -2.04
N LEU A 237 33.26 0.08 -0.76
CA LEU A 237 33.44 1.42 -0.13
C LEU A 237 34.85 1.65 0.41
N LEU A 238 35.83 0.79 0.12
CA LEU A 238 37.23 1.11 0.37
C LEU A 238 37.60 2.39 -0.38
N PRO A 239 38.51 3.18 0.20
CA PRO A 239 38.96 4.42 -0.45
C PRO A 239 39.41 4.25 -1.89
N TYR A 240 39.02 5.22 -2.70
CA TYR A 240 39.33 5.30 -4.13
C TYR A 240 40.40 6.34 -4.43
N ASN A 241 41.18 6.11 -5.48
CA ASN A 241 42.27 7.02 -5.83
C ASN A 241 41.85 8.34 -6.45
N TYR A 242 40.60 8.53 -6.74
CA TYR A 242 40.17 9.84 -7.22
C TYR A 242 39.89 10.82 -6.09
N THR A 243 39.86 10.33 -4.87
CA THR A 243 39.64 11.12 -3.67
C THR A 243 40.85 11.14 -2.79
N TRP A 244 41.54 10.03 -2.73
CA TRP A 244 42.69 9.91 -1.89
C TRP A 244 43.97 9.69 -2.71
N SER A 245 45.04 10.23 -2.16
CA SER A 245 46.34 10.01 -2.68
C SER A 245 46.68 8.52 -2.67
N PRO A 246 47.24 8.00 -3.76
CA PRO A 246 47.66 6.61 -3.78
C PRO A 246 48.74 6.26 -2.75
N GLU A 247 49.43 7.27 -2.20
CA GLU A 247 50.45 7.05 -1.21
C GLU A 247 49.96 7.23 0.25
N LYS A 248 48.69 7.59 0.47
CA LYS A 248 48.19 7.68 1.82
C LYS A 248 48.13 6.29 2.49
N VAL A 249 48.71 6.16 3.68
CA VAL A 249 48.58 4.94 4.45
C VAL A 249 47.29 4.93 5.25
N PHE A 250 46.45 3.97 5.00
CA PHE A 250 45.18 3.79 5.77
C PHE A 250 45.36 2.85 6.94
N VAL A 251 46.25 1.88 6.80
CA VAL A 251 46.52 0.89 7.80
C VAL A 251 48.02 0.72 7.97
N GLN A 252 48.49 0.94 9.20
CA GLN A 252 49.88 0.73 9.55
C GLN A 252 49.99 -0.35 10.60
N THR A 253 50.95 -1.26 10.42
CA THR A 253 51.26 -2.28 11.39
C THR A 253 52.76 -2.25 11.63
N PRO A 254 53.27 -3.05 12.57
CA PRO A 254 54.73 -3.03 12.80
C PRO A 254 55.58 -3.46 11.60
N THR A 255 55.02 -4.23 10.68
CA THR A 255 55.79 -4.76 9.55
C THR A 255 55.32 -4.39 8.17
N ILE A 256 54.20 -3.71 8.05
CA ILE A 256 53.68 -3.38 6.72
C ILE A 256 52.66 -2.25 6.79
N ASN A 257 52.66 -1.43 5.75
CA ASN A 257 51.67 -0.39 5.50
C ASN A 257 50.76 -0.86 4.43
N TYR A 258 49.54 -0.36 4.44
CA TYR A 258 48.63 -0.52 3.35
C TYR A 258 48.04 0.82 2.92
N THR A 259 48.28 1.13 1.64
CA THR A 259 47.64 2.21 0.90
C THR A 259 46.53 1.69 0.01
N LEU A 260 45.85 2.54 -0.73
CA LEU A 260 44.78 2.04 -1.64
C LEU A 260 45.35 1.28 -2.86
N ARG A 261 46.67 1.32 -3.06
CA ARG A 261 47.30 0.50 -4.06
C ARG A 261 47.67 -0.89 -3.52
N ASP A 262 47.34 -1.17 -2.28
CA ASP A 262 47.80 -2.36 -1.59
C ASP A 262 46.70 -3.27 -1.13
N TYR A 263 45.52 -3.18 -1.74
CA TYR A 263 44.39 -3.96 -1.27
C TYR A 263 44.60 -5.48 -1.46
N ARG A 264 45.27 -5.90 -2.53
CA ARG A 264 45.51 -7.31 -2.70
C ARG A 264 46.32 -7.91 -1.55
N LYS A 265 47.39 -7.25 -1.16
CA LYS A 265 48.23 -7.66 0.00
C LYS A 265 47.42 -7.64 1.28
N PHE A 266 46.65 -6.56 1.46
CA PHE A 266 45.80 -6.39 2.65
C PHE A 266 44.86 -7.59 2.82
N PHE A 267 44.17 -7.96 1.74
CA PHE A 267 43.23 -9.06 1.81
C PHE A 267 43.92 -10.40 2.04
N GLN A 268 45.09 -10.59 1.44
CA GLN A 268 45.89 -11.79 1.75
C GLN A 268 46.25 -11.82 3.23
N ASP A 269 46.72 -10.70 3.74
CA ASP A 269 47.27 -10.65 5.07
C ASP A 269 46.23 -10.73 6.20
N ILE A 270 45.00 -10.33 5.93
CA ILE A 270 43.94 -10.49 6.88
C ILE A 270 43.24 -11.86 6.80
N GLY A 271 43.62 -12.64 5.78
CA GLY A 271 43.06 -13.97 5.59
C GLY A 271 41.69 -13.93 4.95
N PHE A 272 41.46 -12.99 4.05
CA PHE A 272 40.15 -12.85 3.42
C PHE A 272 40.32 -12.54 1.93
N GLU A 273 40.82 -13.52 1.17
CA GLU A 273 41.16 -13.29 -0.22
C GLU A 273 39.96 -12.94 -1.11
N ASP A 274 38.79 -13.41 -0.74
CA ASP A 274 37.56 -13.07 -1.44
C ASP A 274 37.30 -11.59 -1.49
N GLY A 275 37.71 -10.87 -0.47
CA GLY A 275 37.53 -9.42 -0.43
C GLY A 275 38.20 -8.70 -1.59
N TRP A 276 39.36 -9.23 -1.98
CA TRP A 276 40.11 -8.68 -3.15
C TRP A 276 39.31 -8.90 -4.42
N LEU A 277 38.75 -10.08 -4.55
CA LEU A 277 37.91 -10.39 -5.69
C LEU A 277 36.67 -9.46 -5.71
N MET A 278 36.06 -9.24 -4.55
CA MET A 278 34.93 -8.31 -4.46
C MET A 278 35.31 -6.87 -4.84
N ARG A 279 36.49 -6.43 -4.41
CA ARG A 279 36.98 -5.13 -4.78
C ARG A 279 37.18 -5.01 -6.28
N GLN A 280 37.81 -6.03 -6.88
CA GLN A 280 37.96 -6.04 -8.34
C GLN A 280 36.63 -6.01 -9.04
N ASP A 281 35.63 -6.74 -8.52
CA ASP A 281 34.30 -6.78 -9.14
C ASP A 281 33.62 -5.42 -9.13
N THR A 282 33.91 -4.59 -8.12
CA THR A 282 33.08 -3.41 -7.83
C THR A 282 33.77 -2.06 -8.04
N GLU A 283 35.10 -2.03 -8.03
CA GLU A 283 35.85 -0.74 -7.98
C GLU A 283 35.64 0.13 -9.19
N GLY A 284 35.27 -0.46 -10.33
CA GLY A 284 35.05 0.32 -11.54
C GLY A 284 33.61 0.67 -11.84
N LEU A 285 32.67 0.31 -10.96
CA LEU A 285 31.24 0.47 -11.28
C LEU A 285 30.81 1.90 -11.45
N VAL A 286 31.24 2.75 -10.54
CA VAL A 286 30.91 4.20 -10.68
C VAL A 286 32.07 4.92 -11.31
N GLU A 287 31.92 5.53 -12.48
CA GLU A 287 33.01 6.29 -13.09
C GLU A 287 33.31 7.52 -12.24
N ALA A 288 34.55 7.60 -11.77
CA ALA A 288 35.02 8.55 -10.78
C ALA A 288 34.63 10.02 -11.07
N THR A 289 34.79 10.40 -12.35
CA THR A 289 34.71 11.74 -12.80
C THR A 289 33.49 12.16 -13.58
N MET A 290 32.66 11.21 -14.04
CA MET A 290 31.38 11.53 -14.66
C MET A 290 30.40 12.10 -13.63
N PRO A 291 29.89 13.33 -13.85
CA PRO A 291 28.91 13.94 -12.97
C PRO A 291 27.55 13.29 -13.20
N PRO A 292 26.58 13.50 -12.27
CA PRO A 292 25.30 12.83 -12.46
C PRO A 292 24.47 13.41 -13.61
N GLY A 293 24.75 14.67 -14.00
CA GLY A 293 24.07 15.30 -15.10
C GLY A 293 22.66 15.75 -14.78
N VAL A 294 22.44 16.06 -13.52
CA VAL A 294 21.19 16.60 -12.98
C VAL A 294 21.56 17.66 -11.93
N GLN A 295 20.60 18.51 -11.59
CA GLN A 295 20.82 19.49 -10.55
C GLN A 295 21.14 18.75 -9.26
N LEU A 296 22.24 19.12 -8.64
CA LEU A 296 22.78 18.37 -7.51
C LEU A 296 22.99 19.27 -6.32
N HIS A 297 22.49 18.85 -5.16
CA HIS A 297 22.68 19.55 -3.89
C HIS A 297 23.50 18.62 -3.03
N CYS A 298 24.76 18.97 -2.80
CA CYS A 298 25.66 18.10 -2.04
CA CYS A 298 25.69 18.10 -2.06
C CYS A 298 25.82 18.61 -0.63
N LEU A 299 25.20 17.89 0.28
CA LEU A 299 25.19 18.24 1.65
C LEU A 299 26.15 17.34 2.43
N TYR A 300 27.11 17.94 3.13
CA TYR A 300 28.15 17.17 3.81
C TYR A 300 28.38 17.74 5.18
N GLY A 301 28.49 16.83 6.14
CA GLY A 301 28.80 17.20 7.51
C GLY A 301 30.28 17.45 7.73
N THR A 302 30.58 18.42 8.61
CA THR A 302 31.94 18.67 9.04
C THR A 302 31.97 18.80 10.55
N GLY A 303 33.16 18.82 11.12
CA GLY A 303 33.34 19.10 12.55
C GLY A 303 33.06 17.92 13.45
N VAL A 304 32.97 16.72 12.87
CA VAL A 304 32.83 15.50 13.63
C VAL A 304 34.10 14.67 13.37
N PRO A 305 34.82 14.29 14.43
CA PRO A 305 35.99 13.40 14.22
C PRO A 305 35.62 12.16 13.42
N THR A 306 36.32 11.93 12.34
CA THR A 306 35.98 10.87 11.37
C THR A 306 37.18 9.97 11.13
N PRO A 307 37.03 8.67 11.36
CA PRO A 307 38.22 7.79 11.28
C PRO A 307 38.83 7.89 9.88
N ASP A 308 40.15 8.06 9.88
CA ASP A 308 40.93 8.33 8.68
C ASP A 308 41.98 7.24 8.42
N SER A 309 42.55 6.67 9.48
CA SER A 309 43.64 5.72 9.40
C SER A 309 43.76 4.95 10.71
N PHE A 310 44.41 3.79 10.67
CA PHE A 310 44.46 2.85 11.77
C PHE A 310 45.83 2.29 12.00
N TYR A 311 46.29 2.27 13.25
CA TYR A 311 47.56 1.72 13.64
C TYR A 311 47.33 0.46 14.47
N TYR A 312 47.83 -0.67 13.99
CA TYR A 312 47.67 -1.96 14.62
C TYR A 312 48.98 -2.40 15.23
N GLU A 313 48.95 -2.64 16.53
CA GLU A 313 50.08 -3.27 17.24
C GLU A 313 50.10 -4.75 16.90
N SER A 314 48.93 -5.33 16.73
CA SER A 314 48.73 -6.73 16.50
C SER A 314 47.64 -6.90 15.43
N PHE A 315 48.03 -7.44 14.30
CA PHE A 315 47.20 -7.44 13.10
C PHE A 315 46.95 -8.86 12.64
N PRO A 316 45.71 -9.26 12.29
CA PRO A 316 44.52 -8.38 12.20
C PRO A 316 43.52 -8.55 13.32
N ASP A 317 43.82 -9.31 14.35
CA ASP A 317 42.75 -9.74 15.30
C ASP A 317 42.69 -8.95 16.61
N ARG A 318 43.30 -7.76 16.64
CA ARG A 318 43.14 -6.83 17.76
C ARG A 318 42.67 -5.49 17.23
N ASP A 319 41.90 -4.76 18.02
CA ASP A 319 41.43 -3.42 17.63
C ASP A 319 42.61 -2.47 17.47
N PRO A 320 42.56 -1.61 16.44
CA PRO A 320 43.65 -0.66 16.27
C PRO A 320 43.44 0.64 17.03
N LYS A 321 44.50 1.42 17.09
CA LYS A 321 44.41 2.83 17.44
C LYS A 321 43.93 3.60 16.23
N ILE A 322 43.11 4.61 16.43
CA ILE A 322 42.47 5.33 15.35
C ILE A 322 42.93 6.75 15.23
N CYS A 323 43.26 7.15 14.02
CA CYS A 323 43.48 8.56 13.72
C CYS A 323 42.31 9.15 12.99
N PHE A 324 41.95 10.36 13.42
CA PHE A 324 40.73 11.00 12.97
C PHE A 324 41.04 12.22 12.08
N GLY A 325 40.20 12.39 11.06
CA GLY A 325 40.19 13.61 10.26
C GLY A 325 38.83 14.26 10.34
N ASP A 326 38.57 15.19 9.44
CA ASP A 326 37.31 15.92 9.42
C ASP A 326 36.28 15.15 8.58
N GLY A 327 35.02 15.48 8.79
CA GLY A 327 33.90 14.78 8.15
C GLY A 327 32.68 14.77 9.08
N ASP A 328 31.81 13.78 8.89
CA ASP A 328 30.59 13.67 9.64
C ASP A 328 30.56 12.49 10.60
N GLY A 329 31.73 11.94 10.92
CA GLY A 329 31.82 10.79 11.84
C GLY A 329 32.03 9.48 11.13
N THR A 330 31.58 9.41 9.88
CA THR A 330 31.67 8.22 9.04
C THR A 330 32.29 8.56 7.70
N VAL A 331 31.71 9.53 7.02
CA VAL A 331 32.19 9.97 5.71
C VAL A 331 33.25 11.06 5.81
N ASN A 332 34.43 10.76 5.27
CA ASN A 332 35.56 11.67 5.38
C ASN A 332 35.26 12.89 4.52
N LEU A 333 35.68 14.05 4.99
CA LEU A 333 35.43 15.31 4.27
C LEU A 333 35.91 15.26 2.81
N LYS A 334 37.06 14.63 2.57
CA LYS A 334 37.61 14.54 1.23
C LYS A 334 36.69 13.85 0.24
N SER A 335 36.07 12.81 0.79
CA SER A 335 35.21 11.92 0.05
C SER A 335 34.00 12.71 -0.36
N ALA A 336 33.34 13.26 0.64
CA ALA A 336 32.20 14.17 0.43
C ALA A 336 32.50 15.26 -0.63
N LEU A 337 33.72 15.77 -0.70
CA LEU A 337 34.01 16.91 -1.57
C LEU A 337 34.26 16.58 -3.04
N GLN A 338 34.21 15.30 -3.43
CA GLN A 338 34.35 14.94 -4.85
C GLN A 338 33.35 15.71 -5.70
N CYS A 339 32.27 16.07 -5.05
CA CYS A 339 31.21 16.88 -5.55
C CYS A 339 31.57 18.20 -6.24
N GLN A 340 32.62 18.85 -5.75
CA GLN A 340 33.10 20.11 -6.24
C GLN A 340 33.68 20.01 -7.64
N ALA A 341 34.32 18.87 -7.93
CA ALA A 341 34.87 18.58 -9.25
C ALA A 341 33.80 18.58 -10.33
N TRP A 342 32.60 18.15 -9.97
CA TRP A 342 31.51 18.08 -10.93
C TRP A 342 30.98 19.42 -11.40
N GLN A 343 31.17 20.49 -10.62
CA GLN A 343 30.73 21.82 -11.00
C GLN A 343 31.12 22.22 -12.44
N SER A 344 32.35 21.92 -12.83
CA SER A 344 32.81 22.32 -14.15
C SER A 344 32.50 21.27 -15.25
N ARG A 345 32.02 20.10 -14.84
CA ARG A 345 31.82 18.99 -15.77
C ARG A 345 30.37 18.74 -16.16
N GLN A 346 29.42 19.47 -15.58
CA GLN A 346 28.05 19.42 -16.09
C GLN A 346 27.50 20.83 -16.20
N GLU A 347 26.50 21.02 -17.03
CA GLU A 347 25.75 22.28 -17.15
C GLU A 347 24.79 22.49 -16.02
N HIS A 348 24.11 21.43 -15.59
CA HIS A 348 23.22 21.56 -14.43
C HIS A 348 23.97 22.04 -13.22
N GLN A 349 23.33 22.85 -12.39
CA GLN A 349 23.97 23.37 -11.20
C GLN A 349 24.40 22.29 -10.22
N VAL A 350 25.53 22.52 -9.57
CA VAL A 350 26.00 21.75 -8.44
C VAL A 350 26.13 22.71 -7.26
N LEU A 351 25.30 22.53 -6.22
CA LEU A 351 25.34 23.40 -5.06
C LEU A 351 25.95 22.62 -3.93
N LEU A 352 26.97 23.18 -3.31
CA LEU A 352 27.59 22.58 -2.13
C LEU A 352 27.04 23.21 -0.89
N GLN A 353 26.67 22.40 0.08
CA GLN A 353 26.22 22.90 1.36
C GLN A 353 26.90 22.19 2.52
N GLU A 354 27.80 22.90 3.20
CA GLU A 354 28.37 22.42 4.44
C GLU A 354 27.36 22.43 5.58
N LEU A 355 27.39 21.37 6.38
CA LEU A 355 26.56 21.20 7.59
C LEU A 355 27.47 21.03 8.79
N PRO A 356 27.95 22.16 9.34
CA PRO A 356 28.94 22.06 10.43
C PRO A 356 28.31 21.47 11.66
N GLY A 357 28.95 20.45 12.22
CA GLY A 357 28.48 19.80 13.43
C GLY A 357 27.40 18.79 13.21
N SER A 358 27.14 18.44 11.95
CA SER A 358 26.07 17.47 11.64
C SER A 358 26.64 16.08 11.49
N GLU A 359 26.31 15.19 12.41
CA GLU A 359 26.76 13.81 12.35
C GLU A 359 26.00 13.01 11.28
N HIS A 360 26.66 12.00 10.75
CA HIS A 360 26.22 11.23 9.61
C HIS A 360 24.77 10.79 9.62
N ILE A 361 24.35 10.18 10.71
CA ILE A 361 22.93 9.75 10.82
C ILE A 361 22.00 10.85 11.30
N GLU A 362 22.45 11.63 12.26
CA GLU A 362 21.63 12.72 12.79
C GLU A 362 21.24 13.73 11.72
N MET A 363 22.00 13.83 10.64
CA MET A 363 21.69 14.82 9.62
C MET A 363 20.30 14.59 9.00
N LEU A 364 19.82 13.34 9.02
CA LEU A 364 18.49 13.01 8.51
C LEU A 364 17.32 13.49 9.32
N ALA A 365 17.55 13.83 10.59
CA ALA A 365 16.50 14.31 11.50
C ALA A 365 16.78 15.75 11.93
N ASN A 366 17.76 16.38 11.31
CA ASN A 366 18.24 17.68 11.73
C ASN A 366 17.45 18.79 11.05
N ALA A 367 17.00 19.78 11.84
CA ALA A 367 16.12 20.85 11.37
C ALA A 367 16.72 21.64 10.22
N THR A 368 18.03 21.84 10.23
CA THR A 368 18.72 22.57 9.17
C THR A 368 18.70 21.79 7.86
N THR A 369 18.92 20.48 7.94
CA THR A 369 18.84 19.63 6.77
C THR A 369 17.44 19.69 6.18
N LEU A 370 16.45 19.59 7.06
CA LEU A 370 15.05 19.55 6.61
C LEU A 370 14.63 20.90 6.03
N ALA A 371 15.10 21.99 6.60
CA ALA A 371 14.83 23.32 6.06
C ALA A 371 15.43 23.46 4.64
N TYR A 372 16.63 22.89 4.43
CA TYR A 372 17.23 22.94 3.11
C TYR A 372 16.38 22.13 2.09
N LEU A 373 15.99 20.94 2.49
CA LEU A 373 15.13 20.11 1.65
C LEU A 373 13.80 20.79 1.33
N LYS A 374 13.21 21.43 2.32
CA LYS A 374 11.97 22.16 2.12
C LYS A 374 12.10 23.24 1.03
N ARG A 375 13.20 23.96 1.03
CA ARG A 375 13.50 24.96 0.06
C ARG A 375 13.63 24.36 -1.36
N VAL A 376 14.30 23.20 -1.45
CA VAL A 376 14.43 22.50 -2.73
C VAL A 376 13.06 22.08 -3.27
N LEU A 377 12.20 21.57 -2.39
CA LEU A 377 10.91 21.02 -2.80
C LEU A 377 9.81 22.03 -3.01
N LEU A 378 9.69 22.98 -2.11
CA LEU A 378 8.58 23.92 -2.06
C LEU A 378 8.94 25.30 -2.62
N GLY A 379 10.21 25.58 -2.83
CA GLY A 379 10.61 26.70 -3.65
C GLY A 379 10.84 27.94 -2.80
N PRO A 380 11.04 29.09 -3.47
CA PRO A 380 11.23 30.39 -2.86
C PRO A 380 10.00 30.91 -2.13
N ARG B 4 0.36 -2.84 20.48
CA ARG B 4 1.72 -3.10 21.03
C ARG B 4 2.15 -1.81 21.73
N HIS B 5 2.18 -0.73 20.96
CA HIS B 5 1.98 0.55 21.64
C HIS B 5 0.60 1.19 21.27
N PRO B 6 -0.19 1.62 22.26
CA PRO B 6 -1.56 1.93 21.94
C PRO B 6 -1.71 3.27 21.22
N PRO B 7 -2.76 3.41 20.41
CA PRO B 7 -3.00 4.71 19.77
C PRO B 7 -3.34 5.79 20.80
N VAL B 8 -2.95 7.03 20.47
CA VAL B 8 -3.06 8.12 21.38
C VAL B 8 -3.80 9.28 20.76
N VAL B 9 -4.77 9.80 21.50
CA VAL B 9 -5.49 11.03 21.12
C VAL B 9 -5.16 12.13 22.13
N LEU B 10 -4.71 13.26 21.63
CA LEU B 10 -4.40 14.44 22.40
C LEU B 10 -5.53 15.44 22.39
N VAL B 11 -5.97 15.88 23.56
CA VAL B 11 -7.04 16.87 23.75
C VAL B 11 -6.50 18.10 24.44
N PRO B 12 -6.52 19.24 23.74
CA PRO B 12 -5.86 20.45 24.25
C PRO B 12 -6.76 21.21 25.22
N GLY B 13 -6.19 22.21 25.87
CA GLY B 13 -6.94 23.09 26.73
C GLY B 13 -7.42 24.36 26.07
N ASP B 14 -7.88 25.30 26.89
CA ASP B 14 -8.33 26.60 26.40
C ASP B 14 -7.15 27.31 25.72
N LEU B 15 -7.38 27.94 24.57
CA LEU B 15 -6.32 28.57 23.80
C LEU B 15 -5.34 27.58 23.17
N GLY B 16 -5.66 26.29 23.25
CA GLY B 16 -4.69 25.23 23.07
C GLY B 16 -4.59 24.61 21.69
N ASN B 17 -5.29 25.18 20.73
CA ASN B 17 -5.10 24.84 19.35
C ASN B 17 -5.39 26.02 18.45
N GLN B 18 -4.81 25.95 17.26
CA GLN B 18 -4.99 26.98 16.27
C GLN B 18 -6.46 27.15 15.94
N LEU B 19 -6.81 28.39 15.55
CA LEU B 19 -8.11 28.71 14.99
C LEU B 19 -7.88 29.54 13.73
N GLU B 20 -8.74 29.31 12.72
CA GLU B 20 -8.65 30.04 11.48
C GLU B 20 -9.95 30.80 11.23
N ALA B 21 -9.84 31.92 10.54
CA ALA B 21 -11.02 32.71 10.21
C ALA B 21 -11.03 33.06 8.72
N LYS B 22 -12.23 33.24 8.20
CA LYS B 22 -12.43 33.85 6.89
C LYS B 22 -13.46 34.97 7.04
N LEU B 23 -13.25 36.06 6.32
CA LEU B 23 -14.03 37.27 6.51
C LEU B 23 -14.76 37.69 5.23
N ASP B 24 -16.00 38.17 5.44
CA ASP B 24 -16.74 38.97 4.45
C ASP B 24 -17.68 39.91 5.24
N LYS B 25 -17.08 40.88 5.92
CA LYS B 25 -17.77 41.66 6.94
C LYS B 25 -18.44 42.88 6.31
N PRO B 26 -19.64 43.25 6.78
CA PRO B 26 -20.28 44.49 6.31
C PRO B 26 -19.54 45.73 6.81
N THR B 27 -19.04 45.70 8.04
CA THR B 27 -18.36 46.87 8.65
C THR B 27 -17.16 46.41 9.49
N VAL B 28 -16.22 47.34 9.68
CA VAL B 28 -15.05 47.11 10.50
C VAL B 28 -14.88 48.22 11.52
N VAL B 29 -14.13 47.92 12.58
CA VAL B 29 -13.93 48.92 13.66
C VAL B 29 -12.84 49.95 13.37
N HIS B 30 -11.91 49.63 12.46
CA HIS B 30 -10.92 50.57 11.94
C HIS B 30 -10.79 50.35 10.43
N TYR B 31 -10.44 51.41 9.70
CA TYR B 31 -10.16 51.34 8.27
C TYR B 31 -9.10 50.31 7.90
N LEU B 32 -8.10 50.18 8.77
CA LEU B 32 -7.00 49.26 8.48
C LEU B 32 -7.34 47.81 8.71
N CYS B 33 -8.53 47.50 9.24
CA CYS B 33 -8.99 46.11 9.38
C CYS B 33 -9.50 45.59 8.03
N SER B 34 -9.10 44.38 7.64
CA SER B 34 -9.65 43.76 6.45
C SER B 34 -11.12 43.44 6.58
N LYS B 35 -11.90 43.83 5.56
CA LYS B 35 -13.32 43.44 5.49
C LYS B 35 -13.51 42.07 4.89
N LYS B 36 -12.61 41.67 3.99
CA LYS B 36 -12.76 40.46 3.25
C LYS B 36 -11.41 39.72 3.17
N THR B 37 -11.43 38.40 3.33
CA THR B 37 -10.33 37.55 2.91
C THR B 37 -10.81 36.54 1.88
N GLU B 38 -9.95 36.19 0.94
CA GLU B 38 -10.28 35.16 -0.06
C GLU B 38 -10.13 33.75 0.50
N SER B 39 -9.34 33.57 1.53
CA SER B 39 -9.26 32.28 2.19
C SER B 39 -9.18 32.41 3.70
N TYR B 40 -9.10 31.28 4.38
CA TYR B 40 -8.92 31.28 5.84
C TYR B 40 -7.51 31.69 6.19
N PHE B 41 -7.36 32.38 7.31
CA PHE B 41 -6.05 32.77 7.82
C PHE B 41 -6.02 32.41 9.28
N THR B 42 -4.83 32.26 9.84
CA THR B 42 -4.69 31.92 11.25
C THR B 42 -5.03 33.12 12.14
N ILE B 43 -6.06 32.97 12.94
CA ILE B 43 -6.49 34.02 13.88
C ILE B 43 -5.97 33.79 15.30
N TRP B 44 -5.67 32.54 15.62
CA TRP B 44 -4.94 32.18 16.84
C TRP B 44 -3.97 31.02 16.48
N LEU B 45 -2.69 31.14 16.78
CA LEU B 45 -2.01 32.30 17.39
C LEU B 45 -1.19 33.00 16.28
N ASN B 46 -1.46 34.27 16.07
CA ASN B 46 -0.61 35.11 15.24
C ASN B 46 -0.35 36.38 16.00
N LEU B 47 0.91 36.56 16.38
CA LEU B 47 1.31 37.65 17.28
C LEU B 47 1.10 39.01 16.66
N GLU B 48 1.22 39.10 15.35
CA GLU B 48 1.05 40.38 14.66
C GLU B 48 -0.37 40.93 14.75
N LEU B 49 -1.35 40.06 15.01
CA LEU B 49 -2.75 40.47 15.10
C LEU B 49 -3.10 41.02 16.45
N LEU B 50 -2.19 40.89 17.41
CA LEU B 50 -2.43 41.32 18.81
C LEU B 50 -1.78 42.67 19.15
N LEU B 51 -1.10 43.27 18.21
CA LEU B 51 -0.45 44.57 18.36
C LEU B 51 -1.50 45.67 18.53
N PRO B 52 -1.10 46.81 19.15
CA PRO B 52 -2.10 47.86 19.42
C PRO B 52 -2.81 48.27 18.12
N VAL B 53 -4.08 48.65 18.27
CA VAL B 53 -4.96 49.04 17.14
C VAL B 53 -5.43 47.86 16.30
N ILE B 54 -4.49 47.12 15.74
CA ILE B 54 -4.81 45.87 15.00
C ILE B 54 -5.57 44.91 15.88
N ILE B 55 -5.27 44.90 17.17
CA ILE B 55 -5.97 43.99 18.11
C ILE B 55 -7.49 44.24 18.11
N ASP B 56 -7.95 45.46 17.79
CA ASP B 56 -9.39 45.70 17.73
C ASP B 56 -10.04 44.90 16.59
N CYS B 57 -9.31 44.80 15.46
CA CYS B 57 -9.75 43.98 14.32
C CYS B 57 -9.88 42.51 14.75
N TRP B 58 -8.87 42.03 15.47
CA TRP B 58 -8.82 40.67 15.95
C TRP B 58 -9.99 40.40 16.87
N ILE B 59 -10.17 41.24 17.87
CA ILE B 59 -11.29 41.12 18.81
C ILE B 59 -12.62 41.08 18.06
N ASP B 60 -12.77 41.95 17.07
CA ASP B 60 -14.02 42.00 16.32
C ASP B 60 -14.31 40.71 15.56
N ASN B 61 -13.26 39.96 15.18
CA ASN B 61 -13.40 38.71 14.46
C ASN B 61 -13.46 37.46 15.34
N ILE B 62 -12.73 37.47 16.44
CA ILE B 62 -12.66 36.27 17.28
C ILE B 62 -13.63 36.25 18.43
N ARG B 63 -14.25 37.39 18.73
CA ARG B 63 -15.28 37.41 19.77
C ARG B 63 -16.45 36.53 19.34
N LEU B 64 -17.13 35.97 20.33
CA LEU B 64 -18.42 35.34 20.14
C LEU B 64 -19.53 36.34 20.51
N VAL B 65 -20.62 36.30 19.76
CA VAL B 65 -21.80 37.08 20.04
C VAL B 65 -22.79 36.19 20.80
N TYR B 66 -23.28 36.67 21.94
CA TYR B 66 -24.27 35.91 22.70
C TYR B 66 -25.66 36.33 22.28
N ASN B 67 -26.47 35.36 21.90
CA ASN B 67 -27.88 35.59 21.59
C ASN B 67 -28.72 35.17 22.79
N LYS B 68 -29.34 36.13 23.46
CA LYS B 68 -30.18 35.86 24.64
C LYS B 68 -31.44 35.07 24.33
N THR B 69 -31.91 35.18 23.09
CA THR B 69 -33.13 34.45 22.64
C THR B 69 -32.84 32.97 22.50
N SER B 70 -31.79 32.64 21.76
CA SER B 70 -31.42 31.25 21.54
C SER B 70 -30.61 30.68 22.70
N ARG B 71 -30.10 31.53 23.60
CA ARG B 71 -29.16 31.11 24.65
C ARG B 71 -27.98 30.36 24.01
N ALA B 72 -27.43 30.95 22.96
CA ALA B 72 -26.35 30.33 22.20
C ALA B 72 -25.45 31.40 21.65
N THR B 73 -24.22 31.03 21.30
CA THR B 73 -23.29 31.97 20.69
C THR B 73 -23.35 31.86 19.20
N GLN B 74 -23.01 32.96 18.53
CA GLN B 74 -22.79 32.96 17.11
C GLN B 74 -21.61 33.83 16.75
N PHE B 75 -21.11 33.71 15.53
CA PHE B 75 -19.94 34.51 15.13
C PHE B 75 -20.43 35.91 14.72
N PRO B 76 -19.58 36.91 14.77
CA PRO B 76 -19.95 38.22 14.22
C PRO B 76 -20.37 38.15 12.75
N ASP B 77 -21.18 39.09 12.27
CA ASP B 77 -21.64 39.07 10.88
C ASP B 77 -20.46 38.98 9.94
N GLY B 78 -20.55 38.05 8.98
CA GLY B 78 -19.53 37.90 7.95
C GLY B 78 -18.23 37.26 8.42
N VAL B 79 -18.21 36.63 9.59
CA VAL B 79 -17.05 35.96 10.08
C VAL B 79 -17.33 34.47 10.19
N ASP B 80 -16.43 33.63 9.63
CA ASP B 80 -16.43 32.23 9.98
C ASP B 80 -15.13 31.85 10.66
N VAL B 81 -15.24 31.00 11.68
CA VAL B 81 -14.10 30.48 12.41
C VAL B 81 -14.13 28.97 12.35
N ARG B 82 -13.04 28.35 11.92
CA ARG B 82 -12.95 26.90 11.90
C ARG B 82 -11.71 26.40 12.65
N VAL B 83 -11.74 25.12 13.00
CA VAL B 83 -10.65 24.48 13.75
C VAL B 83 -9.84 23.63 12.78
N PRO B 84 -8.61 24.03 12.47
CA PRO B 84 -7.80 23.23 11.54
C PRO B 84 -7.14 22.06 12.26
N GLY B 85 -6.72 21.05 11.51
CA GLY B 85 -5.87 20.00 12.03
C GLY B 85 -6.53 18.92 12.85
N PHE B 86 -7.83 18.74 12.75
CA PHE B 86 -8.49 17.65 13.49
C PHE B 86 -7.99 16.33 12.93
N GLY B 87 -7.54 15.47 13.80
CA GLY B 87 -6.98 14.17 13.42
C GLY B 87 -5.51 14.24 13.17
N LYS B 88 -4.93 15.46 13.16
CA LYS B 88 -3.49 15.69 12.99
C LYS B 88 -2.94 16.27 14.29
N THR B 89 -1.68 16.68 14.30
CA THR B 89 -1.10 17.23 15.53
C THR B 89 -0.54 18.61 15.37
N PHE B 90 -0.34 19.08 14.14
CA PHE B 90 0.35 20.35 13.94
C PHE B 90 -0.30 21.53 14.71
N SER B 91 -1.63 21.53 14.77
CA SER B 91 -2.34 22.69 15.32
C SER B 91 -2.39 22.73 16.82
N LEU B 92 -2.06 21.65 17.47
CA LEU B 92 -1.86 21.61 18.92
C LEU B 92 -0.35 21.64 19.31
N GLU B 93 0.53 21.23 18.41
CA GLU B 93 1.96 21.25 18.69
C GLU B 93 2.48 22.65 18.79
N PHE B 94 2.08 23.45 17.81
CA PHE B 94 2.46 24.87 17.73
C PHE B 94 1.19 25.67 17.57
N LEU B 95 0.96 26.59 18.50
CA LEU B 95 -0.19 27.49 18.41
C LEU B 95 0.02 28.52 17.31
N ASP B 96 1.27 28.92 17.13
CA ASP B 96 1.68 29.84 16.08
C ASP B 96 2.28 29.04 14.94
N PRO B 97 1.67 29.09 13.75
CA PRO B 97 2.20 28.30 12.62
C PRO B 97 3.60 28.73 12.14
N SER B 98 4.11 29.88 12.59
CA SER B 98 5.55 30.20 12.41
C SER B 98 6.45 29.22 13.21
N LYS B 99 5.86 28.47 14.13
CA LYS B 99 6.53 27.46 14.95
C LYS B 99 7.46 28.07 15.97
N SER B 100 7.19 29.32 16.32
CA SER B 100 7.97 29.97 17.36
C SER B 100 7.74 29.26 18.71
N SER B 101 8.77 29.30 19.56
CA SER B 101 8.71 28.69 20.89
C SER B 101 7.59 29.30 21.76
N VAL B 102 7.22 30.57 21.50
CA VAL B 102 6.15 31.21 22.23
C VAL B 102 4.83 30.39 22.11
N GLY B 103 4.62 29.70 20.98
CA GLY B 103 3.41 28.90 20.84
C GLY B 103 3.61 27.40 21.01
N SER B 104 4.77 26.97 21.51
CA SER B 104 5.06 25.56 21.61
C SER B 104 4.23 24.98 22.75
N TYR B 105 3.35 24.01 22.41
CA TYR B 105 2.38 23.55 23.39
C TYR B 105 2.52 22.00 23.52
N PHE B 106 1.96 21.24 22.58
CA PHE B 106 2.16 19.80 22.57
C PHE B 106 3.41 19.35 21.81
N HIS B 107 4.19 20.26 21.27
CA HIS B 107 5.32 19.86 20.40
C HIS B 107 6.32 18.96 21.08
N THR B 108 6.73 19.26 22.29
CA THR B 108 7.74 18.43 22.94
C THR B 108 7.16 17.03 23.15
N MET B 109 5.90 16.93 23.58
CA MET B 109 5.28 15.65 23.81
C MET B 109 5.16 14.83 22.50
N VAL B 110 4.78 15.46 21.41
CA VAL B 110 4.63 14.76 20.15
C VAL B 110 6.01 14.34 19.60
N GLU B 111 7.04 15.19 19.74
CA GLU B 111 8.40 14.76 19.38
C GLU B 111 8.81 13.52 20.16
N SER B 112 8.48 13.47 21.44
CA SER B 112 8.76 12.29 22.26
C SER B 112 8.05 11.06 21.76
N LEU B 113 6.74 11.21 21.52
CA LEU B 113 5.92 10.10 21.01
C LEU B 113 6.49 9.59 19.69
N VAL B 114 6.84 10.50 18.79
CA VAL B 114 7.42 10.15 17.51
C VAL B 114 8.78 9.44 17.67
N GLY B 115 9.60 9.91 18.61
CA GLY B 115 10.82 9.24 18.95
C GLY B 115 10.59 7.82 19.48
N TRP B 116 9.45 7.58 20.13
CA TRP B 116 9.07 6.26 20.60
C TRP B 116 8.41 5.38 19.52
N GLY B 117 8.22 5.92 18.31
CA GLY B 117 7.70 5.15 17.20
C GLY B 117 6.33 5.53 16.67
N TYR B 118 5.73 6.57 17.23
CA TYR B 118 4.39 7.05 16.83
C TYR B 118 4.53 7.86 15.58
N THR B 119 3.43 8.01 14.88
CA THR B 119 3.37 8.64 13.54
C THR B 119 2.29 9.71 13.53
N ARG B 120 2.68 10.94 13.26
CA ARG B 120 1.72 12.06 13.27
C ARG B 120 0.57 11.80 12.34
N GLY B 121 -0.65 11.94 12.84
CA GLY B 121 -1.80 11.78 11.98
C GLY B 121 -2.26 10.36 11.85
N GLU B 122 -1.51 9.44 12.41
CA GLU B 122 -1.82 8.00 12.29
C GLU B 122 -2.13 7.48 13.70
N ASP B 123 -1.15 6.99 14.41
CA ASP B 123 -1.42 6.42 15.75
C ASP B 123 -1.26 7.43 16.87
N VAL B 124 -0.86 8.66 16.53
CA VAL B 124 -1.06 9.80 17.44
C VAL B 124 -1.80 10.87 16.66
N ARG B 125 -2.94 11.27 17.21
CA ARG B 125 -3.78 12.30 16.60
C ARG B 125 -4.28 13.28 17.58
N GLY B 126 -4.43 14.50 17.11
CA GLY B 126 -5.05 15.57 17.92
C GLY B 126 -6.55 15.63 17.76
N ALA B 127 -7.22 16.05 18.82
CA ALA B 127 -8.63 16.38 18.85
C ALA B 127 -8.83 17.84 19.25
N PRO B 128 -8.34 18.77 18.43
CA PRO B 128 -8.56 20.21 18.66
C PRO B 128 -10.02 20.59 18.50
N TYR B 129 -10.43 21.69 19.17
CA TYR B 129 -11.79 22.14 19.15
C TYR B 129 -11.82 23.64 19.26
N ASP B 130 -13.03 24.21 19.05
CA ASP B 130 -13.23 25.63 19.32
C ASP B 130 -13.36 25.81 20.83
N TRP B 131 -12.23 26.10 21.44
CA TRP B 131 -12.12 26.24 22.89
C TRP B 131 -12.76 27.53 23.41
N ARG B 132 -13.29 28.40 22.53
CA ARG B 132 -14.09 29.53 22.95
C ARG B 132 -15.45 29.10 23.46
N ARG B 133 -15.91 27.93 23.07
CA ARG B 133 -17.17 27.38 23.51
C ARG B 133 -17.01 26.35 24.58
N ALA B 134 -18.11 26.11 25.30
CA ALA B 134 -18.21 25.00 26.24
C ALA B 134 -18.82 23.81 25.56
N PRO B 135 -18.84 22.63 26.18
CA PRO B 135 -19.31 21.43 25.51
C PRO B 135 -20.69 21.47 24.89
N ASN B 136 -21.58 22.26 25.47
CA ASN B 136 -22.97 22.40 24.98
C ASN B 136 -23.03 22.91 23.56
N GLU B 137 -22.01 23.65 23.13
CA GLU B 137 -21.95 24.16 21.75
C GLU B 137 -20.84 23.51 20.91
N ASN B 138 -20.45 22.31 21.27
CA ASN B 138 -19.43 21.56 20.56
C ASN B 138 -19.86 20.12 20.31
N GLY B 139 -21.15 19.95 20.06
CA GLY B 139 -21.69 18.60 19.76
C GLY B 139 -20.99 17.88 18.63
N PRO B 140 -20.81 18.56 17.49
CA PRO B 140 -20.12 17.94 16.35
C PRO B 140 -18.70 17.46 16.67
N TYR B 141 -17.98 18.22 17.49
CA TYR B 141 -16.65 17.80 17.94
C TYR B 141 -16.69 16.45 18.66
N PHE B 142 -17.66 16.26 19.53
CA PHE B 142 -17.74 15.00 20.29
C PHE B 142 -18.09 13.83 19.41
N LEU B 143 -18.91 14.07 18.40
CA LEU B 143 -19.20 13.01 17.41
C LEU B 143 -17.93 12.63 16.65
N ALA B 144 -17.16 13.60 16.24
CA ALA B 144 -15.89 13.36 15.52
C ALA B 144 -14.88 12.68 16.43
N LEU B 145 -14.84 13.05 17.71
CA LEU B 145 -13.93 12.41 18.64
C LEU B 145 -14.25 10.93 18.82
N ARG B 146 -15.53 10.64 19.00
CA ARG B 146 -15.96 9.25 19.08
C ARG B 146 -15.57 8.45 17.84
N GLU B 147 -15.85 9.01 16.68
CA GLU B 147 -15.52 8.36 15.43
C GLU B 147 -14.02 8.15 15.24
N MET B 148 -13.22 9.12 15.62
CA MET B 148 -11.78 9.02 15.49
C MET B 148 -11.23 7.93 16.40
N ILE B 149 -11.74 7.87 17.63
CA ILE B 149 -11.34 6.84 18.57
C ILE B 149 -11.66 5.43 18.00
N GLU B 150 -12.87 5.27 17.45
CA GLU B 150 -13.23 3.99 16.87
C GLU B 150 -12.33 3.60 15.68
N GLU B 151 -12.05 4.57 14.82
N GLU B 151 -12.05 4.57 14.80
CA GLU B 151 -11.12 4.34 13.72
CA GLU B 151 -11.12 4.34 13.68
C GLU B 151 -9.73 3.90 14.18
C GLU B 151 -9.73 3.90 14.18
N MET B 152 -9.21 4.61 15.17
CA MET B 152 -7.87 4.32 15.68
C MET B 152 -7.81 2.91 16.28
N TYR B 153 -8.88 2.53 16.98
CA TYR B 153 -9.02 1.21 17.56
C TYR B 153 -8.92 0.13 16.46
N GLN B 154 -9.65 0.37 15.38
CA GLN B 154 -9.65 -0.59 14.28
C GLN B 154 -8.33 -0.63 13.51
N LEU B 155 -7.75 0.52 13.27
CA LEU B 155 -6.53 0.61 12.47
C LEU B 155 -5.33 0.01 13.23
N TYR B 156 -5.21 0.39 14.51
CA TYR B 156 -3.99 0.08 15.25
C TYR B 156 -4.17 -1.08 16.21
N GLY B 157 -5.36 -1.70 16.23
CA GLY B 157 -5.54 -3.00 16.87
C GLY B 157 -5.72 -3.01 18.35
N GLY B 158 -6.09 -1.86 18.94
CA GLY B 158 -6.34 -1.79 20.35
C GLY B 158 -6.95 -0.51 20.81
N PRO B 159 -7.41 -0.50 22.07
CA PRO B 159 -8.06 0.68 22.67
C PRO B 159 -7.06 1.85 22.80
N VAL B 160 -7.63 3.06 22.86
CA VAL B 160 -6.84 4.27 22.77
C VAL B 160 -6.58 4.88 24.16
N VAL B 161 -5.45 5.58 24.24
CA VAL B 161 -5.11 6.36 25.42
C VAL B 161 -5.43 7.80 25.11
N LEU B 162 -6.32 8.40 25.91
CA LEU B 162 -6.65 9.82 25.81
C LEU B 162 -5.68 10.58 26.70
N VAL B 163 -5.07 11.63 26.17
CA VAL B 163 -4.16 12.45 26.93
C VAL B 163 -4.69 13.87 26.81
N ALA B 164 -5.14 14.47 27.91
CA ALA B 164 -5.79 15.78 27.90
C ALA B 164 -5.07 16.76 28.82
N HIS B 165 -5.01 18.01 28.40
CA HIS B 165 -4.41 19.08 29.19
C HIS B 165 -5.45 20.11 29.54
N SER B 166 -5.41 20.52 30.80
CA SER B 166 -6.18 21.64 31.30
C SER B 166 -7.64 21.48 31.01
N MET B 167 -8.31 22.46 30.39
CA MET B 167 -9.76 22.36 30.09
C MET B 167 -10.11 21.16 29.20
N GLY B 168 -9.14 20.66 28.44
CA GLY B 168 -9.36 19.46 27.64
C GLY B 168 -9.78 18.29 28.50
N ASN B 169 -9.37 18.28 29.77
CA ASN B 169 -9.82 17.24 30.68
C ASN B 169 -11.30 17.27 30.97
N MET B 170 -11.86 18.47 31.04
N MET B 170 -11.86 18.47 31.04
CA MET B 170 -13.29 18.66 31.31
CA MET B 170 -13.28 18.67 31.30
C MET B 170 -14.11 18.32 30.08
C MET B 170 -14.11 18.32 30.08
N TYR B 171 -13.60 18.69 28.91
CA TYR B 171 -14.17 18.22 27.65
C TYR B 171 -14.16 16.69 27.56
N THR B 172 -13.06 16.07 27.90
CA THR B 172 -12.92 14.61 27.85
C THR B 172 -13.83 13.92 28.88
N LEU B 173 -13.91 14.47 30.09
CA LEU B 173 -14.85 13.94 31.11
C LEU B 173 -16.30 14.04 30.66
N TYR B 174 -16.68 15.19 30.09
CA TYR B 174 -18.00 15.36 29.53
C TYR B 174 -18.28 14.26 28.53
N PHE B 175 -17.35 14.08 27.60
CA PHE B 175 -17.49 13.05 26.57
C PHE B 175 -17.69 11.66 27.19
N LEU B 176 -16.79 11.29 28.09
CA LEU B 176 -16.82 9.96 28.69
C LEU B 176 -18.05 9.71 29.56
N GLN B 177 -18.50 10.72 30.29
CA GLN B 177 -19.75 10.61 31.08
C GLN B 177 -20.95 10.28 30.23
N ARG B 178 -20.91 10.69 28.97
CA ARG B 178 -22.03 10.43 28.06
C ARG B 178 -21.91 9.23 27.15
N GLN B 179 -20.84 8.46 27.29
CA GLN B 179 -20.69 7.21 26.53
C GLN B 179 -21.06 6.07 27.46
N PRO B 180 -21.80 5.06 26.97
CA PRO B 180 -22.03 3.86 27.72
C PRO B 180 -20.75 3.20 28.25
N GLN B 181 -20.83 2.60 29.42
CA GLN B 181 -19.72 1.89 30.02
C GLN B 181 -19.12 0.84 29.06
N ALA B 182 -19.97 0.10 28.35
CA ALA B 182 -19.49 -0.93 27.41
C ALA B 182 -18.64 -0.33 26.31
N TRP B 183 -19.01 0.87 25.85
CA TRP B 183 -18.26 1.56 24.80
C TRP B 183 -16.88 1.92 25.33
N LYS B 184 -16.83 2.48 26.53
CA LYS B 184 -15.58 2.90 27.12
C LYS B 184 -14.69 1.70 27.36
N ASP B 185 -15.26 0.58 27.84
CA ASP B 185 -14.48 -0.61 28.12
C ASP B 185 -13.84 -1.16 26.89
N LYS B 186 -14.52 -1.04 25.73
CA LYS B 186 -13.96 -1.51 24.47
C LYS B 186 -12.90 -0.58 23.92
N TYR B 187 -13.22 0.71 23.88
CA TYR B 187 -12.43 1.67 23.09
C TYR B 187 -11.39 2.51 23.81
N ILE B 188 -11.48 2.59 25.12
CA ILE B 188 -10.56 3.43 25.91
C ILE B 188 -9.66 2.56 26.77
N ARG B 189 -8.36 2.67 26.58
CA ARG B 189 -7.38 1.95 27.37
C ARG B 189 -7.14 2.68 28.68
N ALA B 190 -6.89 4.00 28.58
CA ALA B 190 -6.71 4.83 29.73
C ALA B 190 -6.92 6.27 29.35
N PHE B 191 -7.08 7.11 30.39
CA PHE B 191 -7.23 8.54 30.29
C PHE B 191 -6.09 9.12 31.17
N VAL B 192 -5.11 9.78 30.53
CA VAL B 192 -4.06 10.50 31.23
C VAL B 192 -4.47 11.97 31.28
N SER B 193 -4.69 12.44 32.48
CA SER B 193 -5.29 13.74 32.76
C SER B 193 -4.22 14.68 33.29
N LEU B 194 -3.85 15.71 32.53
CA LEU B 194 -2.75 16.58 32.87
C LEU B 194 -3.25 17.98 33.24
N GLY B 195 -3.12 18.35 34.51
CA GLY B 195 -3.51 19.69 34.96
C GLY B 195 -4.97 19.96 34.87
N ALA B 196 -5.81 19.00 35.23
CA ALA B 196 -7.27 19.18 35.10
C ALA B 196 -7.89 20.11 36.12
N PRO B 197 -8.61 21.14 35.69
CA PRO B 197 -9.36 22.07 36.52
C PRO B 197 -10.77 21.56 36.75
N TRP B 198 -10.86 20.44 37.40
CA TRP B 198 -12.11 19.76 37.57
C TRP B 198 -13.22 20.62 38.14
N GLY B 199 -12.91 21.51 39.09
CA GLY B 199 -13.93 22.37 39.71
C GLY B 199 -13.80 23.85 39.37
N GLY B 200 -13.24 24.12 38.22
CA GLY B 200 -12.95 25.45 37.79
C GLY B 200 -11.62 25.98 38.31
N VAL B 201 -11.24 27.19 37.85
CA VAL B 201 -10.02 27.85 38.29
C VAL B 201 -10.33 29.27 38.77
N ALA B 202 -9.71 29.69 39.89
CA ALA B 202 -10.10 30.94 40.53
C ALA B 202 -9.78 32.14 39.63
N LYS B 203 -8.72 32.05 38.81
CA LYS B 203 -8.34 33.21 38.03
C LYS B 203 -9.35 33.66 36.98
N THR B 204 -10.30 32.79 36.63
CA THR B 204 -11.42 33.17 35.75
C THR B 204 -12.18 34.38 36.27
N LEU B 205 -12.32 34.56 37.59
CA LEU B 205 -12.96 35.74 38.12
C LEU B 205 -12.24 37.02 37.69
N ARG B 206 -10.91 37.01 37.80
CA ARG B 206 -10.11 38.18 37.47
C ARG B 206 -10.17 38.45 36.00
N VAL B 207 -10.06 37.38 35.20
CA VAL B 207 -10.15 37.51 33.74
C VAL B 207 -11.43 38.22 33.35
N LEU B 208 -12.56 37.76 33.85
CA LEU B 208 -13.86 38.32 33.48
C LEU B 208 -14.05 39.70 34.00
N ALA B 209 -13.62 39.97 35.23
CA ALA B 209 -13.82 41.30 35.82
C ALA B 209 -12.97 42.35 35.13
N SER B 210 -11.67 42.11 35.08
CA SER B 210 -10.70 43.18 34.75
C SER B 210 -9.71 42.83 33.65
N GLY B 211 -9.83 41.64 33.07
CA GLY B 211 -8.96 41.19 32.00
C GLY B 211 -7.65 40.63 32.48
N ASP B 212 -7.03 39.82 31.64
CA ASP B 212 -5.72 39.23 31.95
C ASP B 212 -4.90 39.30 30.65
N ASN B 213 -3.90 40.20 30.66
CA ASN B 213 -2.93 40.25 29.60
C ASN B 213 -1.56 39.63 29.96
N ASN B 214 -1.55 38.84 31.02
CA ASN B 214 -0.47 37.90 31.28
C ASN B 214 0.90 38.49 31.40
N ARG B 215 0.95 39.79 31.69
CA ARG B 215 2.19 40.57 31.78
C ARG B 215 2.85 40.85 30.41
N ILE B 216 2.05 40.76 29.36
CA ILE B 216 2.39 41.20 28.04
C ILE B 216 1.80 42.62 27.89
N PRO B 217 2.60 43.63 28.28
CA PRO B 217 2.12 45.00 28.47
C PRO B 217 1.64 45.70 27.18
N VAL B 218 2.09 45.22 26.03
CA VAL B 218 1.67 45.73 24.76
C VAL B 218 0.19 45.34 24.46
N ILE B 219 -0.38 44.40 25.22
CA ILE B 219 -1.82 44.17 25.16
C ILE B 219 -2.51 44.71 26.36
N GLY B 220 -3.36 45.73 26.25
CA GLY B 220 -4.12 46.28 27.40
C GLY B 220 -5.03 45.24 28.02
N PRO B 221 -5.08 45.16 29.38
CA PRO B 221 -5.93 44.11 29.94
C PRO B 221 -7.43 44.36 29.67
N LEU B 222 -7.83 45.64 29.62
CA LEU B 222 -9.26 45.96 29.38
C LEU B 222 -9.65 45.68 27.92
N LYS B 223 -8.67 45.72 27.03
CA LYS B 223 -8.93 45.40 25.63
C LYS B 223 -9.14 43.92 25.43
N ILE B 224 -8.21 43.12 25.93
CA ILE B 224 -8.32 41.66 25.80
C ILE B 224 -9.47 41.07 26.62
N ARG B 225 -9.91 41.77 27.67
CA ARG B 225 -11.07 41.36 28.47
C ARG B 225 -12.29 41.13 27.58
N GLU B 226 -12.43 41.97 26.55
CA GLU B 226 -13.56 41.86 25.63
C GLU B 226 -13.63 40.48 24.98
N GLN B 227 -12.51 39.95 24.53
CA GLN B 227 -12.48 38.61 23.97
C GLN B 227 -12.70 37.53 25.03
N GLN B 228 -12.06 37.71 26.18
CA GLN B 228 -12.11 36.69 27.22
C GLN B 228 -13.52 36.51 27.77
N ARG B 229 -14.24 37.61 27.91
CA ARG B 229 -15.64 37.57 28.33
C ARG B 229 -16.52 36.90 27.30
N SER B 230 -16.24 37.13 26.01
CA SER B 230 -17.06 36.61 24.95
C SER B 230 -17.02 35.13 24.77
N ALA B 231 -15.94 34.53 25.27
CA ALA B 231 -15.76 33.07 25.25
C ALA B 231 -16.54 32.42 26.35
N VAL B 232 -17.55 31.63 25.98
CA VAL B 232 -18.36 30.86 26.96
C VAL B 232 -17.51 30.02 27.88
N SER B 233 -16.45 29.46 27.35
CA SER B 233 -15.55 28.57 28.13
C SER B 233 -14.97 29.28 29.32
N THR B 234 -14.78 30.60 29.28
CA THR B 234 -14.30 31.33 30.48
C THR B 234 -15.28 31.24 31.64
N SER B 235 -16.55 31.53 31.41
CA SER B 235 -17.59 31.44 32.45
C SER B 235 -17.86 30.03 32.87
N TRP B 236 -17.70 29.08 31.95
CA TRP B 236 -17.80 27.63 32.27
C TRP B 236 -16.80 27.20 33.32
N LEU B 237 -15.64 27.82 33.33
CA LEU B 237 -14.54 27.48 34.26
C LEU B 237 -14.50 28.27 35.53
N LEU B 238 -15.54 29.06 35.85
CA LEU B 238 -15.69 29.62 37.19
C LEU B 238 -15.74 28.51 38.20
N PRO B 239 -15.21 28.75 39.41
CA PRO B 239 -15.25 27.78 40.51
C PRO B 239 -16.63 27.17 40.75
N TYR B 240 -16.59 25.85 41.00
CA TYR B 240 -17.76 25.05 41.30
C TYR B 240 -17.88 24.67 42.77
N ASN B 241 -19.10 24.51 43.25
CA ASN B 241 -19.34 24.18 44.66
C ASN B 241 -18.99 22.75 45.08
N TYR B 242 -18.64 21.89 44.14
CA TYR B 242 -18.18 20.56 44.55
C TYR B 242 -16.71 20.53 44.92
N THR B 243 -16.01 21.61 44.60
CA THR B 243 -14.59 21.78 44.86
C THR B 243 -14.35 22.85 45.90
N TRP B 244 -15.13 23.91 45.82
CA TRP B 244 -14.97 25.02 46.75
C TRP B 244 -16.17 25.23 47.65
N SER B 245 -15.89 25.70 48.84
CA SER B 245 -16.88 26.09 49.77
C SER B 245 -17.75 27.20 49.25
N PRO B 246 -19.08 27.09 49.46
CA PRO B 246 -19.96 28.18 48.95
C PRO B 246 -19.72 29.52 49.61
N GLU B 247 -19.03 29.52 50.75
CA GLU B 247 -18.71 30.72 51.48
C GLU B 247 -17.32 31.30 51.18
N LYS B 248 -16.52 30.65 50.35
CA LYS B 248 -15.23 31.21 49.98
C LYS B 248 -15.42 32.46 49.12
N VAL B 249 -14.77 33.56 49.51
CA VAL B 249 -14.75 34.78 48.72
C VAL B 249 -13.66 34.71 47.67
N PHE B 250 -14.05 34.78 46.42
CA PHE B 250 -13.10 34.81 45.29
C PHE B 250 -12.74 36.22 44.88
N VAL B 251 -13.69 37.13 45.06
CA VAL B 251 -13.49 38.53 44.71
C VAL B 251 -13.99 39.40 45.82
N GLN B 252 -13.13 40.22 46.38
CA GLN B 252 -13.52 41.17 47.41
C GLN B 252 -13.26 42.57 46.90
N THR B 253 -14.25 43.45 47.15
CA THR B 253 -14.12 44.87 46.86
C THR B 253 -14.47 45.64 48.12
N PRO B 254 -14.33 46.96 48.10
CA PRO B 254 -14.68 47.72 49.34
C PRO B 254 -16.16 47.62 49.73
N THR B 255 -17.04 47.31 48.78
CA THR B 255 -18.47 47.32 49.04
C THR B 255 -19.20 46.03 48.82
N ILE B 256 -18.53 44.98 48.35
CA ILE B 256 -19.21 43.73 48.11
C ILE B 256 -18.21 42.59 47.99
N ASN B 257 -18.60 41.42 48.43
CA ASN B 257 -17.90 40.19 48.21
C ASN B 257 -18.59 39.41 47.19
N TYR B 258 -17.86 38.55 46.47
CA TYR B 258 -18.44 37.56 45.57
C TYR B 258 -17.87 36.17 45.89
N THR B 259 -18.82 35.28 46.25
CA THR B 259 -18.60 33.86 46.36
C THR B 259 -19.16 33.14 45.14
N LEU B 260 -19.06 31.81 45.06
CA LEU B 260 -19.63 31.10 43.91
C LEU B 260 -21.15 31.08 43.92
N ARG B 261 -21.76 31.50 45.01
CA ARG B 261 -23.22 31.70 45.05
C ARG B 261 -23.62 33.10 44.57
N ASP B 262 -22.68 33.90 44.13
CA ASP B 262 -22.93 35.30 43.81
C ASP B 262 -22.63 35.69 42.37
N TYR B 263 -22.60 34.72 41.47
CA TYR B 263 -22.18 35.01 40.11
C TYR B 263 -23.17 35.94 39.37
N ARG B 264 -24.47 35.84 39.64
CA ARG B 264 -25.41 36.73 39.00
C ARG B 264 -25.11 38.19 39.30
N LYS B 265 -24.88 38.51 40.58
CA LYS B 265 -24.49 39.87 41.01
C LYS B 265 -23.17 40.29 40.37
N PHE B 266 -22.20 39.36 40.39
CA PHE B 266 -20.87 39.60 39.82
C PHE B 266 -20.99 40.05 38.36
N PHE B 267 -21.75 39.30 37.57
CA PHE B 267 -21.89 39.62 36.16
C PHE B 267 -22.64 40.94 35.94
N GLN B 268 -23.65 41.23 36.77
CA GLN B 268 -24.27 42.53 36.71
C GLN B 268 -23.28 43.63 37.00
N ASP B 269 -22.47 43.44 38.05
CA ASP B 269 -21.63 44.50 38.55
C ASP B 269 -20.40 44.79 37.68
N ILE B 270 -19.98 43.81 36.91
CA ILE B 270 -18.89 44.04 35.94
C ILE B 270 -19.40 44.54 34.60
N GLY B 271 -20.71 44.59 34.42
CA GLY B 271 -21.31 45.09 33.20
C GLY B 271 -21.32 44.05 32.11
N PHE B 272 -21.48 42.76 32.47
CA PHE B 272 -21.46 41.70 31.47
C PHE B 272 -22.51 40.66 31.82
N GLU B 273 -23.77 41.04 31.65
CA GLU B 273 -24.88 40.19 32.10
C GLU B 273 -24.97 38.88 31.31
N ASP B 274 -24.52 38.88 30.05
CA ASP B 274 -24.49 37.66 29.25
C ASP B 274 -23.68 36.55 29.90
N GLY B 275 -22.64 36.90 30.65
CA GLY B 275 -21.82 35.93 31.33
C GLY B 275 -22.61 35.06 32.27
N TRP B 276 -23.59 35.67 32.94
CA TRP B 276 -24.47 34.90 33.85
C TRP B 276 -25.28 33.87 33.10
N LEU B 277 -25.80 34.30 31.96
CA LEU B 277 -26.53 33.40 31.08
C LEU B 277 -25.63 32.25 30.60
N MET B 278 -24.40 32.58 30.22
CA MET B 278 -23.43 31.55 29.83
C MET B 278 -23.13 30.56 30.98
N ARG B 279 -22.99 31.08 32.19
CA ARG B 279 -22.78 30.23 33.34
C ARG B 279 -23.98 29.29 33.58
N GLN B 280 -25.18 29.84 33.50
CA GLN B 280 -26.37 29.00 33.61
C GLN B 280 -26.43 27.94 32.52
N ASP B 281 -26.03 28.29 31.29
CA ASP B 281 -26.04 27.35 30.16
C ASP B 281 -25.09 26.18 30.40
N THR B 282 -23.99 26.42 31.13
CA THR B 282 -22.86 25.48 31.13
C THR B 282 -22.57 24.79 32.47
N GLU B 283 -23.06 25.35 33.57
CA GLU B 283 -22.63 24.89 34.91
C GLU B 283 -23.04 23.46 35.22
N GLY B 284 -24.08 22.97 34.58
CA GLY B 284 -24.55 21.61 34.82
C GLY B 284 -24.06 20.56 33.83
N LEU B 285 -23.22 20.93 32.87
CA LEU B 285 -22.86 20.00 31.79
C LEU B 285 -22.09 18.76 32.26
N VAL B 286 -21.10 18.96 33.10
CA VAL B 286 -20.32 17.86 33.64
C VAL B 286 -20.83 17.51 35.00
N GLU B 287 -21.36 16.31 35.21
CA GLU B 287 -21.84 15.90 36.54
C GLU B 287 -20.65 15.79 37.47
N ALA B 288 -20.70 16.58 38.55
CA ALA B 288 -19.61 16.78 39.49
C ALA B 288 -18.96 15.46 40.01
N THR B 289 -19.81 14.49 40.32
CA THR B 289 -19.46 13.30 41.01
C THR B 289 -19.40 12.01 40.21
N MET B 290 -19.93 11.98 38.97
CA MET B 290 -19.75 10.85 38.08
C MET B 290 -18.31 10.69 37.62
N PRO B 291 -17.65 9.55 37.91
CA PRO B 291 -16.29 9.28 37.47
C PRO B 291 -16.29 8.95 35.98
N PRO B 292 -15.13 9.01 35.30
CA PRO B 292 -15.12 8.76 33.87
C PRO B 292 -15.39 7.30 33.52
N GLY B 293 -15.14 6.38 34.44
CA GLY B 293 -15.39 4.97 34.21
C GLY B 293 -14.39 4.29 33.29
N VAL B 294 -13.16 4.81 33.31
CA VAL B 294 -12.00 4.27 32.61
C VAL B 294 -10.80 4.39 33.53
N GLN B 295 -9.74 3.66 33.21
CA GLN B 295 -8.50 3.78 33.97
C GLN B 295 -8.01 5.22 33.84
N LEU B 296 -7.75 5.85 34.96
CA LEU B 296 -7.49 7.27 35.01
C LEU B 296 -6.18 7.55 35.74
N HIS B 297 -5.30 8.35 35.10
CA HIS B 297 -4.06 8.79 35.69
C HIS B 297 -4.20 10.29 35.83
N CYS B 298 -4.33 10.76 37.08
CA CYS B 298 -4.56 12.18 37.36
CA CYS B 298 -4.56 12.18 37.36
C CYS B 298 -3.27 12.83 37.80
N LEU B 299 -2.70 13.61 36.90
CA LEU B 299 -1.44 14.24 37.09
C LEU B 299 -1.67 15.72 37.39
N TYR B 300 -1.18 16.21 38.53
CA TYR B 300 -1.43 17.59 38.94
C TYR B 300 -0.15 18.20 39.45
N GLY B 301 0.10 19.44 39.04
CA GLY B 301 1.21 20.20 39.55
C GLY B 301 0.93 20.81 40.92
N THR B 302 1.99 20.87 41.75
CA THR B 302 1.93 21.56 43.03
C THR B 302 3.16 22.45 43.16
N GLY B 303 3.17 23.31 44.19
CA GLY B 303 4.33 24.10 44.54
C GLY B 303 4.54 25.31 43.66
N VAL B 304 3.53 25.66 42.85
CA VAL B 304 3.58 26.88 42.05
C VAL B 304 2.48 27.81 42.60
N PRO B 305 2.83 29.03 43.05
CA PRO B 305 1.79 29.96 43.47
C PRO B 305 0.69 30.10 42.41
N THR B 306 -0.56 29.85 42.83
CA THR B 306 -1.69 29.81 41.93
C THR B 306 -2.75 30.79 42.39
N PRO B 307 -3.15 31.75 41.56
CA PRO B 307 -4.17 32.70 41.96
C PRO B 307 -5.44 32.01 42.50
N ASP B 308 -5.84 32.47 43.68
CA ASP B 308 -6.92 31.89 44.46
C ASP B 308 -8.06 32.87 44.72
N SER B 309 -7.74 34.15 44.86
CA SER B 309 -8.70 35.19 45.23
C SER B 309 -8.11 36.56 44.91
N PHE B 310 -8.99 37.56 44.77
CA PHE B 310 -8.62 38.87 44.28
C PHE B 310 -9.24 39.94 45.11
N TYR B 311 -8.45 40.95 45.47
CA TYR B 311 -8.95 42.12 46.17
C TYR B 311 -8.86 43.33 45.23
N TYR B 312 -9.99 43.97 45.00
CA TYR B 312 -10.10 45.12 44.13
C TYR B 312 -10.35 46.37 44.92
N GLU B 313 -9.45 47.31 44.78
CA GLU B 313 -9.64 48.65 45.40
C GLU B 313 -10.70 49.42 44.60
N SER B 314 -10.73 49.17 43.30
CA SER B 314 -11.57 49.83 42.35
C SER B 314 -12.02 48.74 41.35
N PHE B 315 -13.32 48.51 41.30
CA PHE B 315 -13.89 47.41 40.56
C PHE B 315 -14.86 47.92 39.50
N PRO B 316 -14.84 47.42 38.27
CA PRO B 316 -13.99 46.29 37.81
C PRO B 316 -12.82 46.66 36.92
N ASP B 317 -12.53 47.95 36.72
CA ASP B 317 -11.61 48.35 35.61
C ASP B 317 -10.20 48.66 36.06
N ARG B 318 -9.82 48.22 37.28
CA ARG B 318 -8.44 48.28 37.72
C ARG B 318 -7.98 46.88 38.12
N ASP B 319 -6.70 46.60 37.90
CA ASP B 319 -6.12 45.31 38.28
C ASP B 319 -6.20 45.09 39.77
N PRO B 320 -6.52 43.86 40.21
CA PRO B 320 -6.61 43.61 41.64
C PRO B 320 -5.29 43.19 42.27
N LYS B 321 -5.26 43.18 43.59
CA LYS B 321 -4.25 42.42 44.31
C LYS B 321 -4.59 40.97 44.26
N ILE B 322 -3.60 40.11 44.20
CA ILE B 322 -3.82 38.69 44.07
C ILE B 322 -3.34 37.90 45.23
N CYS B 323 -4.18 37.00 45.71
CA CYS B 323 -3.80 36.06 46.74
C CYS B 323 -3.65 34.69 46.13
N PHE B 324 -2.60 34.02 46.57
CA PHE B 324 -2.17 32.77 45.95
C PHE B 324 -2.40 31.57 46.86
N GLY B 325 -2.77 30.47 46.25
CA GLY B 325 -2.81 29.16 46.91
C GLY B 325 -1.89 28.19 46.17
N ASP B 326 -2.04 26.90 46.50
CA ASP B 326 -1.20 25.90 45.89
C ASP B 326 -1.84 25.42 44.57
N GLY B 327 -1.01 24.81 43.72
CA GLY B 327 -1.45 24.36 42.40
C GLY B 327 -0.29 24.42 41.42
N ASP B 328 -0.63 24.58 40.15
CA ASP B 328 0.38 24.58 39.08
C ASP B 328 0.57 25.94 38.41
N GLY B 329 0.07 27.01 39.06
CA GLY B 329 0.16 28.35 38.49
C GLY B 329 -1.14 28.83 37.91
N THR B 330 -1.99 27.90 37.50
CA THR B 330 -3.28 28.16 36.84
C THR B 330 -4.37 27.38 37.54
N VAL B 331 -4.22 26.07 37.59
CA VAL B 331 -5.20 25.17 38.20
C VAL B 331 -4.95 25.02 39.70
N ASN B 332 -5.95 25.38 40.50
CA ASN B 332 -5.81 25.33 41.93
C ASN B 332 -5.76 23.88 42.37
N LEU B 333 -4.94 23.59 43.38
CA LEU B 333 -4.77 22.23 43.87
C LEU B 333 -6.11 21.54 44.21
N LYS B 334 -7.03 22.30 44.80
CA LYS B 334 -8.32 21.72 45.19
C LYS B 334 -9.12 21.19 44.03
N SER B 335 -9.03 21.95 42.94
CA SER B 335 -9.70 21.67 41.70
C SER B 335 -9.14 20.36 41.14
N ALA B 336 -7.82 20.33 40.94
CA ALA B 336 -7.11 19.14 40.50
C ALA B 336 -7.47 17.91 41.35
N LEU B 337 -7.72 18.06 42.63
CA LEU B 337 -7.94 16.91 43.51
C LEU B 337 -9.32 16.28 43.52
N GLN B 338 -10.26 16.80 42.75
CA GLN B 338 -11.57 16.18 42.63
C GLN B 338 -11.47 14.73 42.21
N CYS B 339 -10.37 14.44 41.54
CA CYS B 339 -9.95 13.14 41.11
C CYS B 339 -9.95 12.03 42.16
N GLN B 340 -9.61 12.38 43.39
CA GLN B 340 -9.51 11.47 44.51
C GLN B 340 -10.87 10.89 44.92
N ALA B 341 -11.93 11.69 44.78
CA ALA B 341 -13.29 11.26 45.05
C ALA B 341 -13.73 10.12 44.14
N TRP B 342 -13.21 10.10 42.92
CA TRP B 342 -13.57 9.07 41.97
C TRP B 342 -13.04 7.68 42.30
N GLN B 343 -11.96 7.59 43.07
CA GLN B 343 -11.40 6.30 43.46
C GLN B 343 -12.45 5.28 43.97
N SER B 344 -13.35 5.76 44.82
CA SER B 344 -14.34 4.85 45.41
C SER B 344 -15.62 4.70 44.55
N ARG B 345 -15.71 5.49 43.49
CA ARG B 345 -16.93 5.51 42.67
C ARG B 345 -16.81 4.80 41.33
N GLN B 346 -15.63 4.30 40.98
CA GLN B 346 -15.53 3.40 39.82
C GLN B 346 -14.67 2.20 40.19
N GLU B 347 -14.85 1.12 39.46
CA GLU B 347 -14.01 -0.10 39.54
C GLU B 347 -12.67 0.08 38.90
N HIS B 348 -12.63 0.73 37.75
CA HIS B 348 -11.33 1.01 37.09
C HIS B 348 -10.45 1.80 37.99
N GLN B 349 -9.15 1.54 37.93
CA GLN B 349 -8.20 2.25 38.76
C GLN B 349 -8.16 3.73 38.53
N VAL B 350 -7.98 4.49 39.61
CA VAL B 350 -7.69 5.92 39.57
C VAL B 350 -6.34 6.12 40.26
N LEU B 351 -5.31 6.53 39.50
CA LEU B 351 -4.00 6.75 40.04
C LEU B 351 -3.77 8.24 40.13
N LEU B 352 -3.40 8.73 41.31
CA LEU B 352 -3.05 10.11 41.49
C LEU B 352 -1.53 10.26 41.41
N GLN B 353 -1.05 11.23 40.67
CA GLN B 353 0.37 11.51 40.59
C GLN B 353 0.65 13.00 40.75
N GLU B 354 1.22 13.35 41.89
CA GLU B 354 1.69 14.71 42.12
C GLU B 354 2.96 14.99 41.29
N LEU B 355 3.01 16.20 40.73
CA LEU B 355 4.15 16.72 40.00
C LEU B 355 4.65 17.99 40.69
N PRO B 356 5.46 17.83 41.75
CA PRO B 356 5.88 19.00 42.54
C PRO B 356 6.77 19.90 41.72
N GLY B 357 6.44 21.18 41.68
CA GLY B 357 7.24 22.16 40.96
C GLY B 357 6.94 22.21 39.48
N SER B 358 5.89 21.54 39.03
CA SER B 358 5.56 21.49 37.60
C SER B 358 4.50 22.54 37.28
N GLU B 359 4.88 23.54 36.52
CA GLU B 359 3.96 24.58 36.07
C GLU B 359 3.01 24.06 34.96
N HIS B 360 1.84 24.66 34.91
CA HIS B 360 0.71 24.20 34.13
C HIS B 360 1.04 23.86 32.68
N ILE B 361 1.72 24.74 31.98
CA ILE B 361 2.09 24.49 30.59
C ILE B 361 3.38 23.69 30.46
N GLU B 362 4.36 23.99 31.28
CA GLU B 362 5.64 23.28 31.25
C GLU B 362 5.48 21.79 31.47
N MET B 363 4.41 21.36 32.15
CA MET B 363 4.26 19.95 32.43
C MET B 363 4.19 19.10 31.12
N LEU B 364 3.72 19.73 30.03
CA LEU B 364 3.65 19.04 28.75
C LEU B 364 4.97 18.74 28.06
N ALA B 365 6.04 19.42 28.47
CA ALA B 365 7.36 19.24 27.89
C ALA B 365 8.34 18.73 28.93
N ASN B 366 7.83 18.34 30.08
CA ASN B 366 8.67 17.96 31.21
C ASN B 366 9.02 16.50 31.15
N ALA B 367 10.29 16.18 31.34
CA ALA B 367 10.82 14.79 31.23
C ALA B 367 10.13 13.82 32.16
N THR B 368 9.75 14.24 33.36
CA THR B 368 9.05 13.39 34.31
C THR B 368 7.65 13.08 33.84
N THR B 369 6.96 14.08 33.28
CA THR B 369 5.63 13.84 32.72
C THR B 369 5.72 12.84 31.57
N LEU B 370 6.71 13.04 30.72
CA LEU B 370 6.88 12.20 29.52
C LEU B 370 7.28 10.79 29.91
N ALA B 371 8.11 10.63 30.95
CA ALA B 371 8.47 9.31 31.45
C ALA B 371 7.24 8.58 31.98
N TYR B 372 6.33 9.30 32.63
CA TYR B 372 5.10 8.70 33.15
C TYR B 372 4.23 8.22 31.98
N LEU B 373 4.06 9.08 30.99
CA LEU B 373 3.31 8.72 29.79
C LEU B 373 3.90 7.51 29.08
N LYS B 374 5.22 7.48 28.96
CA LYS B 374 5.91 6.36 28.34
C LYS B 374 5.60 5.04 29.01
N ARG B 375 5.54 5.04 30.33
CA ARG B 375 5.19 3.85 31.13
C ARG B 375 3.75 3.41 30.84
N VAL B 376 2.83 4.37 30.75
CA VAL B 376 1.42 4.06 30.45
C VAL B 376 1.32 3.42 29.03
N LEU B 377 2.02 3.98 28.05
CA LEU B 377 1.94 3.53 26.68
C LEU B 377 2.71 2.26 26.35
N LEU B 378 3.95 2.19 26.82
CA LEU B 378 4.93 1.15 26.41
C LEU B 378 5.09 0.07 27.48
N GLY B 379 4.59 0.28 28.66
CA GLY B 379 4.35 -0.82 29.60
C GLY B 379 5.53 -0.98 30.53
N PRO B 380 5.42 -1.97 31.45
CA PRO B 380 6.38 -2.18 32.55
C PRO B 380 7.75 -2.66 32.07
N HIS C 5 -5.77 11.02 -18.28
CA HIS C 5 -6.95 10.27 -17.83
C HIS C 5 -7.32 10.63 -16.39
N PRO C 6 -8.61 10.73 -16.08
CA PRO C 6 -8.98 11.18 -14.75
C PRO C 6 -8.87 10.11 -13.68
N PRO C 7 -8.63 10.51 -12.42
CA PRO C 7 -8.66 9.54 -11.32
C PRO C 7 -10.03 8.92 -11.12
N VAL C 8 -10.06 7.68 -10.66
CA VAL C 8 -11.28 6.93 -10.50
C VAL C 8 -11.44 6.42 -9.09
N VAL C 9 -12.62 6.62 -8.53
CA VAL C 9 -13.03 5.99 -7.23
C VAL C 9 -14.16 5.01 -7.47
N LEU C 10 -13.97 3.77 -7.01
CA LEU C 10 -14.92 2.69 -7.11
C LEU C 10 -15.72 2.54 -5.82
N VAL C 11 -17.06 2.55 -5.93
CA VAL C 11 -17.98 2.38 -4.81
C VAL C 11 -18.80 1.10 -4.95
N PRO C 12 -18.60 0.15 -4.04
CA PRO C 12 -19.23 -1.16 -4.18
C PRO C 12 -20.67 -1.19 -3.68
N GLY C 13 -21.35 -2.29 -3.98
CA GLY C 13 -22.70 -2.50 -3.52
C GLY C 13 -22.79 -3.32 -2.27
N ASP C 14 -24.01 -3.73 -1.95
CA ASP C 14 -24.27 -4.57 -0.77
C ASP C 14 -23.48 -5.88 -0.90
N LEU C 15 -22.85 -6.33 0.19
CA LEU C 15 -21.99 -7.52 0.16
C LEU C 15 -20.71 -7.33 -0.63
N GLY C 16 -20.44 -6.11 -1.05
CA GLY C 16 -19.51 -5.83 -2.16
C GLY C 16 -18.08 -5.50 -1.79
N ASN C 17 -17.74 -5.68 -0.52
CA ASN C 17 -16.38 -5.59 -0.08
C ASN C 17 -16.15 -6.47 1.13
N GLN C 18 -14.90 -6.82 1.33
CA GLN C 18 -14.55 -7.64 2.46
C GLN C 18 -14.91 -6.95 3.78
N LEU C 19 -15.17 -7.77 4.80
CA LEU C 19 -15.30 -7.31 6.17
C LEU C 19 -14.46 -8.23 7.05
N GLU C 20 -13.89 -7.63 8.10
CA GLU C 20 -13.06 -8.34 9.04
C GLU C 20 -13.61 -8.22 10.44
N ALA C 21 -13.40 -9.25 11.27
CA ALA C 21 -13.86 -9.22 12.63
C ALA C 21 -12.78 -9.61 13.62
N LYS C 22 -12.89 -9.09 14.83
CA LYS C 22 -12.09 -9.50 15.97
C LYS C 22 -13.00 -9.79 17.14
N LEU C 23 -12.73 -10.87 17.88
CA LEU C 23 -13.61 -11.36 18.88
C LEU C 23 -12.98 -11.33 20.31
N ASP C 24 -13.81 -11.01 21.28
CA ASP C 24 -13.58 -11.26 22.70
C ASP C 24 -14.94 -11.45 23.37
N LYS C 25 -15.63 -12.54 23.04
CA LYS C 25 -17.04 -12.70 23.35
C LYS C 25 -17.22 -13.33 24.72
N PRO C 26 -18.23 -12.90 25.48
CA PRO C 26 -18.47 -13.54 26.80
C PRO C 26 -19.01 -14.96 26.66
N THR C 27 -19.85 -15.19 25.64
CA THR C 27 -20.46 -16.49 25.40
C THR C 27 -20.50 -16.79 23.90
N VAL C 28 -20.63 -18.06 23.58
CA VAL C 28 -20.82 -18.50 22.19
C VAL C 28 -22.03 -19.41 22.08
N VAL C 29 -22.54 -19.55 20.86
CA VAL C 29 -23.72 -20.38 20.60
C VAL C 29 -23.40 -21.88 20.47
N HIS C 30 -22.16 -22.21 20.09
CA HIS C 30 -21.66 -23.59 20.09
C HIS C 30 -20.26 -23.62 20.62
N TYR C 31 -19.87 -24.74 21.24
CA TYR C 31 -18.49 -24.87 21.73
C TYR C 31 -17.42 -24.70 20.69
N LEU C 32 -17.74 -25.10 19.48
CA LEU C 32 -16.75 -25.05 18.40
C LEU C 32 -16.61 -23.64 17.81
N CYS C 33 -17.42 -22.67 18.28
CA CYS C 33 -17.20 -21.25 17.92
C CYS C 33 -16.06 -20.64 18.74
N SER C 34 -15.13 -19.93 18.10
CA SER C 34 -14.10 -19.18 18.83
C SER C 34 -14.70 -18.06 19.67
N LYS C 35 -14.30 -17.97 20.93
CA LYS C 35 -14.66 -16.83 21.80
C LYS C 35 -13.74 -15.64 21.57
N LYS C 36 -12.47 -15.89 21.24
CA LYS C 36 -11.48 -14.85 21.21
C LYS C 36 -10.56 -15.02 20.00
N THR C 37 -10.24 -13.92 19.33
CA THR C 37 -9.16 -13.88 18.37
C THR C 37 -8.16 -12.81 18.78
N GLU C 38 -6.87 -13.02 18.50
CA GLU C 38 -5.85 -12.01 18.82
C GLU C 38 -5.80 -10.89 17.79
N SER C 39 -6.26 -11.17 16.58
CA SER C 39 -6.34 -10.13 15.55
C SER C 39 -7.60 -10.29 14.72
N TYR C 40 -7.75 -9.43 13.72
CA TYR C 40 -8.87 -9.50 12.81
C TYR C 40 -8.72 -10.72 11.88
N PHE C 41 -9.85 -11.32 11.50
CA PHE C 41 -9.89 -12.32 10.46
C PHE C 41 -11.02 -11.94 9.50
N THR C 42 -10.98 -12.50 8.29
CA THR C 42 -11.99 -12.21 7.28
C THR C 42 -13.31 -12.90 7.61
N ILE C 43 -14.34 -12.10 7.82
CA ILE C 43 -15.67 -12.63 8.12
C ILE C 43 -16.58 -12.65 6.88
N TRP C 44 -16.26 -11.80 5.91
CA TRP C 44 -16.90 -11.83 4.57
C TRP C 44 -15.83 -11.49 3.55
N LEU C 45 -15.61 -12.32 2.52
CA LEU C 45 -16.25 -13.61 2.26
C LEU C 45 -15.26 -14.72 2.60
N ASN C 46 -15.67 -15.63 3.48
CA ASN C 46 -14.95 -16.86 3.72
C ASN C 46 -15.95 -18.00 3.75
N LEU C 47 -15.86 -18.85 2.75
CA LEU C 47 -16.87 -19.89 2.52
C LEU C 47 -16.93 -20.91 3.64
N GLU C 48 -15.81 -21.14 4.28
CA GLU C 48 -15.75 -22.13 5.36
C GLU C 48 -16.55 -21.72 6.59
N LEU C 49 -16.85 -20.43 6.73
CA LEU C 49 -17.62 -19.93 7.87
C LEU C 49 -19.12 -20.10 7.67
N LEU C 50 -19.53 -20.48 6.47
CA LEU C 50 -20.93 -20.57 6.11
C LEU C 50 -21.48 -22.03 6.11
N LEU C 51 -20.63 -22.98 6.43
CA LEU C 51 -20.98 -24.39 6.50
C LEU C 51 -21.97 -24.65 7.65
N PRO C 52 -22.74 -25.77 7.57
CA PRO C 52 -23.72 -26.01 8.64
C PRO C 52 -23.04 -26.03 10.02
N VAL C 53 -23.80 -25.57 11.02
CA VAL C 53 -23.34 -25.44 12.43
C VAL C 53 -22.41 -24.26 12.63
N ILE C 54 -21.28 -24.26 11.92
CA ILE C 54 -20.35 -23.13 11.96
C ILE C 54 -21.04 -21.83 11.57
N ILE C 55 -22.02 -21.90 10.68
CA ILE C 55 -22.75 -20.70 10.28
C ILE C 55 -23.43 -20.00 11.45
N ASP C 56 -23.77 -20.73 12.51
CA ASP C 56 -24.35 -20.08 13.69
C ASP C 56 -23.33 -19.15 14.36
N CYS C 57 -22.07 -19.56 14.37
CA CYS C 57 -20.98 -18.71 14.89
C CYS C 57 -20.87 -17.44 14.06
N TRP C 58 -20.92 -17.60 12.74
CA TRP C 58 -20.82 -16.49 11.80
C TRP C 58 -21.97 -15.51 12.03
N ILE C 59 -23.18 -16.02 12.06
CA ILE C 59 -24.37 -15.19 12.31
C ILE C 59 -24.23 -14.43 13.62
N ASP C 60 -23.77 -15.11 14.66
CA ASP C 60 -23.61 -14.46 15.97
C ASP C 60 -22.61 -13.32 15.96
N ASN C 61 -21.64 -13.36 15.05
CA ASN C 61 -20.63 -12.32 14.93
C ASN C 61 -20.99 -11.21 13.95
N ILE C 62 -21.60 -11.58 12.83
CA ILE C 62 -21.82 -10.61 11.74
C ILE C 62 -23.21 -9.94 11.77
N ARG C 63 -24.11 -10.46 12.63
CA ARG C 63 -25.38 -9.77 12.85
C ARG C 63 -25.14 -8.40 13.46
N LEU C 64 -26.05 -7.46 13.15
CA LEU C 64 -26.12 -6.20 13.87
C LEU C 64 -27.21 -6.32 14.96
N VAL C 65 -26.97 -5.66 16.08
CA VAL C 65 -27.95 -5.53 17.14
C VAL C 65 -28.60 -4.15 17.01
N TYR C 66 -29.93 -4.12 16.99
CA TYR C 66 -30.65 -2.84 16.91
C TYR C 66 -30.96 -2.34 18.32
N ASN C 67 -30.52 -1.13 18.62
CA ASN C 67 -30.83 -0.47 19.89
C ASN C 67 -31.97 0.51 19.70
N LYS C 68 -33.12 0.21 20.27
CA LYS C 68 -34.32 1.07 20.15
C LYS C 68 -34.16 2.44 20.80
N THR C 69 -33.31 2.50 21.82
CA THR C 69 -33.03 3.75 22.55
C THR C 69 -32.24 4.72 21.70
N SER C 70 -31.14 4.26 21.16
CA SER C 70 -30.30 5.08 20.32
C SER C 70 -30.82 5.17 18.88
N ARG C 71 -31.75 4.31 18.48
CA ARG C 71 -32.15 4.16 17.09
C ARG C 71 -30.91 3.96 16.21
N ALA C 72 -30.05 3.04 16.63
CA ALA C 72 -28.82 2.79 15.92
C ALA C 72 -28.47 1.29 16.06
N THR C 73 -27.60 0.79 15.18
CA THR C 73 -27.09 -0.55 15.31
C THR C 73 -25.79 -0.56 16.08
N GLN C 74 -25.52 -1.69 16.71
CA GLN C 74 -24.22 -1.94 17.31
C GLN C 74 -23.83 -3.39 17.07
N PHE C 75 -22.56 -3.71 17.29
CA PHE C 75 -22.10 -5.08 17.12
C PHE C 75 -22.48 -5.91 18.36
N PRO C 76 -22.63 -7.22 18.23
CA PRO C 76 -22.78 -8.07 19.40
C PRO C 76 -21.70 -7.90 20.45
N ASP C 77 -21.97 -8.22 21.69
CA ASP C 77 -20.98 -8.08 22.77
C ASP C 77 -19.70 -8.77 22.39
N GLY C 78 -18.59 -8.03 22.53
CA GLY C 78 -17.27 -8.59 22.26
C GLY C 78 -16.93 -8.84 20.78
N VAL C 79 -17.68 -8.26 19.88
CA VAL C 79 -17.38 -8.34 18.47
C VAL C 79 -17.06 -6.99 17.90
N ASP C 80 -15.96 -6.89 17.16
CA ASP C 80 -15.70 -5.72 16.34
C ASP C 80 -15.61 -6.11 14.88
N VAL C 81 -16.18 -5.28 14.01
CA VAL C 81 -16.15 -5.47 12.59
C VAL C 81 -15.59 -4.24 11.92
N ARG C 82 -14.53 -4.42 11.09
CA ARG C 82 -13.94 -3.29 10.37
C ARG C 82 -13.90 -3.55 8.86
N VAL C 83 -13.77 -2.47 8.10
CA VAL C 83 -13.73 -2.51 6.64
C VAL C 83 -12.27 -2.35 6.20
N PRO C 84 -11.62 -3.40 5.71
CA PRO C 84 -10.27 -3.26 5.21
C PRO C 84 -10.21 -2.62 3.81
N GLY C 85 -9.05 -2.09 3.44
CA GLY C 85 -8.78 -1.72 2.06
C GLY C 85 -9.34 -0.40 1.57
N PHE C 86 -9.69 0.51 2.48
CA PHE C 86 -10.15 1.82 2.05
C PHE C 86 -9.04 2.56 1.36
N GLY C 87 -9.30 3.06 0.16
CA GLY C 87 -8.28 3.74 -0.63
C GLY C 87 -7.52 2.78 -1.50
N LYS C 88 -7.72 1.47 -1.35
CA LYS C 88 -7.08 0.44 -2.15
C LYS C 88 -8.16 -0.26 -2.95
N THR C 89 -7.80 -1.32 -3.68
CA THR C 89 -8.80 -2.02 -4.52
C THR C 89 -8.95 -3.47 -4.17
N PHE C 90 -8.02 -4.07 -3.45
CA PHE C 90 -8.07 -5.52 -3.24
C PHE C 90 -9.39 -6.00 -2.64
N SER C 91 -9.96 -5.23 -1.72
CA SER C 91 -11.13 -5.71 -0.92
C SER C 91 -12.44 -5.61 -1.67
N LEU C 92 -12.46 -4.83 -2.76
CA LEU C 92 -13.59 -4.83 -3.67
C LEU C 92 -13.34 -5.65 -4.94
N GLU C 93 -12.08 -5.92 -5.28
CA GLU C 93 -11.78 -6.77 -6.45
C GLU C 93 -12.21 -8.20 -6.17
N PHE C 94 -11.84 -8.68 -4.99
CA PHE C 94 -12.11 -10.04 -4.56
C PHE C 94 -12.77 -10.01 -3.19
N LEU C 95 -13.97 -10.56 -3.09
CA LEU C 95 -14.68 -10.63 -1.82
C LEU C 95 -14.09 -11.68 -0.91
N ASP C 96 -13.57 -12.75 -1.51
CA ASP C 96 -12.85 -13.79 -0.79
C ASP C 96 -11.35 -13.55 -1.01
N PRO C 97 -10.61 -13.33 0.09
CA PRO C 97 -9.17 -13.07 -0.06
C PRO C 97 -8.36 -14.24 -0.62
N SER C 98 -8.93 -15.44 -0.70
CA SER C 98 -8.33 -16.53 -1.50
C SER C 98 -8.27 -16.20 -2.99
N LYS C 99 -9.03 -15.17 -3.40
CA LYS C 99 -9.11 -14.68 -4.79
C LYS C 99 -9.80 -15.65 -5.71
N SER C 100 -10.66 -16.51 -5.11
CA SER C 100 -11.43 -17.42 -5.91
C SER C 100 -12.43 -16.62 -6.79
N SER C 101 -12.75 -17.19 -7.94
CA SER C 101 -13.69 -16.55 -8.87
C SER C 101 -15.07 -16.37 -8.25
N VAL C 102 -15.44 -17.20 -7.28
CA VAL C 102 -16.71 -17.06 -6.58
C VAL C 102 -16.86 -15.64 -5.97
N GLY C 103 -15.76 -15.02 -5.55
CA GLY C 103 -15.83 -13.69 -5.00
C GLY C 103 -15.38 -12.56 -5.94
N SER C 104 -15.20 -12.85 -7.22
CA SER C 104 -14.63 -11.87 -8.12
C SER C 104 -15.69 -10.82 -8.41
N TYR C 105 -15.39 -9.56 -8.08
CA TYR C 105 -16.40 -8.53 -8.14
C TYR C 105 -15.88 -7.37 -9.02
N PHE C 106 -15.05 -6.48 -8.50
CA PHE C 106 -14.46 -5.45 -9.32
C PHE C 106 -13.15 -5.87 -10.03
N HIS C 107 -12.71 -7.13 -9.85
CA HIS C 107 -11.42 -7.48 -10.39
C HIS C 107 -11.23 -7.26 -11.90
N THR C 108 -12.20 -7.69 -12.69
CA THR C 108 -12.04 -7.57 -14.14
C THR C 108 -11.97 -6.06 -14.49
N MET C 109 -12.78 -5.21 -13.86
CA MET C 109 -12.76 -3.81 -14.15
C MET C 109 -11.43 -3.16 -13.77
N VAL C 110 -10.89 -3.52 -12.63
CA VAL C 110 -9.60 -2.94 -12.21
C VAL C 110 -8.46 -3.41 -13.12
N GLU C 111 -8.47 -4.70 -13.51
CA GLU C 111 -7.51 -5.17 -14.50
C GLU C 111 -7.55 -4.33 -15.78
N SER C 112 -8.76 -4.04 -16.24
CA SER C 112 -8.93 -3.20 -17.43
C SER C 112 -8.37 -1.80 -17.24
N LEU C 113 -8.74 -1.18 -16.13
CA LEU C 113 -8.22 0.17 -15.78
C LEU C 113 -6.69 0.17 -15.75
N VAL C 114 -6.10 -0.82 -15.11
CA VAL C 114 -4.66 -0.94 -15.03
C VAL C 114 -4.04 -1.14 -16.43
N GLY C 115 -4.68 -1.96 -17.26
CA GLY C 115 -4.26 -2.11 -18.65
C GLY C 115 -4.33 -0.80 -19.42
N TRP C 116 -5.23 0.12 -19.04
CA TRP C 116 -5.32 1.45 -19.64
C TRP C 116 -4.38 2.48 -19.07
N GLY C 117 -3.62 2.08 -18.04
CA GLY C 117 -2.60 2.96 -17.47
C GLY C 117 -2.85 3.45 -16.05
N TYR C 118 -3.91 2.97 -15.40
CA TYR C 118 -4.19 3.29 -13.99
C TYR C 118 -3.25 2.47 -13.08
N THR C 119 -3.15 2.92 -11.85
CA THR C 119 -2.33 2.32 -10.82
C THR C 119 -3.13 2.02 -9.58
N ARG C 120 -3.16 0.76 -9.16
CA ARG C 120 -3.93 0.36 -7.95
C ARG C 120 -3.51 1.16 -6.72
N GLY C 121 -4.48 1.76 -6.03
CA GLY C 121 -4.14 2.48 -4.78
C GLY C 121 -3.73 3.90 -5.03
N GLU C 122 -3.58 4.28 -6.29
CA GLU C 122 -3.09 5.61 -6.63
C GLU C 122 -4.22 6.33 -7.38
N ASP C 123 -4.24 6.24 -8.70
CA ASP C 123 -5.25 6.97 -9.47
C ASP C 123 -6.53 6.12 -9.73
N VAL C 124 -6.53 4.86 -9.28
CA VAL C 124 -7.77 4.13 -9.07
C VAL C 124 -7.79 3.64 -7.63
N ARG C 125 -8.84 4.03 -6.91
CA ARG C 125 -9.00 3.62 -5.52
C ARG C 125 -10.38 3.16 -5.19
N GLY C 126 -10.51 2.23 -4.27
CA GLY C 126 -11.80 1.79 -3.77
C GLY C 126 -12.29 2.56 -2.58
N ALA C 127 -13.60 2.65 -2.45
CA ALA C 127 -14.29 3.23 -1.32
C ALA C 127 -15.23 2.19 -0.70
N PRO C 128 -14.66 1.07 -0.20
CA PRO C 128 -15.44 0.08 0.52
C PRO C 128 -16.01 0.62 1.85
N TYR C 129 -17.11 -0.01 2.29
CA TYR C 129 -17.82 0.45 3.46
C TYR C 129 -18.50 -0.73 4.10
N ASP C 130 -19.00 -0.51 5.33
CA ASP C 130 -19.82 -1.49 6.02
C ASP C 130 -21.19 -1.47 5.41
N TRP C 131 -21.37 -2.33 4.43
CA TRP C 131 -22.61 -2.40 3.64
C TRP C 131 -23.79 -3.01 4.43
N ARG C 132 -23.56 -3.44 5.67
CA ARG C 132 -24.65 -3.85 6.56
C ARG C 132 -25.45 -2.63 7.04
N ARG C 133 -24.87 -1.44 7.00
CA ARG C 133 -25.52 -0.22 7.38
C ARG C 133 -25.95 0.60 6.19
N ALA C 134 -26.86 1.51 6.44
CA ALA C 134 -27.30 2.54 5.50
C ALA C 134 -26.50 3.80 5.72
N PRO C 135 -26.66 4.82 4.88
CA PRO C 135 -25.83 6.02 5.01
C PRO C 135 -25.87 6.73 6.35
N ASN C 136 -26.97 6.65 7.04
CA ASN C 136 -27.11 7.33 8.35
C ASN C 136 -26.12 6.84 9.39
N GLU C 137 -25.62 5.61 9.20
CA GLU C 137 -24.62 5.05 10.12
C GLU C 137 -23.27 4.84 9.47
N ASN C 138 -22.99 5.60 8.44
CA ASN C 138 -21.70 5.55 7.75
C ASN C 138 -21.19 6.96 7.50
N GLY C 139 -21.41 7.84 8.47
CA GLY C 139 -20.89 9.22 8.42
C GLY C 139 -19.40 9.28 8.19
N PRO C 140 -18.61 8.54 8.98
CA PRO C 140 -17.13 8.59 8.81
C PRO C 140 -16.68 8.16 7.41
N TYR C 141 -17.35 7.19 6.81
CA TYR C 141 -17.08 6.81 5.43
C TYR C 141 -17.22 7.98 4.48
N PHE C 142 -18.28 8.75 4.61
CA PHE C 142 -18.51 9.89 3.69
C PHE C 142 -17.47 10.99 3.87
N LEU C 143 -17.02 11.19 5.11
CA LEU C 143 -15.92 12.13 5.34
C LEU C 143 -14.65 11.63 4.66
N ALA C 144 -14.35 10.36 4.79
CA ALA C 144 -13.17 9.76 4.16
C ALA C 144 -13.27 9.81 2.65
N LEU C 145 -14.46 9.57 2.11
CA LEU C 145 -14.68 9.63 0.67
C LEU C 145 -14.42 11.04 0.13
N ARG C 146 -14.95 12.04 0.82
CA ARG C 146 -14.70 13.45 0.45
C ARG C 146 -13.22 13.76 0.46
N GLU C 147 -12.54 13.37 1.53
CA GLU C 147 -11.10 13.61 1.64
C GLU C 147 -10.31 12.87 0.58
N MET C 148 -10.67 11.64 0.28
CA MET C 148 -9.95 10.84 -0.73
C MET C 148 -10.14 11.45 -2.12
N ILE C 149 -11.34 11.92 -2.43
CA ILE C 149 -11.59 12.60 -3.70
C ILE C 149 -10.73 13.86 -3.81
N GLU C 150 -10.69 14.66 -2.76
CA GLU C 150 -9.86 15.86 -2.76
C GLU C 150 -8.36 15.55 -2.94
N GLU C 151 -7.90 14.51 -2.27
CA GLU C 151 -6.53 14.04 -2.40
C GLU C 151 -6.18 13.61 -3.81
N MET C 152 -7.08 12.84 -4.39
CA MET C 152 -6.87 12.34 -5.74
C MET C 152 -6.83 13.50 -6.75
N TYR C 153 -7.70 14.48 -6.55
CA TYR C 153 -7.73 15.67 -7.37
C TYR C 153 -6.39 16.39 -7.37
N GLN C 154 -5.86 16.55 -6.15
CA GLN C 154 -4.57 17.23 -5.98
C GLN C 154 -3.40 16.46 -6.52
N LEU C 155 -3.37 15.16 -6.26
CA LEU C 155 -2.26 14.31 -6.69
C LEU C 155 -2.20 14.16 -8.17
N TYR C 156 -3.36 13.89 -8.79
CA TYR C 156 -3.38 13.49 -10.22
C TYR C 156 -3.80 14.61 -11.12
N GLY C 157 -4.13 15.78 -10.56
CA GLY C 157 -4.26 17.00 -11.38
C GLY C 157 -5.59 17.21 -12.09
N GLY C 158 -6.64 16.61 -11.58
CA GLY C 158 -7.95 16.80 -12.17
C GLY C 158 -9.06 16.13 -11.41
N PRO C 159 -10.31 16.50 -11.76
CA PRO C 159 -11.50 15.96 -11.09
C PRO C 159 -11.67 14.46 -11.33
N VAL C 160 -12.38 13.81 -10.41
CA VAL C 160 -12.47 12.37 -10.34
C VAL C 160 -13.76 11.84 -10.97
N VAL C 161 -13.67 10.61 -11.50
CA VAL C 161 -14.82 9.89 -11.99
C VAL C 161 -15.20 8.88 -10.90
N LEU C 162 -16.44 8.98 -10.41
CA LEU C 162 -17.00 8.01 -9.47
C LEU C 162 -17.67 6.90 -10.22
N VAL C 163 -17.35 5.67 -9.90
CA VAL C 163 -17.92 4.50 -10.58
C VAL C 163 -18.53 3.64 -9.51
N ALA C 164 -19.85 3.50 -9.49
CA ALA C 164 -20.57 2.81 -8.40
C ALA C 164 -21.40 1.67 -8.93
N HIS C 165 -21.48 0.61 -8.17
CA HIS C 165 -22.27 -0.56 -8.50
C HIS C 165 -23.37 -0.75 -7.47
N SER C 166 -24.56 -1.01 -7.98
CA SER C 166 -25.70 -1.45 -7.17
C SER C 166 -26.01 -0.47 -6.06
N MET C 167 -26.11 -0.92 -4.81
CA MET C 167 -26.38 0.00 -3.69
C MET C 167 -25.32 1.11 -3.53
N GLY C 168 -24.11 0.88 -4.02
CA GLY C 168 -23.10 1.91 -4.01
C GLY C 168 -23.56 3.17 -4.72
N ASN C 169 -24.49 3.04 -5.65
CA ASN C 169 -25.04 4.20 -6.34
C ASN C 169 -25.87 5.08 -5.43
N MET C 170 -26.57 4.44 -4.52
N MET C 170 -26.57 4.44 -4.52
CA MET C 170 -27.42 5.16 -3.58
CA MET C 170 -27.41 5.15 -3.57
C MET C 170 -26.56 5.83 -2.50
C MET C 170 -26.55 5.83 -2.50
N TYR C 171 -25.50 5.14 -2.06
CA TYR C 171 -24.47 5.75 -1.21
C TYR C 171 -23.86 7.00 -1.89
N THR C 172 -23.49 6.86 -3.16
CA THR C 172 -22.89 7.95 -3.90
C THR C 172 -23.85 9.11 -4.12
N LEU C 173 -25.12 8.82 -4.45
CA LEU C 173 -26.12 9.87 -4.56
C LEU C 173 -26.34 10.64 -3.26
N TYR C 174 -26.42 9.91 -2.16
CA TYR C 174 -26.53 10.51 -0.83
C TYR C 174 -25.39 11.48 -0.64
N PHE C 175 -24.18 11.01 -0.90
CA PHE C 175 -22.98 11.83 -0.75
C PHE C 175 -23.09 13.12 -1.58
N LEU C 176 -23.37 12.97 -2.86
CA LEU C 176 -23.40 14.08 -3.78
C LEU C 176 -24.51 15.07 -3.48
N GLN C 177 -25.67 14.59 -3.07
CA GLN C 177 -26.79 15.48 -2.67
C GLN C 177 -26.41 16.41 -1.52
N ARG C 178 -25.48 15.97 -0.69
CA ARG C 178 -25.06 16.75 0.44
C ARG C 178 -23.81 17.58 0.27
N GLN C 179 -23.21 17.57 -0.92
CA GLN C 179 -22.06 18.44 -1.21
C GLN C 179 -22.54 19.66 -1.98
N PRO C 180 -22.02 20.83 -1.69
CA PRO C 180 -22.34 22.05 -2.46
C PRO C 180 -22.03 21.86 -3.94
N GLN C 181 -22.81 22.53 -4.77
CA GLN C 181 -22.63 22.48 -6.21
C GLN C 181 -21.22 22.89 -6.63
N ALA C 182 -20.67 23.91 -5.99
CA ALA C 182 -19.32 24.38 -6.33
C ALA C 182 -18.27 23.31 -6.08
N TRP C 183 -18.47 22.54 -5.00
CA TRP C 183 -17.54 21.46 -4.65
C TRP C 183 -17.58 20.40 -5.75
N LYS C 184 -18.79 20.01 -6.15
CA LYS C 184 -18.94 18.97 -7.16
C LYS C 184 -18.38 19.42 -8.48
N ASP C 185 -18.60 20.69 -8.86
CA ASP C 185 -18.09 21.21 -10.12
C ASP C 185 -16.59 21.17 -10.18
N LYS C 186 -15.94 21.39 -9.04
CA LYS C 186 -14.49 21.35 -8.99
C LYS C 186 -13.93 19.93 -8.97
N TYR C 187 -14.50 19.08 -8.12
CA TYR C 187 -13.87 17.78 -7.78
C TYR C 187 -14.41 16.55 -8.49
N ILE C 188 -15.60 16.64 -9.08
CA ILE C 188 -16.20 15.48 -9.75
C ILE C 188 -16.29 15.72 -11.24
N ARG C 189 -15.67 14.84 -12.01
CA ARG C 189 -15.74 14.90 -13.47
C ARG C 189 -17.05 14.27 -13.95
N ALA C 190 -17.33 13.07 -13.47
CA ALA C 190 -18.54 12.37 -13.81
C ALA C 190 -18.84 11.31 -12.77
N PHE C 191 -20.07 10.82 -12.83
CA PHE C 191 -20.57 9.71 -12.02
C PHE C 191 -21.05 8.65 -13.03
N VAL C 192 -20.38 7.50 -13.05
CA VAL C 192 -20.81 6.35 -13.82
C VAL C 192 -21.54 5.40 -12.89
N SER C 193 -22.83 5.24 -13.14
CA SER C 193 -23.77 4.55 -12.27
C SER C 193 -24.13 3.20 -12.85
N LEU C 194 -23.71 2.10 -12.24
CA LEU C 194 -23.87 0.76 -12.80
C LEU C 194 -24.87 -0.07 -12.00
N GLY C 195 -26.01 -0.36 -12.61
CA GLY C 195 -27.04 -1.18 -11.95
C GLY C 195 -27.62 -0.54 -10.70
N ALA C 196 -27.91 0.76 -10.73
CA ALA C 196 -28.45 1.47 -9.58
C ALA C 196 -29.91 1.13 -9.28
N PRO C 197 -30.22 0.67 -8.04
CA PRO C 197 -31.52 0.44 -7.51
C PRO C 197 -32.05 1.70 -6.88
N TRP C 198 -32.22 2.69 -7.73
CA TRP C 198 -32.60 4.03 -7.25
C TRP C 198 -33.85 4.03 -6.36
N GLY C 199 -34.86 3.21 -6.70
CA GLY C 199 -36.07 3.15 -5.87
C GLY C 199 -36.28 1.88 -5.08
N GLY C 200 -35.21 1.23 -4.74
CA GLY C 200 -35.20 -0.05 -4.02
C GLY C 200 -35.26 -1.23 -4.96
N VAL C 201 -35.15 -2.44 -4.41
CA VAL C 201 -35.32 -3.67 -5.19
C VAL C 201 -36.38 -4.58 -4.53
N ALA C 202 -37.26 -5.19 -5.35
CA ALA C 202 -38.39 -5.90 -4.82
C ALA C 202 -37.98 -7.10 -3.96
N LYS C 203 -36.86 -7.73 -4.28
CA LYS C 203 -36.48 -8.93 -3.53
C LYS C 203 -36.19 -8.76 -2.05
N THR C 204 -35.96 -7.51 -1.65
CA THR C 204 -35.80 -7.23 -0.18
C THR C 204 -36.99 -7.69 0.65
N LEU C 205 -38.19 -7.64 0.10
CA LEU C 205 -39.36 -8.13 0.83
C LEU C 205 -39.24 -9.62 1.19
N ARG C 206 -38.80 -10.39 0.21
CA ARG C 206 -38.69 -11.84 0.42
C ARG C 206 -37.57 -12.13 1.41
N VAL C 207 -36.43 -11.41 1.23
CA VAL C 207 -35.30 -11.58 2.14
C VAL C 207 -35.74 -11.37 3.60
N LEU C 208 -36.43 -10.29 3.86
CA LEU C 208 -36.83 -9.95 5.23
C LEU C 208 -37.90 -10.86 5.76
N ALA C 209 -38.88 -11.23 4.93
CA ALA C 209 -39.97 -12.10 5.40
C ALA C 209 -39.45 -13.51 5.69
N SER C 210 -38.82 -14.13 4.70
CA SER C 210 -38.59 -15.58 4.74
C SER C 210 -37.14 -16.02 4.48
N GLY C 211 -36.23 -15.06 4.30
CA GLY C 211 -34.83 -15.36 4.06
C GLY C 211 -34.53 -15.67 2.60
N ASP C 212 -33.29 -15.52 2.21
CA ASP C 212 -32.82 -15.85 0.88
C ASP C 212 -31.48 -16.56 1.00
N ASN C 213 -31.48 -17.86 0.76
CA ASN C 213 -30.26 -18.65 0.72
C ASN C 213 -29.84 -19.05 -0.71
N ASN C 214 -30.36 -18.34 -1.71
CA ASN C 214 -30.25 -18.60 -3.14
C ASN C 214 -28.88 -19.04 -3.61
N ARG C 215 -27.92 -18.38 -2.98
CA ARG C 215 -26.48 -18.52 -3.29
C ARG C 215 -25.75 -19.41 -2.30
N ILE C 216 -26.49 -20.21 -1.52
CA ILE C 216 -25.90 -20.93 -0.38
C ILE C 216 -26.99 -21.94 0.03
N PRO C 217 -27.33 -22.86 -0.88
CA PRO C 217 -28.42 -23.81 -0.70
C PRO C 217 -28.21 -24.85 0.43
N VAL C 218 -26.99 -25.05 0.83
CA VAL C 218 -26.66 -25.92 1.93
C VAL C 218 -27.10 -25.30 3.29
N ILE C 219 -27.36 -24.00 3.29
CA ILE C 219 -27.91 -23.36 4.50
C ILE C 219 -29.36 -22.99 4.38
N GLY C 220 -30.05 -23.14 5.50
CA GLY C 220 -31.47 -22.86 5.61
C GLY C 220 -31.78 -21.39 5.38
N PRO C 221 -32.87 -21.12 4.65
CA PRO C 221 -33.24 -19.72 4.45
C PRO C 221 -33.63 -19.04 5.79
N LEU C 222 -34.23 -19.78 6.73
CA LEU C 222 -34.64 -19.18 8.00
C LEU C 222 -33.46 -18.89 8.90
N LYS C 223 -32.35 -19.61 8.71
CA LYS C 223 -31.09 -19.35 9.46
C LYS C 223 -30.44 -18.07 8.97
N ILE C 224 -30.23 -17.97 7.66
CA ILE C 224 -29.60 -16.76 7.08
C ILE C 224 -30.48 -15.51 7.20
N ARG C 225 -31.79 -15.70 7.30
CA ARG C 225 -32.75 -14.59 7.53
C ARG C 225 -32.36 -13.75 8.73
N GLU C 226 -31.83 -14.42 9.76
CA GLU C 226 -31.39 -13.72 10.98
C GLU C 226 -30.38 -12.63 10.66
N GLN C 227 -29.38 -12.94 9.84
CA GLN C 227 -28.39 -11.96 9.45
C GLN C 227 -28.98 -10.89 8.53
N GLN C 228 -29.77 -11.33 7.57
CA GLN C 228 -30.29 -10.43 6.55
C GLN C 228 -31.21 -9.38 7.13
N ARG C 229 -32.02 -9.75 8.12
CA ARG C 229 -32.88 -8.80 8.82
C ARG C 229 -32.08 -7.82 9.64
N SER C 230 -30.97 -8.29 10.24
CA SER C 230 -30.16 -7.47 11.12
C SER C 230 -29.43 -6.34 10.40
N ALA C 231 -29.24 -6.52 9.08
CA ALA C 231 -28.57 -5.49 8.26
C ALA C 231 -29.55 -4.36 7.91
N VAL C 232 -29.31 -3.17 8.41
CA VAL C 232 -30.15 -1.99 8.10
C VAL C 232 -30.28 -1.75 6.62
N SER C 233 -29.24 -2.00 5.89
CA SER C 233 -29.22 -1.76 4.42
C SER C 233 -30.28 -2.59 3.73
N THR C 234 -30.67 -3.75 4.25
CA THR C 234 -31.78 -4.50 3.65
C THR C 234 -33.11 -3.74 3.68
N SER C 235 -33.49 -3.23 4.83
CA SER C 235 -34.71 -2.45 4.97
C SER C 235 -34.65 -1.10 4.24
N TRP C 236 -33.46 -0.55 4.15
CA TRP C 236 -33.22 0.70 3.36
C TRP C 236 -33.55 0.53 1.92
N LEU C 237 -33.35 -0.66 1.39
CA LEU C 237 -33.58 -0.95 -0.05
C LEU C 237 -34.95 -1.51 -0.36
N LEU C 238 -35.91 -1.48 0.57
CA LEU C 238 -37.30 -1.73 0.24
C LEU C 238 -37.76 -0.73 -0.81
N PRO C 239 -38.67 -1.14 -1.70
CA PRO C 239 -39.19 -0.27 -2.73
C PRO C 239 -39.69 1.09 -2.20
N TYR C 240 -39.42 2.11 -3.01
CA TYR C 240 -39.83 3.48 -2.73
C TYR C 240 -40.95 3.95 -3.63
N ASN C 241 -41.76 4.89 -3.13
CA ASN C 241 -42.91 5.37 -3.92
C ASN C 241 -42.60 6.27 -5.09
N TYR C 242 -41.37 6.71 -5.22
CA TYR C 242 -41.02 7.52 -6.38
C TYR C 242 -40.67 6.68 -7.60
N THR C 243 -40.57 5.37 -7.41
CA THR C 243 -40.33 4.42 -8.48
C THR C 243 -41.52 3.52 -8.67
N TRP C 244 -42.14 3.12 -7.59
CA TRP C 244 -43.23 2.21 -7.68
C TRP C 244 -44.53 2.86 -7.27
N SER C 245 -45.60 2.37 -7.87
CA SER C 245 -46.92 2.75 -7.50
C SER C 245 -47.20 2.38 -6.05
N PRO C 246 -47.81 3.29 -5.28
CA PRO C 246 -48.15 2.96 -3.90
C PRO C 246 -49.16 1.80 -3.77
N GLU C 247 -49.85 1.46 -4.85
CA GLU C 247 -50.81 0.38 -4.84
C GLU C 247 -50.26 -0.98 -5.36
N LYS C 248 -49.00 -1.02 -5.82
CA LYS C 248 -48.41 -2.27 -6.21
C LYS C 248 -48.24 -3.22 -5.01
N VAL C 249 -48.73 -4.45 -5.14
CA VAL C 249 -48.51 -5.47 -4.13
C VAL C 249 -47.19 -6.15 -4.34
N PHE C 250 -46.31 -6.05 -3.36
CA PHE C 250 -45.01 -6.77 -3.40
C PHE C 250 -45.09 -8.15 -2.76
N VAL C 251 -45.95 -8.27 -1.74
CA VAL C 251 -46.12 -9.49 -1.01
C VAL C 251 -47.60 -9.78 -0.85
N GLN C 252 -48.02 -10.95 -1.32
CA GLN C 252 -49.38 -11.38 -1.13
C GLN C 252 -49.40 -12.66 -0.32
N THR C 253 -50.32 -12.74 0.65
CA THR C 253 -50.54 -13.93 1.43
C THR C 253 -52.03 -14.23 1.40
N PRO C 254 -52.45 -15.35 2.03
CA PRO C 254 -53.90 -15.67 1.98
C PRO C 254 -54.79 -14.64 2.66
N THR C 255 -54.27 -13.86 3.60
CA THR C 255 -55.10 -12.91 4.35
C THR C 255 -54.75 -11.46 4.23
N ILE C 256 -53.67 -11.11 3.56
CA ILE C 256 -53.20 -9.72 3.57
C ILE C 256 -52.19 -9.50 2.45
N ASN C 257 -52.26 -8.30 1.89
CA ASN C 257 -51.32 -7.81 0.91
C ASN C 257 -50.44 -6.81 1.58
N TYR C 258 -49.22 -6.67 1.07
CA TYR C 258 -48.32 -5.59 1.48
C TYR C 258 -47.82 -4.85 0.25
N THR C 259 -48.12 -3.53 0.26
CA THR C 259 -47.59 -2.55 -0.66
C THR C 259 -46.50 -1.73 -0.01
N LEU C 260 -45.90 -0.78 -0.70
CA LEU C 260 -44.88 0.06 -0.04
C LEU C 260 -45.45 1.03 1.02
N ARG C 261 -46.76 1.16 1.06
CA ARG C 261 -47.42 1.91 2.12
C ARG C 261 -47.70 1.06 3.37
N ASP C 262 -47.27 -0.21 3.35
CA ASP C 262 -47.64 -1.16 4.37
C ASP C 262 -46.49 -1.79 5.14
N TYR C 263 -45.36 -1.12 5.15
CA TYR C 263 -44.17 -1.68 5.78
C TYR C 263 -44.32 -1.83 7.28
N ARG C 264 -45.03 -0.90 7.97
CA ARG C 264 -45.19 -1.09 9.40
C ARG C 264 -45.93 -2.39 9.73
N LYS C 265 -47.02 -2.66 9.00
CA LYS C 265 -47.79 -3.91 9.18
C LYS C 265 -46.93 -5.13 8.85
N PHE C 266 -46.18 -5.03 7.74
CA PHE C 266 -45.30 -6.10 7.28
C PHE C 266 -44.32 -6.50 8.38
N PHE C 267 -43.66 -5.51 8.96
CA PHE C 267 -42.67 -5.79 10.00
C PHE C 267 -43.32 -6.35 11.27
N GLN C 268 -44.49 -5.86 11.63
CA GLN C 268 -45.24 -6.47 12.73
C GLN C 268 -45.57 -7.93 12.44
N ASP C 269 -46.05 -8.21 11.23
CA ASP C 269 -46.59 -9.49 10.91
C ASP C 269 -45.48 -10.57 10.69
N ILE C 270 -44.27 -10.17 10.31
CA ILE C 270 -43.15 -11.10 10.21
C ILE C 270 -42.44 -11.29 11.55
N GLY C 271 -42.82 -10.52 12.56
CA GLY C 271 -42.23 -10.63 13.87
C GLY C 271 -40.90 -9.93 14.00
N PHE C 272 -40.73 -8.82 13.28
CA PHE C 272 -39.44 -8.11 13.26
C PHE C 272 -39.71 -6.61 13.27
N GLU C 273 -40.18 -6.11 14.42
CA GLU C 273 -40.58 -4.73 14.54
C GLU C 273 -39.43 -3.75 14.41
N ASP C 274 -38.21 -4.14 14.75
CA ASP C 274 -37.02 -3.33 14.54
C ASP C 274 -36.83 -2.91 13.09
N GLY C 275 -37.24 -3.75 12.16
CA GLY C 275 -37.14 -3.44 10.74
C GLY C 275 -37.90 -2.19 10.35
N TRP C 276 -39.03 -1.98 11.01
CA TRP C 276 -39.83 -0.76 10.77
C TRP C 276 -39.08 0.47 11.24
N LEU C 277 -38.46 0.35 12.39
CA LEU C 277 -37.64 1.42 12.97
C LEU C 277 -36.46 1.71 12.01
N MET C 278 -35.82 0.67 11.48
CA MET C 278 -34.73 0.83 10.50
C MET C 278 -35.21 1.53 9.21
N ARG C 279 -36.39 1.17 8.75
CA ARG C 279 -36.96 1.81 7.59
C ARG C 279 -37.24 3.28 7.86
N GLN C 280 -37.83 3.58 9.01
CA GLN C 280 -38.05 4.98 9.37
C GLN C 280 -36.74 5.75 9.45
N ASP C 281 -35.69 5.12 9.99
CA ASP C 281 -34.38 5.75 10.13
C ASP C 281 -33.78 6.13 8.77
N THR C 282 -34.09 5.34 7.73
CA THR C 282 -33.34 5.39 6.49
C THR C 282 -34.11 5.87 5.24
N GLU C 283 -35.43 5.79 5.27
CA GLU C 283 -36.25 6.01 4.06
C GLU C 283 -36.16 7.41 3.50
N GLY C 284 -35.84 8.37 4.34
CA GLY C 284 -35.75 9.78 3.92
C GLY C 284 -34.34 10.25 3.60
N LEU C 285 -33.32 9.38 3.67
CA LEU C 285 -31.95 9.82 3.55
C LEU C 285 -31.62 10.38 2.18
N VAL C 286 -32.03 9.70 1.15
CA VAL C 286 -31.81 10.18 -0.22
C VAL C 286 -33.03 10.85 -0.70
N GLU C 287 -32.98 12.14 -1.01
CA GLU C 287 -34.15 12.84 -1.57
C GLU C 287 -34.45 12.29 -2.97
N ALA C 288 -35.64 11.75 -3.13
CA ALA C 288 -36.09 11.01 -4.29
C ALA C 288 -35.79 11.70 -5.66
N THR C 289 -36.06 13.02 -5.68
CA THR C 289 -36.07 13.81 -6.87
C THR C 289 -34.90 14.75 -7.10
N MET C 290 -34.07 15.01 -6.08
CA MET C 290 -32.84 15.78 -6.27
C MET C 290 -31.81 15.02 -7.10
N PRO C 291 -31.37 15.59 -8.25
CA PRO C 291 -30.38 14.96 -9.11
C PRO C 291 -28.99 15.11 -8.48
N PRO C 292 -27.99 14.34 -8.92
CA PRO C 292 -26.69 14.43 -8.26
C PRO C 292 -25.96 15.75 -8.55
N GLY C 293 -26.30 16.42 -9.64
CA GLY C 293 -25.71 17.70 -10.01
C GLY C 293 -24.29 17.58 -10.56
N VAL C 294 -24.01 16.43 -11.19
CA VAL C 294 -22.79 16.16 -11.91
C VAL C 294 -23.16 15.42 -13.21
N GLN C 295 -22.25 15.40 -14.17
CA GLN C 295 -22.43 14.58 -15.33
C GLN C 295 -22.64 13.12 -14.94
N LEU C 296 -23.71 12.53 -15.42
CA LEU C 296 -24.16 11.23 -14.98
C LEU C 296 -24.35 10.29 -16.14
N HIS C 297 -23.78 9.09 -16.04
CA HIS C 297 -23.95 8.02 -17.03
C HIS C 297 -24.66 6.91 -16.31
N CYS C 298 -25.93 6.70 -16.66
CA CYS C 298 -26.76 5.70 -15.98
CA CYS C 298 -26.72 5.69 -15.99
C CYS C 298 -26.85 4.43 -16.83
N LEU C 299 -26.16 3.41 -16.38
CA LEU C 299 -26.06 2.17 -17.07
C LEU C 299 -26.92 1.13 -16.39
N TYR C 300 -27.87 0.53 -17.11
CA TYR C 300 -28.81 -0.43 -16.50
C TYR C 300 -28.95 -1.65 -17.35
N GLY C 301 -28.96 -2.82 -16.73
CA GLY C 301 -29.25 -4.04 -17.44
C GLY C 301 -30.74 -4.30 -17.66
N THR C 302 -31.03 -4.92 -18.81
CA THR C 302 -32.39 -5.37 -19.12
C THR C 302 -32.34 -6.79 -19.66
N GLY C 303 -33.51 -7.41 -19.78
CA GLY C 303 -33.62 -8.73 -20.38
C GLY C 303 -33.20 -9.89 -19.48
N VAL C 304 -33.07 -9.62 -18.18
CA VAL C 304 -32.84 -10.66 -17.20
C VAL C 304 -34.05 -10.76 -16.26
N PRO C 305 -34.69 -11.94 -16.13
CA PRO C 305 -35.80 -12.04 -15.18
C PRO C 305 -35.41 -11.57 -13.78
N THR C 306 -36.17 -10.62 -13.24
CA THR C 306 -35.85 -9.95 -11.99
C THR C 306 -37.03 -10.07 -11.03
N PRO C 307 -36.78 -10.58 -9.81
CA PRO C 307 -37.92 -10.76 -8.87
C PRO C 307 -38.64 -9.42 -8.62
N ASP C 308 -39.96 -9.46 -8.75
CA ASP C 308 -40.82 -8.31 -8.69
C ASP C 308 -41.85 -8.39 -7.52
N SER C 309 -42.31 -9.58 -7.18
CA SER C 309 -43.38 -9.79 -6.20
C SER C 309 -43.39 -11.24 -5.77
N PHE C 310 -44.03 -11.50 -4.62
CA PHE C 310 -43.98 -12.80 -3.97
C PHE C 310 -45.34 -13.22 -3.46
N TYR C 311 -45.72 -14.47 -3.70
CA TYR C 311 -46.95 -15.02 -3.18
C TYR C 311 -46.62 -16.10 -2.15
N TYR C 312 -47.10 -15.92 -0.92
CA TYR C 312 -46.85 -16.82 0.17
C TYR C 312 -48.12 -17.59 0.48
N GLU C 313 -48.02 -18.91 0.40
CA GLU C 313 -49.09 -19.79 0.87
C GLU C 313 -49.10 -19.82 2.41
N SER C 314 -47.93 -19.69 3.00
CA SER C 314 -47.73 -19.75 4.41
C SER C 314 -46.66 -18.71 4.79
N PHE C 315 -47.06 -17.75 5.61
CA PHE C 315 -46.27 -16.55 5.86
C PHE C 315 -45.98 -16.43 7.33
N PRO C 316 -44.75 -16.09 7.75
CA PRO C 316 -43.60 -15.77 6.91
C PRO C 316 -42.54 -16.84 6.79
N ASP C 317 -42.78 -18.06 7.29
CA ASP C 317 -41.66 -19.04 7.43
C ASP C 317 -41.57 -20.09 6.35
N ARG C 318 -42.22 -19.87 5.20
CA ARG C 318 -42.05 -20.74 4.03
C ARG C 318 -41.65 -19.88 2.84
N ASP C 319 -40.88 -20.47 1.92
CA ASP C 319 -40.50 -19.77 0.69
C ASP C 319 -41.71 -19.45 -0.16
N PRO C 320 -41.72 -18.25 -0.77
CA PRO C 320 -42.84 -17.91 -1.64
C PRO C 320 -42.65 -18.36 -3.07
N LYS C 321 -43.73 -18.29 -3.83
CA LYS C 321 -43.67 -18.29 -5.29
C LYS C 321 -43.26 -16.91 -5.76
N ILE C 322 -42.44 -16.84 -6.80
CA ILE C 322 -41.87 -15.59 -7.25
C ILE C 322 -42.37 -15.18 -8.60
N CYS C 323 -42.77 -13.92 -8.71
CA CYS C 323 -43.09 -13.36 -10.01
C CYS C 323 -41.96 -12.42 -10.45
N PHE C 324 -41.61 -12.54 -11.74
CA PHE C 324 -40.51 -11.84 -12.29
C PHE C 324 -40.90 -10.75 -13.27
N GLY C 325 -40.16 -9.63 -13.21
CA GLY C 325 -40.27 -8.58 -14.22
C GLY C 325 -38.94 -8.34 -14.90
N ASP C 326 -38.81 -7.20 -15.58
CA ASP C 326 -37.59 -6.87 -16.31
C ASP C 326 -36.58 -6.21 -15.41
N GLY C 327 -35.32 -6.21 -15.84
CA GLY C 327 -34.21 -5.68 -15.04
C GLY C 327 -32.95 -6.47 -15.34
N ASP C 328 -32.04 -6.47 -14.37
CA ASP C 328 -30.73 -7.13 -14.52
C ASP C 328 -30.60 -8.38 -13.63
N GLY C 329 -31.70 -8.89 -13.11
CA GLY C 329 -31.66 -10.06 -12.23
C GLY C 329 -31.81 -9.73 -10.77
N THR C 330 -31.47 -8.49 -10.40
CA THR C 330 -31.56 -8.01 -9.03
C THR C 330 -32.32 -6.67 -9.01
N VAL C 331 -31.84 -5.72 -9.78
CA VAL C 331 -32.41 -4.39 -9.85
C VAL C 331 -33.52 -4.31 -10.88
N ASN C 332 -34.69 -3.92 -10.42
CA ASN C 332 -35.86 -3.88 -11.30
C ASN C 332 -35.66 -2.72 -12.28
N LEU C 333 -36.11 -2.92 -13.49
CA LEU C 333 -35.98 -1.91 -14.54
C LEU C 333 -36.51 -0.54 -14.11
N LYS C 334 -37.63 -0.52 -13.42
CA LYS C 334 -38.27 0.71 -12.99
C LYS C 334 -37.38 1.55 -12.11
N SER C 335 -36.68 0.80 -11.28
CA SER C 335 -35.81 1.34 -10.24
C SER C 335 -34.67 2.02 -10.94
N ALA C 336 -33.98 1.24 -11.76
CA ALA C 336 -32.93 1.76 -12.62
C ALA C 336 -33.33 3.05 -13.41
N LEU C 337 -34.58 3.15 -13.86
CA LEU C 337 -34.99 4.28 -14.71
C LEU C 337 -35.31 5.61 -14.02
N GLN C 338 -35.18 5.67 -12.71
CA GLN C 338 -35.37 6.94 -11.99
C GLN C 338 -34.47 8.03 -12.55
N CYS C 339 -33.38 7.55 -13.08
CA CYS C 339 -32.37 8.34 -13.76
C CYS C 339 -32.86 9.35 -14.85
N GLN C 340 -33.92 8.95 -15.56
CA GLN C 340 -34.50 9.72 -16.65
C GLN C 340 -35.15 11.02 -16.16
N ALA C 341 -35.74 10.98 -14.97
CA ALA C 341 -36.36 12.14 -14.36
C ALA C 341 -35.35 13.25 -14.08
N TRP C 342 -34.11 12.87 -13.80
CA TRP C 342 -33.07 13.85 -13.52
C TRP C 342 -32.63 14.69 -14.71
N GLN C 343 -32.84 14.21 -15.93
CA GLN C 343 -32.48 14.94 -17.13
C GLN C 343 -32.94 16.40 -17.12
N SER C 344 -34.18 16.62 -16.71
CA SER C 344 -34.74 17.97 -16.74
C SER C 344 -34.46 18.78 -15.45
N ARG C 345 -33.90 18.11 -14.45
CA ARG C 345 -33.69 18.74 -13.14
C ARG C 345 -32.25 19.15 -12.84
N GLN C 346 -31.31 18.83 -13.73
CA GLN C 346 -29.97 19.40 -13.59
C GLN C 346 -29.49 19.89 -14.94
N GLU C 347 -28.54 20.81 -14.93
CA GLU C 347 -27.88 21.30 -16.16
C GLU C 347 -26.87 20.34 -16.70
N HIS C 348 -26.10 19.71 -15.81
CA HIS C 348 -25.13 18.70 -16.26
CA HIS C 348 -25.13 18.70 -16.26
C HIS C 348 -25.85 17.58 -16.99
N GLN C 349 -25.21 17.02 -18.02
CA GLN C 349 -25.80 15.97 -18.81
C GLN C 349 -26.12 14.72 -18.02
N VAL C 350 -27.22 14.08 -18.37
CA VAL C 350 -27.58 12.76 -17.88
C VAL C 350 -27.70 11.84 -19.11
N LEU C 351 -26.82 10.87 -19.23
CA LEU C 351 -26.84 9.95 -20.35
C LEU C 351 -27.35 8.62 -19.86
N LEU C 352 -28.37 8.10 -20.53
CA LEU C 352 -28.88 6.76 -20.24
C LEU C 352 -28.24 5.74 -21.18
N GLN C 353 -27.79 4.63 -20.66
CA GLN C 353 -27.31 3.54 -21.49
C GLN C 353 -27.86 2.19 -21.06
N GLU C 354 -28.77 1.66 -21.89
CA GLU C 354 -29.27 0.30 -21.71
C GLU C 354 -28.19 -0.74 -22.03
N LEU C 355 -28.14 -1.78 -21.21
CA LEU C 355 -27.26 -2.94 -21.40
C LEU C 355 -28.10 -4.20 -21.52
N PRO C 356 -28.67 -4.45 -22.69
CA PRO C 356 -29.53 -5.62 -22.85
C PRO C 356 -28.79 -6.92 -22.64
N GLY C 357 -29.35 -7.77 -21.80
CA GLY C 357 -28.78 -9.08 -21.51
C GLY C 357 -27.65 -9.03 -20.50
N SER C 358 -27.44 -7.89 -19.84
CA SER C 358 -26.34 -7.76 -18.88
C SER C 358 -26.85 -8.00 -17.46
N GLU C 359 -26.39 -9.10 -16.86
CA GLU C 359 -26.77 -9.43 -15.49
C GLU C 359 -26.02 -8.52 -14.48
N HIS C 360 -26.67 -8.31 -13.34
CA HIS C 360 -26.27 -7.36 -12.33
C HIS C 360 -24.79 -7.37 -11.97
N ILE C 361 -24.26 -8.54 -11.67
CA ILE C 361 -22.84 -8.65 -11.31
C ILE C 361 -21.93 -8.76 -12.54
N GLU C 362 -22.35 -9.53 -13.52
CA GLU C 362 -21.55 -9.73 -14.73
C GLU C 362 -21.29 -8.42 -15.45
N MET C 363 -22.13 -7.40 -15.25
CA MET C 363 -21.94 -6.13 -15.97
C MET C 363 -20.58 -5.50 -15.64
N LEU C 364 -20.05 -5.78 -14.45
CA LEU C 364 -18.74 -5.27 -14.04
C LEU C 364 -17.54 -5.83 -14.77
N ALA C 365 -17.70 -6.99 -15.41
CA ALA C 365 -16.63 -7.68 -16.13
C ALA C 365 -16.94 -7.74 -17.62
N ASN C 366 -17.99 -7.07 -18.05
CA ASN C 366 -18.50 -7.18 -19.39
C ASN C 366 -17.81 -6.18 -20.31
N ALA C 367 -17.38 -6.66 -21.47
CA ALA C 367 -16.58 -5.86 -22.41
C ALA C 367 -17.28 -4.59 -22.87
N THR C 368 -18.59 -4.64 -23.04
CA THR C 368 -19.35 -3.48 -23.45
C THR C 368 -19.40 -2.42 -22.35
N THR C 369 -19.55 -2.87 -21.11
CA THR C 369 -19.52 -1.94 -19.98
C THR C 369 -18.15 -1.27 -19.90
N LEU C 370 -17.10 -2.06 -20.05
CA LEU C 370 -15.74 -1.55 -19.95
C LEU C 370 -15.40 -0.62 -21.10
N ALA C 371 -15.90 -0.91 -22.29
CA ALA C 371 -15.70 -0.03 -23.44
C ALA C 371 -16.39 1.32 -23.19
N TYR C 372 -17.56 1.31 -22.56
CA TYR C 372 -18.27 2.55 -22.24
C TYR C 372 -17.45 3.37 -21.24
N LEU C 373 -16.98 2.73 -20.19
CA LEU C 373 -16.13 3.38 -19.20
C LEU C 373 -14.87 3.96 -19.82
N LYS C 374 -14.24 3.20 -20.70
CA LYS C 374 -13.04 3.67 -21.41
C LYS C 374 -13.28 4.97 -22.16
N ARG C 375 -14.41 5.08 -22.82
CA ARG C 375 -14.81 6.28 -23.54
C ARG C 375 -15.00 7.47 -22.58
N VAL C 376 -15.64 7.23 -21.44
CA VAL C 376 -15.81 8.27 -20.43
C VAL C 376 -14.45 8.77 -19.90
N LEU C 377 -13.53 7.85 -19.64
CA LEU C 377 -12.24 8.20 -19.03
C LEU C 377 -11.21 8.74 -20.00
N LEU C 378 -11.09 8.12 -21.17
CA LEU C 378 -10.00 8.38 -22.11
C LEU C 378 -10.44 9.26 -23.28
N GLY C 379 -11.73 9.44 -23.46
CA GLY C 379 -12.24 10.49 -24.36
C GLY C 379 -12.47 9.94 -25.75
N PRO C 380 -12.94 10.81 -26.67
CA PRO C 380 -13.52 10.41 -27.96
C PRO C 380 -12.44 9.97 -28.93
N HIS D 5 -1.12 -21.76 -1.83
CA HIS D 5 -0.82 -22.33 -3.17
C HIS D 5 0.49 -21.72 -3.73
N PRO D 6 1.32 -22.55 -4.38
CA PRO D 6 2.61 -22.06 -4.79
C PRO D 6 2.56 -21.18 -6.01
N PRO D 7 3.52 -20.25 -6.13
CA PRO D 7 3.63 -19.48 -7.38
C PRO D 7 3.94 -20.36 -8.57
N VAL D 8 3.47 -19.93 -9.74
CA VAL D 8 3.60 -20.69 -10.96
C VAL D 8 4.23 -19.87 -12.05
N VAL D 9 5.23 -20.45 -12.70
CA VAL D 9 5.87 -19.87 -13.91
C VAL D 9 5.57 -20.78 -15.10
N LEU D 10 5.04 -20.19 -16.15
CA LEU D 10 4.68 -20.86 -17.37
C LEU D 10 5.75 -20.65 -18.43
N VAL D 11 6.25 -21.74 -19.03
CA VAL D 11 7.28 -21.72 -20.05
C VAL D 11 6.71 -22.31 -21.34
N PRO D 12 6.61 -21.46 -22.39
CA PRO D 12 5.96 -21.88 -23.61
C PRO D 12 6.92 -22.68 -24.53
N GLY D 13 6.35 -23.29 -25.56
CA GLY D 13 7.11 -23.99 -26.57
C GLY D 13 7.47 -23.13 -27.76
N ASP D 14 7.94 -23.80 -28.81
CA ASP D 14 8.29 -23.12 -30.06
C ASP D 14 7.03 -22.47 -30.65
N LEU D 15 7.15 -21.24 -31.14
CA LEU D 15 6.01 -20.46 -31.63
C LEU D 15 5.04 -20.03 -30.54
N GLY D 16 5.43 -20.24 -29.28
CA GLY D 16 4.49 -20.27 -28.18
C GLY D 16 4.31 -18.99 -27.39
N ASN D 17 4.86 -17.89 -27.90
CA ASN D 17 4.58 -16.59 -27.38
C ASN D 17 4.70 -15.55 -28.46
N GLN D 18 4.05 -14.43 -28.21
CA GLN D 18 4.11 -13.31 -29.13
C GLN D 18 5.53 -12.82 -29.32
N LEU D 19 5.78 -12.26 -30.49
CA LEU D 19 7.01 -11.53 -30.79
C LEU D 19 6.64 -10.21 -31.45
N GLU D 20 7.44 -9.19 -31.17
CA GLU D 20 7.23 -7.85 -31.73
C GLU D 20 8.45 -7.38 -32.47
N ALA D 21 8.24 -6.58 -33.51
CA ALA D 21 9.35 -6.08 -34.30
C ALA D 21 9.24 -4.56 -34.51
N LYS D 22 10.40 -3.93 -34.67
CA LYS D 22 10.49 -2.53 -35.06
C LYS D 22 11.50 -2.42 -36.18
N LEU D 23 11.18 -1.59 -37.17
CA LEU D 23 11.92 -1.58 -38.42
C LEU D 23 12.55 -0.21 -38.71
N ASP D 24 13.77 -0.26 -39.25
CA ASP D 24 14.41 0.87 -39.93
C ASP D 24 15.37 0.29 -40.99
N LYS D 25 14.79 -0.33 -42.03
CA LYS D 25 15.52 -1.20 -42.94
C LYS D 25 16.11 -0.38 -44.08
N PRO D 26 17.33 -0.71 -44.53
CA PRO D 26 17.87 -0.04 -45.72
C PRO D 26 17.15 -0.43 -47.00
N THR D 27 16.73 -1.69 -47.11
CA THR D 27 16.06 -2.18 -48.32
C THR D 27 14.95 -3.15 -47.97
N VAL D 28 14.02 -3.32 -48.89
CA VAL D 28 12.90 -4.26 -48.72
C VAL D 28 12.80 -5.19 -49.92
N VAL D 29 12.16 -6.33 -49.72
CA VAL D 29 11.98 -7.33 -50.77
C VAL D 29 10.87 -6.97 -51.78
N HIS D 30 9.87 -6.20 -51.34
CA HIS D 30 8.80 -5.68 -52.20
C HIS D 30 8.52 -4.25 -51.82
N TYR D 31 8.06 -3.45 -52.77
CA TYR D 31 7.69 -2.06 -52.48
C TYR D 31 6.63 -1.92 -51.42
N LEU D 32 5.71 -2.87 -51.39
CA LEU D 32 4.61 -2.78 -50.42
C LEU D 32 5.04 -3.13 -49.01
N CYS D 33 6.28 -3.60 -48.77
CA CYS D 33 6.80 -3.84 -47.45
C CYS D 33 7.21 -2.53 -46.77
N SER D 34 6.82 -2.33 -45.51
CA SER D 34 7.29 -1.16 -44.75
C SER D 34 8.78 -1.20 -44.51
N LYS D 35 9.47 -0.09 -44.77
CA LYS D 35 10.89 0.06 -44.41
C LYS D 35 11.06 0.48 -42.97
N LYS D 36 10.11 1.26 -42.44
CA LYS D 36 10.29 1.88 -41.15
C LYS D 36 8.98 1.82 -40.36
N THR D 37 9.09 1.53 -39.07
CA THR D 37 7.97 1.72 -38.15
C THR D 37 8.40 2.65 -37.02
N GLU D 38 7.48 3.45 -36.51
CA GLU D 38 7.78 4.33 -35.39
C GLU D 38 7.76 3.61 -34.03
N SER D 39 7.06 2.49 -33.97
CA SER D 39 7.09 1.67 -32.76
C SER D 39 7.08 0.19 -33.10
N TYR D 40 7.09 -0.64 -32.08
CA TYR D 40 7.01 -2.10 -32.28
C TYR D 40 5.61 -2.50 -32.71
N PHE D 41 5.51 -3.53 -33.53
CA PHE D 41 4.22 -4.12 -33.90
C PHE D 41 4.35 -5.63 -33.74
N THR D 42 3.21 -6.30 -33.61
CA THR D 42 3.20 -7.74 -33.44
C THR D 42 3.55 -8.46 -34.74
N ILE D 43 4.65 -9.19 -34.71
CA ILE D 43 5.11 -9.95 -35.88
C ILE D 43 4.71 -11.44 -35.80
N TRP D 44 4.48 -11.93 -34.58
CA TRP D 44 3.87 -13.26 -34.36
C TRP D 44 2.95 -13.16 -33.15
N LEU D 45 1.68 -13.57 -33.25
CA LEU D 45 1.00 -14.08 -34.44
C LEU D 45 0.05 -13.00 -34.97
N ASN D 46 0.23 -12.62 -36.21
CA ASN D 46 -0.71 -11.77 -36.91
C ASN D 46 -0.97 -12.34 -38.27
N LEU D 47 -2.19 -12.83 -38.46
CA LEU D 47 -2.54 -13.60 -39.65
C LEU D 47 -2.44 -12.77 -40.93
N GLU D 48 -2.65 -11.48 -40.82
CA GLU D 48 -2.60 -10.61 -42.00
C GLU D 48 -1.21 -10.48 -42.61
N LEU D 49 -0.18 -10.78 -41.80
CA LEU D 49 1.21 -10.68 -42.28
C LEU D 49 1.63 -11.91 -43.03
N LEU D 50 0.81 -12.96 -43.02
CA LEU D 50 1.14 -14.25 -43.61
C LEU D 50 0.48 -14.49 -44.99
N LEU D 51 -0.29 -13.52 -45.46
CA LEU D 51 -0.97 -13.57 -46.74
C LEU D 51 0.04 -13.57 -47.89
N PRO D 52 -0.34 -14.09 -49.08
CA PRO D 52 0.62 -14.14 -50.19
C PRO D 52 1.20 -12.73 -50.47
N VAL D 53 2.47 -12.73 -50.88
CA VAL D 53 3.25 -11.51 -51.16
C VAL D 53 3.71 -10.78 -49.90
N ILE D 54 2.74 -10.37 -49.07
CA ILE D 54 3.07 -9.76 -47.77
C ILE D 54 3.92 -10.68 -46.92
N ILE D 55 3.72 -11.99 -47.06
CA ILE D 55 4.54 -12.95 -46.29
C ILE D 55 6.04 -12.80 -46.56
N ASP D 56 6.41 -12.32 -47.74
CA ASP D 56 7.85 -12.11 -48.02
C ASP D 56 8.42 -11.00 -47.12
N CYS D 57 7.61 -9.98 -46.85
CA CYS D 57 8.00 -8.91 -45.92
C CYS D 57 8.21 -9.49 -44.52
N TRP D 58 7.28 -10.32 -44.10
CA TRP D 58 7.32 -10.98 -42.80
C TRP D 58 8.57 -11.83 -42.67
N ILE D 59 8.80 -12.70 -43.64
CA ILE D 59 10.00 -13.55 -43.67
C ILE D 59 11.26 -12.70 -43.59
N ASP D 60 11.30 -11.61 -44.33
CA ASP D 60 12.49 -10.76 -44.34
C ASP D 60 12.78 -10.14 -42.96
N ASN D 61 11.74 -9.94 -42.15
CA ASN D 61 11.87 -9.36 -40.81
C ASN D 61 12.08 -10.37 -39.70
N ILE D 62 11.41 -11.52 -39.82
CA ILE D 62 11.43 -12.53 -38.72
C ILE D 62 12.48 -13.62 -38.89
N ARG D 63 13.09 -13.69 -40.07
CA ARG D 63 14.20 -14.63 -40.25
C ARG D 63 15.36 -14.21 -39.37
N LEU D 64 16.14 -15.22 -38.95
CA LEU D 64 17.45 -15.00 -38.35
C LEU D 64 18.53 -15.14 -39.42
N VAL D 65 19.58 -14.33 -39.32
CA VAL D 65 20.72 -14.42 -40.20
C VAL D 65 21.81 -15.21 -39.44
N TYR D 66 22.34 -16.26 -40.07
CA TYR D 66 23.41 -17.03 -39.45
C TYR D 66 24.75 -16.48 -39.88
N ASN D 67 25.59 -16.16 -38.91
CA ASN D 67 26.97 -15.75 -39.17
C ASN D 67 27.90 -16.92 -38.94
N LYS D 68 28.50 -17.44 -40.02
CA LYS D 68 29.40 -18.60 -39.94
C LYS D 68 30.69 -18.31 -39.17
N THR D 69 31.10 -17.05 -39.16
CA THR D 69 32.33 -16.65 -38.45
C THR D 69 32.12 -16.69 -36.94
N SER D 70 31.05 -16.05 -36.46
CA SER D 70 30.75 -16.03 -35.05
C SER D 70 30.03 -17.29 -34.58
N ARG D 71 29.54 -18.12 -35.51
CA ARG D 71 28.67 -19.24 -35.17
C ARG D 71 27.48 -18.76 -34.31
N ALA D 72 26.85 -17.67 -34.73
CA ALA D 72 25.78 -17.04 -33.97
C ALA D 72 24.78 -16.39 -34.91
N THR D 73 23.55 -16.23 -34.46
CA THR D 73 22.52 -15.57 -35.27
C THR D 73 22.46 -14.10 -34.97
N GLN D 74 21.99 -13.35 -35.95
CA GLN D 74 21.68 -11.94 -35.76
C GLN D 74 20.42 -11.58 -36.53
N PHE D 75 19.82 -10.44 -36.21
CA PHE D 75 18.62 -10.00 -36.93
C PHE D 75 19.01 -9.37 -38.25
N PRO D 76 18.11 -9.36 -39.24
CA PRO D 76 18.41 -8.62 -40.48
C PRO D 76 18.71 -7.15 -40.22
N ASP D 77 19.45 -6.50 -41.14
CA ASP D 77 19.80 -5.08 -40.95
C ASP D 77 18.55 -4.25 -40.72
N GLY D 78 18.61 -3.43 -39.68
CA GLY D 78 17.51 -2.50 -39.37
C GLY D 78 16.28 -3.14 -38.75
N VAL D 79 16.38 -4.37 -38.28
CA VAL D 79 15.25 -5.05 -37.67
C VAL D 79 15.60 -5.32 -36.20
N ASP D 80 14.70 -4.94 -35.29
CA ASP D 80 14.79 -5.46 -33.95
C ASP D 80 13.54 -6.28 -33.62
N VAL D 81 13.78 -7.39 -32.92
CA VAL D 81 12.71 -8.27 -32.48
C VAL D 81 12.80 -8.43 -30.97
N ARG D 82 11.69 -8.14 -30.27
CA ARG D 82 11.66 -8.26 -28.83
C ARG D 82 10.51 -9.17 -28.39
N VAL D 83 10.62 -9.67 -27.17
CA VAL D 83 9.65 -10.58 -26.59
C VAL D 83 8.80 -9.78 -25.60
N PRO D 84 7.50 -9.48 -25.95
CA PRO D 84 6.69 -8.77 -25.00
C PRO D 84 6.13 -9.68 -23.91
N GLY D 85 5.72 -9.09 -22.78
CA GLY D 85 4.98 -9.83 -21.78
C GLY D 85 5.77 -10.72 -20.85
N PHE D 86 7.08 -10.51 -20.73
CA PHE D 86 7.88 -11.28 -19.78
C PHE D 86 7.42 -10.92 -18.35
N GLY D 87 7.09 -11.93 -17.57
CA GLY D 87 6.57 -11.73 -16.24
C GLY D 87 5.05 -11.62 -16.18
N LYS D 88 4.41 -11.54 -17.36
CA LYS D 88 2.96 -11.45 -17.51
C LYS D 88 2.48 -12.71 -18.21
N THR D 89 1.20 -12.79 -18.55
CA THR D 89 0.69 -14.01 -19.18
C THR D 89 0.04 -13.78 -20.51
N PHE D 90 -0.29 -12.52 -20.85
CA PHE D 90 -1.06 -12.28 -22.07
C PHE D 90 -0.41 -12.83 -23.32
N SER D 91 0.92 -12.76 -23.40
CA SER D 91 1.62 -13.10 -24.65
C SER D 91 1.78 -14.58 -24.87
N LEU D 92 1.57 -15.37 -23.84
CA LEU D 92 1.48 -16.83 -23.97
C LEU D 92 0.04 -17.35 -23.95
N GLU D 93 -0.90 -16.58 -23.39
CA GLU D 93 -2.31 -17.02 -23.39
C GLU D 93 -2.87 -17.00 -24.78
N PHE D 94 -2.59 -15.90 -25.49
CA PHE D 94 -3.02 -15.70 -26.86
C PHE D 94 -1.84 -15.33 -27.71
N LEU D 95 -1.59 -16.11 -28.76
CA LEU D 95 -0.47 -15.82 -29.68
C LEU D 95 -0.85 -14.68 -30.61
N ASP D 96 -2.14 -14.56 -30.92
CA ASP D 96 -2.66 -13.46 -31.69
C ASP D 96 -3.31 -12.47 -30.74
N PRO D 97 -2.82 -11.22 -30.73
CA PRO D 97 -3.38 -10.24 -29.77
C PRO D 97 -4.83 -9.85 -30.07
N SER D 98 -5.39 -10.22 -31.22
CA SER D 98 -6.85 -10.16 -31.43
C SER D 98 -7.62 -11.11 -30.49
N LYS D 99 -6.90 -12.06 -29.88
CA LYS D 99 -7.43 -13.05 -28.96
C LYS D 99 -8.30 -14.08 -29.63
N SER D 100 -8.09 -14.25 -30.93
CA SER D 100 -8.81 -15.25 -31.68
C SER D 100 -8.43 -16.66 -31.14
N SER D 101 -9.38 -17.58 -31.24
CA SER D 101 -9.16 -18.96 -30.79
C SER D 101 -8.03 -19.65 -31.55
N VAL D 102 -7.75 -19.23 -32.79
CA VAL D 102 -6.63 -19.77 -33.55
C VAL D 102 -5.31 -19.64 -32.77
N GLY D 103 -5.15 -18.59 -31.97
CA GLY D 103 -3.93 -18.42 -31.21
C GLY D 103 -4.04 -18.79 -29.73
N SER D 104 -5.12 -19.43 -29.32
CA SER D 104 -5.33 -19.70 -27.90
C SER D 104 -4.40 -20.81 -27.45
N TYR D 105 -3.53 -20.51 -26.52
CA TYR D 105 -2.44 -21.43 -26.17
C TYR D 105 -2.50 -21.74 -24.66
N PHE D 106 -1.98 -20.85 -23.81
CA PHE D 106 -2.10 -21.03 -22.38
C PHE D 106 -3.40 -20.45 -21.78
N HIS D 107 -4.27 -19.90 -22.59
CA HIS D 107 -5.43 -19.17 -22.02
C HIS D 107 -6.33 -20.00 -21.11
N THR D 108 -6.68 -21.20 -21.53
CA THR D 108 -7.56 -22.05 -20.73
C THR D 108 -6.87 -22.38 -19.42
N MET D 109 -5.58 -22.68 -19.44
CA MET D 109 -4.85 -23.01 -18.22
C MET D 109 -4.79 -21.81 -17.25
N VAL D 110 -4.53 -20.62 -17.79
CA VAL D 110 -4.47 -19.44 -16.94
C VAL D 110 -5.84 -19.11 -16.37
N GLU D 111 -6.90 -19.22 -17.18
CA GLU D 111 -8.26 -19.05 -16.68
C GLU D 111 -8.52 -19.97 -15.47
N SER D 112 -8.11 -21.21 -15.59
CA SER D 112 -8.25 -22.19 -14.49
C SER D 112 -7.49 -21.79 -13.27
N LEU D 113 -6.22 -21.41 -13.46
CA LEU D 113 -5.37 -20.94 -12.34
C LEU D 113 -6.02 -19.75 -11.64
N VAL D 114 -6.49 -18.78 -12.42
CA VAL D 114 -7.15 -17.60 -11.87
C VAL D 114 -8.45 -17.98 -11.11
N GLY D 115 -9.21 -18.92 -11.65
CA GLY D 115 -10.37 -19.44 -10.96
C GLY D 115 -10.00 -20.10 -9.63
N TRP D 116 -8.79 -20.66 -9.53
CA TRP D 116 -8.30 -21.26 -8.27
C TRP D 116 -7.67 -20.26 -7.33
N GLY D 117 -7.61 -18.99 -7.74
CA GLY D 117 -7.11 -17.95 -6.87
C GLY D 117 -5.79 -17.30 -7.23
N TYR D 118 -5.24 -17.64 -8.38
CA TYR D 118 -4.00 -17.01 -8.90
C TYR D 118 -4.32 -15.68 -9.52
N THR D 119 -3.30 -14.87 -9.67
CA THR D 119 -3.38 -13.48 -10.15
C THR D 119 -2.42 -13.28 -11.29
N ARG D 120 -2.92 -12.91 -12.47
CA ARG D 120 -2.06 -12.67 -13.64
C ARG D 120 -0.98 -11.66 -13.37
N GLY D 121 0.27 -12.04 -13.64
CA GLY D 121 1.38 -11.13 -13.49
C GLY D 121 1.91 -11.06 -12.07
N GLU D 122 1.28 -11.78 -11.16
CA GLU D 122 1.68 -11.77 -9.75
C GLU D 122 2.14 -13.19 -9.40
N ASP D 123 1.25 -14.04 -8.91
CA ASP D 123 1.66 -15.39 -8.51
C ASP D 123 1.55 -16.43 -9.65
N VAL D 124 1.05 -16.01 -10.80
CA VAL D 124 1.23 -16.74 -12.05
C VAL D 124 1.85 -15.80 -13.05
N ARG D 125 3.01 -16.20 -13.57
CA ARG D 125 3.72 -15.39 -14.57
C ARG D 125 4.23 -16.23 -15.69
N GLY D 126 4.28 -15.62 -16.86
CA GLY D 126 4.90 -16.24 -18.04
C GLY D 126 6.38 -15.93 -18.14
N ALA D 127 7.11 -16.88 -18.71
CA ALA D 127 8.50 -16.74 -19.09
C ALA D 127 8.64 -16.96 -20.60
N PRO D 128 8.02 -16.06 -21.43
CA PRO D 128 8.20 -16.09 -22.86
C PRO D 128 9.64 -15.76 -23.28
N TYR D 129 10.02 -16.26 -24.46
CA TYR D 129 11.36 -16.09 -24.95
C TYR D 129 11.33 -16.01 -26.46
N ASP D 130 12.49 -15.64 -27.04
CA ASP D 130 12.65 -15.75 -28.48
C ASP D 130 12.89 -17.18 -28.83
N TRP D 131 11.80 -17.87 -29.14
CA TRP D 131 11.79 -19.30 -29.43
C TRP D 131 12.40 -19.61 -30.82
N ARG D 132 12.83 -18.60 -31.57
CA ARG D 132 13.62 -18.81 -32.78
C ARG D 132 15.03 -19.25 -32.46
N ARG D 133 15.50 -18.97 -31.27
CA ARG D 133 16.82 -19.36 -30.81
C ARG D 133 16.77 -20.54 -29.90
N ALA D 134 17.93 -21.21 -29.80
CA ALA D 134 18.16 -22.27 -28.84
C ALA D 134 18.79 -21.64 -27.59
N PRO D 135 18.92 -22.38 -26.51
CA PRO D 135 19.41 -21.82 -25.28
C PRO D 135 20.77 -21.10 -25.32
N ASN D 136 21.64 -21.53 -26.22
CA ASN D 136 22.97 -20.94 -26.37
C ASN D 136 22.91 -19.44 -26.70
N GLU D 137 21.82 -19.00 -27.31
CA GLU D 137 21.64 -17.59 -27.65
C GLU D 137 20.53 -16.92 -26.86
N ASN D 138 20.22 -17.44 -25.70
CA ASN D 138 19.18 -16.88 -24.86
C ASN D 138 19.66 -16.69 -23.41
N GLY D 139 20.94 -16.35 -23.26
CA GLY D 139 21.52 -16.18 -21.93
C GLY D 139 20.76 -15.19 -21.05
N PRO D 140 20.48 -13.99 -21.58
CA PRO D 140 19.70 -13.00 -20.80
C PRO D 140 18.34 -13.49 -20.33
N TYR D 141 17.65 -14.27 -21.13
CA TYR D 141 16.38 -14.89 -20.72
C TYR D 141 16.55 -15.74 -19.49
N PHE D 142 17.58 -16.57 -19.44
CA PHE D 142 17.79 -17.44 -18.28
C PHE D 142 18.12 -16.65 -17.02
N LEU D 143 18.83 -15.55 -17.17
CA LEU D 143 19.09 -14.67 -16.03
C LEU D 143 17.77 -14.06 -15.52
N ALA D 144 16.92 -13.61 -16.43
CA ALA D 144 15.62 -13.04 -16.07
C ALA D 144 14.72 -14.11 -15.44
N LEU D 145 14.76 -15.33 -15.95
CA LEU D 145 13.98 -16.42 -15.40
C LEU D 145 14.40 -16.73 -13.96
N ARG D 146 15.70 -16.82 -13.73
CA ARG D 146 16.21 -17.02 -12.37
C ARG D 146 15.75 -15.91 -11.44
N GLU D 147 15.90 -14.68 -11.87
CA GLU D 147 15.48 -13.54 -11.06
C GLU D 147 13.99 -13.54 -10.79
N MET D 148 13.18 -13.87 -11.80
CA MET D 148 11.72 -13.88 -11.61
C MET D 148 11.31 -14.97 -10.63
N ILE D 149 11.93 -16.14 -10.72
CA ILE D 149 11.67 -17.21 -9.77
C ILE D 149 12.01 -16.77 -8.33
N GLU D 150 13.17 -16.15 -8.15
CA GLU D 150 13.55 -15.67 -6.82
C GLU D 150 12.54 -14.62 -6.29
N GLU D 151 12.14 -13.70 -7.15
CA GLU D 151 11.14 -12.69 -6.80
C GLU D 151 9.81 -13.29 -6.37
N MET D 152 9.36 -14.27 -7.14
CA MET D 152 8.08 -14.91 -6.83
C MET D 152 8.15 -15.65 -5.50
N TYR D 153 9.29 -16.29 -5.26
CA TYR D 153 9.52 -16.98 -3.98
C TYR D 153 9.41 -16.00 -2.81
N GLN D 154 10.04 -14.84 -2.94
CA GLN D 154 10.07 -13.82 -1.93
C GLN D 154 8.73 -13.17 -1.71
N LEU D 155 8.05 -12.84 -2.78
CA LEU D 155 6.73 -12.19 -2.71
C LEU D 155 5.69 -13.09 -2.12
N TYR D 156 5.63 -14.32 -2.62
CA TYR D 156 4.51 -15.19 -2.28
C TYR D 156 4.83 -16.21 -1.21
N GLY D 157 6.07 -16.21 -0.72
CA GLY D 157 6.42 -16.93 0.51
C GLY D 157 6.73 -18.44 0.34
N GLY D 158 6.97 -18.87 -0.89
CA GLY D 158 7.26 -20.29 -1.12
C GLY D 158 7.82 -20.61 -2.48
N PRO D 159 8.39 -21.83 -2.63
CA PRO D 159 9.01 -22.24 -3.90
C PRO D 159 8.01 -22.35 -5.03
N VAL D 160 8.51 -22.25 -6.24
CA VAL D 160 7.74 -22.08 -7.46
C VAL D 160 7.56 -23.41 -8.19
N VAL D 161 6.42 -23.52 -8.86
CA VAL D 161 6.14 -24.66 -9.75
C VAL D 161 6.37 -24.17 -11.14
N LEU D 162 7.28 -24.82 -11.88
CA LEU D 162 7.50 -24.55 -13.29
C LEU D 162 6.57 -25.43 -14.10
N VAL D 163 5.82 -24.85 -15.03
CA VAL D 163 4.95 -25.60 -15.90
C VAL D 163 5.39 -25.27 -17.31
N ALA D 164 5.89 -26.27 -18.05
CA ALA D 164 6.45 -26.04 -19.37
C ALA D 164 5.76 -26.93 -20.41
N HIS D 165 5.64 -26.40 -21.60
CA HIS D 165 5.01 -27.09 -22.70
C HIS D 165 6.01 -27.25 -23.83
N SER D 166 6.03 -28.45 -24.38
CA SER D 166 6.77 -28.76 -25.60
C SER D 166 8.24 -28.35 -25.46
N MET D 167 8.79 -27.57 -26.40
CA MET D 167 10.20 -27.15 -26.33
C MET D 167 10.54 -26.35 -25.07
N GLY D 168 9.55 -25.74 -24.44
CA GLY D 168 9.77 -25.07 -23.16
C GLY D 168 10.32 -25.99 -22.13
N ASN D 169 10.03 -27.27 -22.24
CA ASN D 169 10.62 -28.26 -21.33
C ASN D 169 12.11 -28.42 -21.46
N MET D 170 12.61 -28.34 -22.68
CA MET D 170 14.02 -28.45 -22.96
CA MET D 170 14.05 -28.46 -22.95
C MET D 170 14.76 -27.17 -22.52
N TYR D 171 14.13 -26.00 -22.74
CA TYR D 171 14.61 -24.72 -22.16
C TYR D 171 14.70 -24.82 -20.63
N THR D 172 13.65 -25.34 -20.00
CA THR D 172 13.59 -25.46 -18.53
C THR D 172 14.61 -26.46 -18.02
N LEU D 173 14.79 -27.61 -18.71
CA LEU D 173 15.81 -28.59 -18.32
C LEU D 173 17.21 -27.99 -18.43
N TYR D 174 17.48 -27.28 -19.50
CA TYR D 174 18.77 -26.59 -19.68
C TYR D 174 19.00 -25.68 -18.48
N PHE D 175 17.99 -24.88 -18.15
CA PHE D 175 18.09 -23.95 -17.03
C PHE D 175 18.42 -24.68 -15.74
N LEU D 176 17.63 -25.71 -15.43
CA LEU D 176 17.78 -26.45 -14.17
C LEU D 176 19.07 -27.20 -14.07
N GLN D 177 19.54 -27.77 -15.18
CA GLN D 177 20.85 -28.46 -15.20
C GLN D 177 22.01 -27.53 -14.81
N ARG D 178 21.85 -26.24 -15.08
CA ARG D 178 22.86 -25.26 -14.79
C ARG D 178 22.70 -24.49 -13.50
N GLN D 179 21.70 -24.81 -12.70
CA GLN D 179 21.58 -24.21 -11.37
C GLN D 179 22.07 -25.19 -10.32
N PRO D 180 22.79 -24.71 -9.32
CA PRO D 180 23.18 -25.55 -8.19
C PRO D 180 22.00 -26.28 -7.55
N GLN D 181 22.24 -27.49 -7.05
CA GLN D 181 21.23 -28.26 -6.39
C GLN D 181 20.59 -27.49 -5.23
N ALA D 182 21.40 -26.79 -4.43
CA ALA D 182 20.87 -26.04 -3.29
C ALA D 182 19.88 -24.96 -3.72
N TRP D 183 20.16 -24.35 -4.86
CA TRP D 183 19.27 -23.30 -5.38
C TRP D 183 17.95 -23.92 -5.75
N LYS D 184 17.99 -25.04 -6.46
CA LYS D 184 16.75 -25.71 -6.88
C LYS D 184 15.94 -26.19 -5.70
N ASP D 185 16.63 -26.73 -4.69
CA ASP D 185 15.95 -27.23 -3.48
C ASP D 185 15.22 -26.13 -2.76
N LYS D 186 15.77 -24.93 -2.76
CA LYS D 186 15.12 -23.79 -2.13
C LYS D 186 13.96 -23.22 -2.94
N TYR D 187 14.22 -23.00 -4.21
CA TYR D 187 13.34 -22.12 -5.04
C TYR D 187 12.35 -22.86 -5.92
N ILE D 188 12.57 -24.16 -6.20
CA ILE D 188 11.70 -24.91 -7.07
C ILE D 188 10.93 -25.94 -6.24
N ARG D 189 9.60 -25.89 -6.30
CA ARG D 189 8.74 -26.88 -5.68
C ARG D 189 8.61 -28.10 -6.54
N ALA D 190 8.30 -27.89 -7.81
CA ALA D 190 8.19 -28.96 -8.78
C ALA D 190 8.31 -28.41 -10.17
N PHE D 191 8.51 -29.34 -11.11
CA PHE D 191 8.55 -29.08 -12.55
C PHE D 191 7.46 -30.00 -13.15
N VAL D 192 6.39 -29.38 -13.68
CA VAL D 192 5.37 -30.08 -14.41
C VAL D 192 5.68 -29.95 -15.89
N SER D 193 5.97 -31.07 -16.51
CA SER D 193 6.51 -31.16 -17.86
C SER D 193 5.45 -31.66 -18.81
N LEU D 194 4.96 -30.85 -19.72
CA LEU D 194 3.82 -31.20 -20.56
C LEU D 194 4.25 -31.37 -22.00
N GLY D 195 4.18 -32.59 -22.51
CA GLY D 195 4.53 -32.86 -23.91
C GLY D 195 5.97 -32.59 -24.26
N ALA D 196 6.90 -32.96 -23.38
CA ALA D 196 8.32 -32.68 -23.59
C ALA D 196 8.96 -33.54 -24.68
N PRO D 197 9.59 -32.93 -25.70
CA PRO D 197 10.31 -33.60 -26.75
C PRO D 197 11.76 -33.76 -26.35
N TRP D 198 11.97 -34.57 -25.31
CA TRP D 198 13.28 -34.71 -24.73
C TRP D 198 14.38 -35.12 -25.71
N GLY D 199 14.07 -36.01 -26.67
CA GLY D 199 15.05 -36.43 -27.66
C GLY D 199 14.80 -35.91 -29.07
N GLY D 200 14.15 -34.76 -29.17
CA GLY D 200 13.72 -34.19 -30.41
C GLY D 200 12.40 -34.73 -30.93
N VAL D 201 11.90 -34.15 -32.03
CA VAL D 201 10.68 -34.63 -32.68
C VAL D 201 10.93 -34.91 -34.17
N ALA D 202 10.38 -36.00 -34.69
CA ALA D 202 10.69 -36.43 -36.04
C ALA D 202 10.24 -35.40 -37.07
N LYS D 203 9.14 -34.70 -36.82
CA LYS D 203 8.63 -33.77 -37.84
C LYS D 203 9.52 -32.60 -38.20
N THR D 204 10.51 -32.32 -37.36
CA THR D 204 11.53 -31.28 -37.71
C THR D 204 12.24 -31.60 -39.00
N LEU D 205 12.43 -32.86 -39.34
CA LEU D 205 13.05 -33.22 -40.64
C LEU D 205 12.22 -32.68 -41.81
N ARG D 206 10.90 -32.88 -41.71
CA ARG D 206 10.00 -32.46 -42.78
C ARG D 206 9.95 -30.94 -42.86
N VAL D 207 9.88 -30.31 -41.69
CA VAL D 207 9.87 -28.84 -41.63
C VAL D 207 11.08 -28.26 -42.35
N LEU D 208 12.26 -28.75 -42.03
CA LEU D 208 13.50 -28.22 -42.61
C LEU D 208 13.64 -28.56 -44.06
N ALA D 209 13.27 -29.76 -44.46
CA ALA D 209 13.41 -30.19 -45.85
C ALA D 209 12.47 -29.42 -46.77
N SER D 210 11.18 -29.49 -46.45
CA SER D 210 10.14 -29.10 -47.40
C SER D 210 9.10 -28.10 -46.86
N GLY D 211 9.26 -27.67 -45.62
CA GLY D 211 8.35 -26.73 -45.00
C GLY D 211 7.12 -27.36 -44.42
N ASP D 212 6.50 -26.67 -43.48
CA ASP D 212 5.24 -27.12 -42.88
C ASP D 212 4.32 -25.90 -42.75
N ASN D 213 3.29 -25.87 -43.57
CA ASN D 213 2.26 -24.84 -43.49
C ASN D 213 0.94 -25.32 -42.84
N ASN D 214 1.02 -26.44 -42.16
CA ASN D 214 -0.01 -26.85 -41.21
C ASN D 214 -1.40 -26.98 -41.77
N ARG D 215 -1.49 -27.18 -43.09
CA ARG D 215 -2.75 -27.28 -43.82
C ARG D 215 -3.49 -25.93 -43.97
N ILE D 216 -2.74 -24.85 -43.81
CA ILE D 216 -3.16 -23.49 -44.14
C ILE D 216 -2.64 -23.23 -45.55
N PRO D 217 -3.46 -23.58 -46.58
CA PRO D 217 -3.03 -23.61 -47.97
C PRO D 217 -2.64 -22.24 -48.56
N VAL D 218 -3.15 -21.18 -47.97
CA VAL D 218 -2.83 -19.84 -48.40
C VAL D 218 -1.38 -19.47 -48.02
N ILE D 219 -0.73 -20.27 -47.17
CA ILE D 219 0.72 -20.11 -46.95
C ILE D 219 1.46 -21.21 -47.62
N GLY D 220 2.31 -20.91 -48.62
CA GLY D 220 3.05 -21.96 -49.36
C GLY D 220 4.05 -22.64 -48.43
N PRO D 221 4.18 -23.98 -48.49
CA PRO D 221 5.11 -24.59 -47.55
C PRO D 221 6.58 -24.18 -47.86
N LEU D 222 6.91 -23.99 -49.14
CA LEU D 222 8.27 -23.62 -49.52
C LEU D 222 8.62 -22.20 -49.09
N LYS D 223 7.61 -21.35 -48.96
CA LYS D 223 7.82 -19.98 -48.52
C LYS D 223 8.08 -19.93 -47.04
N ILE D 224 7.21 -20.55 -46.24
CA ILE D 224 7.40 -20.58 -44.78
C ILE D 224 8.64 -21.38 -44.34
N ARG D 225 9.07 -22.32 -45.16
CA ARG D 225 10.30 -23.09 -44.92
C ARG D 225 11.50 -22.18 -44.68
N GLU D 226 11.52 -21.06 -45.40
CA GLU D 226 12.61 -20.08 -45.24
C GLU D 226 12.74 -19.59 -43.81
N GLN D 227 11.62 -19.26 -43.17
CA GLN D 227 11.64 -18.85 -41.77
C GLN D 227 11.98 -20.01 -40.85
N GLN D 228 11.38 -21.16 -41.11
CA GLN D 228 11.54 -22.33 -40.21
C GLN D 228 13.01 -22.79 -40.17
N ARG D 229 13.68 -22.76 -41.31
CA ARG D 229 15.09 -23.10 -41.38
C ARG D 229 15.96 -22.08 -40.64
N SER D 230 15.58 -20.80 -40.71
CA SER D 230 16.37 -19.73 -40.12
C SER D 230 16.39 -19.73 -38.60
N ALA D 231 15.36 -20.36 -38.02
CA ALA D 231 15.24 -20.53 -36.59
C ALA D 231 16.14 -21.66 -36.09
N VAL D 232 17.16 -21.33 -35.31
CA VAL D 232 18.07 -22.30 -34.72
C VAL D 232 17.33 -23.40 -33.94
N SER D 233 16.27 -23.01 -33.28
CA SER D 233 15.47 -23.94 -32.48
C SER D 233 14.93 -25.09 -33.30
N THR D 234 14.67 -24.91 -34.57
CA THR D 234 14.21 -26.06 -35.41
C THR D 234 15.28 -27.16 -35.53
N SER D 235 16.52 -26.80 -35.83
CA SER D 235 17.60 -27.77 -35.93
C SER D 235 17.98 -28.34 -34.58
N TRP D 236 17.82 -27.54 -33.51
CA TRP D 236 18.01 -28.02 -32.13
C TRP D 236 17.11 -29.19 -31.78
N LEU D 237 15.93 -29.21 -32.34
CA LEU D 237 14.94 -30.27 -32.06
C LEU D 237 14.95 -31.47 -33.00
N LEU D 238 15.94 -31.60 -33.87
CA LEU D 238 16.14 -32.85 -34.60
C LEU D 238 16.34 -33.99 -33.63
N PRO D 239 15.84 -35.20 -33.98
CA PRO D 239 16.01 -36.41 -33.15
C PRO D 239 17.44 -36.64 -32.67
N TYR D 240 17.52 -37.06 -31.41
CA TYR D 240 18.78 -37.37 -30.72
C TYR D 240 19.00 -38.86 -30.57
N ASN D 241 20.27 -39.28 -30.58
CA ASN D 241 20.62 -40.72 -30.46
C ASN D 241 20.43 -41.29 -29.05
N TYR D 242 20.10 -40.47 -28.06
CA TYR D 242 19.77 -41.04 -26.75
C TYR D 242 18.32 -41.57 -26.66
N THR D 243 17.53 -41.23 -27.66
CA THR D 243 16.14 -41.58 -27.74
C THR D 243 15.90 -42.51 -28.93
N TRP D 244 16.58 -42.24 -30.03
CA TRP D 244 16.33 -42.99 -31.25
C TRP D 244 17.53 -43.75 -31.68
N SER D 245 17.26 -44.88 -32.27
CA SER D 245 18.27 -45.73 -32.84
C SER D 245 19.04 -44.99 -33.93
N PRO D 246 20.37 -45.15 -33.95
CA PRO D 246 21.14 -44.48 -35.01
C PRO D 246 20.84 -45.01 -36.41
N GLU D 247 20.22 -46.18 -36.49
CA GLU D 247 19.84 -46.79 -37.74
C GLU D 247 18.40 -46.48 -38.21
N LYS D 248 17.60 -45.80 -37.40
CA LYS D 248 16.27 -45.42 -37.83
C LYS D 248 16.33 -44.39 -38.97
N VAL D 249 15.62 -44.65 -40.05
CA VAL D 249 15.49 -43.71 -41.16
C VAL D 249 14.34 -42.75 -40.87
N PHE D 250 14.65 -41.45 -40.77
CA PHE D 250 13.64 -40.40 -40.61
C PHE D 250 13.16 -39.84 -41.93
N VAL D 251 14.04 -39.82 -42.91
CA VAL D 251 13.75 -39.35 -44.25
C VAL D 251 14.26 -40.31 -45.26
N GLN D 252 13.39 -40.78 -46.12
CA GLN D 252 13.75 -41.65 -47.23
C GLN D 252 13.39 -40.99 -48.54
N THR D 253 14.31 -41.04 -49.50
CA THR D 253 14.09 -40.55 -50.85
C THR D 253 14.48 -41.67 -51.80
N PRO D 254 14.27 -41.47 -53.11
CA PRO D 254 14.62 -42.58 -54.05
C PRO D 254 16.12 -42.94 -54.07
N THR D 255 16.99 -42.00 -53.69
CA THR D 255 18.43 -42.21 -53.78
C THR D 255 19.21 -42.13 -52.49
N ILE D 256 18.58 -41.77 -51.39
CA ILE D 256 19.32 -41.60 -50.15
C ILE D 256 18.38 -41.61 -48.95
N ASN D 257 18.88 -42.19 -47.88
CA ASN D 257 18.19 -42.20 -46.60
C ASN D 257 18.90 -41.24 -45.70
N TYR D 258 18.19 -40.70 -44.75
CA TYR D 258 18.76 -39.92 -43.67
C TYR D 258 18.31 -40.47 -42.31
N THR D 259 19.32 -40.90 -41.53
CA THR D 259 19.19 -41.22 -40.12
C THR D 259 19.75 -40.07 -39.27
N LEU D 260 19.74 -40.20 -37.96
CA LEU D 260 20.30 -39.11 -37.13
C LEU D 260 21.84 -39.03 -37.21
N ARG D 261 22.47 -40.03 -37.85
CA ARG D 261 23.89 -39.96 -38.14
C ARG D 261 24.17 -39.24 -39.48
N ASP D 262 23.14 -38.74 -40.14
CA ASP D 262 23.28 -38.20 -41.48
C ASP D 262 22.89 -36.75 -41.64
N TYR D 263 22.88 -36.00 -40.54
CA TYR D 263 22.39 -34.62 -40.60
C TYR D 263 23.25 -33.71 -41.47
N ARG D 264 24.56 -33.91 -41.47
CA ARG D 264 25.42 -33.09 -42.33
C ARG D 264 25.04 -33.23 -43.81
N LYS D 265 24.87 -34.48 -44.26
CA LYS D 265 24.40 -34.76 -45.63
C LYS D 265 23.05 -34.15 -45.92
N PHE D 266 22.14 -34.36 -44.97
CA PHE D 266 20.77 -33.83 -45.06
C PHE D 266 20.78 -32.32 -45.30
N PHE D 267 21.54 -31.59 -44.49
CA PHE D 267 21.59 -30.14 -44.65
C PHE D 267 22.25 -29.71 -45.95
N GLN D 268 23.28 -30.42 -46.38
CA GLN D 268 23.84 -30.16 -47.72
C GLN D 268 22.79 -30.38 -48.79
N ASP D 269 22.07 -31.48 -48.70
CA ASP D 269 21.20 -31.90 -49.78
C ASP D 269 19.91 -31.08 -49.89
N ILE D 270 19.49 -30.47 -48.81
CA ILE D 270 18.34 -29.56 -48.85
C ILE D 270 18.74 -28.13 -49.20
N GLY D 271 20.03 -27.86 -49.29
CA GLY D 271 20.56 -26.56 -49.65
C GLY D 271 20.54 -25.60 -48.47
N PHE D 272 20.80 -26.11 -47.27
CA PHE D 272 20.80 -25.25 -46.09
C PHE D 272 21.93 -25.63 -45.16
N GLU D 273 23.16 -25.38 -45.59
CA GLU D 273 24.36 -25.85 -44.85
C GLU D 273 24.49 -25.22 -43.48
N ASP D 274 23.99 -24.00 -43.29
CA ASP D 274 23.95 -23.36 -41.99
C ASP D 274 23.24 -24.18 -40.92
N GLY D 275 22.24 -24.94 -41.32
CA GLY D 275 21.51 -25.79 -40.40
C GLY D 275 22.40 -26.80 -39.71
N TRP D 276 23.39 -27.32 -40.43
CA TRP D 276 24.34 -28.27 -39.85
C TRP D 276 25.18 -27.58 -38.77
N LEU D 277 25.61 -26.36 -39.07
CA LEU D 277 26.35 -25.56 -38.12
C LEU D 277 25.49 -25.28 -36.87
N MET D 278 24.22 -24.95 -37.07
CA MET D 278 23.27 -24.75 -35.96
C MET D 278 23.12 -26.00 -35.11
N ARG D 279 23.02 -27.17 -35.76
CA ARG D 279 22.93 -28.42 -35.05
C ARG D 279 24.17 -28.68 -34.22
N GLN D 280 25.34 -28.45 -34.81
CA GLN D 280 26.58 -28.60 -34.04
C GLN D 280 26.62 -27.63 -32.85
N ASP D 281 26.15 -26.39 -33.04
CA ASP D 281 26.14 -25.39 -31.97
C ASP D 281 25.25 -25.80 -30.78
N THR D 282 24.18 -26.55 -31.06
CA THR D 282 23.10 -26.74 -30.08
C THR D 282 22.91 -28.16 -29.55
N GLU D 283 23.41 -29.16 -30.26
CA GLU D 283 23.09 -30.58 -29.93
C GLU D 283 23.61 -31.02 -28.57
N GLY D 284 24.64 -30.36 -28.06
CA GLY D 284 25.20 -30.72 -26.78
C GLY D 284 24.76 -29.86 -25.60
N LEU D 285 23.83 -28.93 -25.81
CA LEU D 285 23.48 -27.98 -24.75
C LEU D 285 22.84 -28.61 -23.54
N VAL D 286 21.89 -29.49 -23.78
CA VAL D 286 21.21 -30.21 -22.71
C VAL D 286 21.85 -31.57 -22.55
N GLU D 287 22.46 -31.86 -21.42
CA GLU D 287 23.06 -33.19 -21.20
C GLU D 287 21.96 -34.23 -21.15
N ALA D 288 22.03 -35.19 -22.07
CA ALA D 288 21.00 -36.20 -22.31
C ALA D 288 20.48 -36.91 -21.01
N THR D 289 21.43 -37.24 -20.14
CA THR D 289 21.23 -38.11 -19.02
C THR D 289 21.20 -37.46 -17.65
N MET D 290 21.65 -36.20 -17.50
CA MET D 290 21.49 -35.46 -16.24
C MET D 290 20.02 -35.14 -15.95
N PRO D 291 19.47 -35.57 -14.82
CA PRO D 291 18.08 -35.29 -14.45
C PRO D 291 17.96 -33.85 -13.95
N PRO D 292 16.73 -33.31 -13.88
CA PRO D 292 16.63 -31.88 -13.49
C PRO D 292 16.97 -31.65 -12.03
N GLY D 293 16.85 -32.68 -11.19
CA GLY D 293 17.20 -32.58 -9.77
C GLY D 293 16.13 -31.83 -8.96
N VAL D 294 14.88 -31.91 -9.42
CA VAL D 294 13.73 -31.41 -8.76
C VAL D 294 12.59 -32.42 -8.93
N GLN D 295 11.55 -32.31 -8.10
CA GLN D 295 10.38 -33.14 -8.27
C GLN D 295 9.80 -32.90 -9.64
N LEU D 296 9.61 -33.97 -10.38
CA LEU D 296 9.27 -33.87 -11.80
C LEU D 296 8.03 -34.69 -12.10
N HIS D 297 7.06 -34.05 -12.78
CA HIS D 297 5.83 -34.71 -13.22
C HIS D 297 5.87 -34.67 -14.71
N CYS D 298 6.07 -35.83 -15.32
CA CYS D 298 6.24 -35.94 -16.77
CA CYS D 298 6.20 -35.91 -16.74
C CYS D 298 4.96 -36.42 -17.39
N LEU D 299 4.26 -35.49 -18.04
CA LEU D 299 2.99 -35.74 -18.63
C LEU D 299 3.17 -35.86 -20.14
N TYR D 300 2.75 -36.98 -20.72
CA TYR D 300 2.93 -37.22 -22.15
C TYR D 300 1.68 -37.79 -22.73
N GLY D 301 1.32 -37.27 -23.90
CA GLY D 301 0.18 -37.79 -24.63
C GLY D 301 0.51 -39.05 -25.41
N THR D 302 -0.49 -39.93 -25.51
CA THR D 302 -0.37 -41.14 -26.33
C THR D 302 -1.67 -41.29 -27.12
N GLY D 303 -1.65 -42.21 -28.11
CA GLY D 303 -2.84 -42.55 -28.85
C GLY D 303 -3.22 -41.54 -29.93
N VAL D 304 -2.32 -40.62 -30.25
CA VAL D 304 -2.49 -39.70 -31.34
C VAL D 304 -1.45 -40.06 -32.40
N PRO D 305 -1.85 -40.37 -33.65
CA PRO D 305 -0.85 -40.59 -34.69
C PRO D 305 0.15 -39.44 -34.77
N THR D 306 1.44 -39.75 -34.66
CA THR D 306 2.50 -38.77 -34.59
C THR D 306 3.51 -38.98 -35.66
N PRO D 307 3.78 -37.98 -36.51
CA PRO D 307 4.77 -38.16 -37.57
C PRO D 307 6.11 -38.72 -37.05
N ASP D 308 6.54 -39.79 -37.68
CA ASP D 308 7.70 -40.57 -37.27
C ASP D 308 8.79 -40.61 -38.36
N SER D 309 8.38 -40.56 -39.62
CA SER D 309 9.25 -40.66 -40.77
C SER D 309 8.55 -40.17 -42.01
N PHE D 310 9.34 -39.85 -43.03
CA PHE D 310 8.87 -39.22 -44.25
C PHE D 310 9.46 -39.87 -45.46
N TYR D 311 8.64 -40.13 -46.47
CA TYR D 311 9.08 -40.62 -47.74
C TYR D 311 8.86 -39.55 -48.80
N TYR D 312 9.94 -39.14 -49.45
CA TYR D 312 9.92 -38.13 -50.48
C TYR D 312 10.11 -38.76 -51.85
N GLU D 313 9.14 -38.59 -52.72
CA GLU D 313 9.28 -38.99 -54.13
C GLU D 313 10.24 -38.00 -54.84
N SER D 314 10.17 -36.76 -54.41
CA SER D 314 10.90 -35.66 -54.98
C SER D 314 11.37 -34.76 -53.83
N PHE D 315 12.69 -34.67 -53.70
CA PHE D 315 13.32 -34.06 -52.54
C PHE D 315 14.20 -32.90 -52.99
N PRO D 316 14.14 -31.73 -52.32
CA PRO D 316 13.39 -31.48 -51.07
C PRO D 316 12.14 -30.62 -51.27
N ASP D 317 11.75 -30.31 -52.49
CA ASP D 317 10.74 -29.24 -52.69
C ASP D 317 9.30 -29.72 -52.93
N ARG D 318 9.01 -30.99 -52.60
CA ARG D 318 7.64 -31.51 -52.62
C ARG D 318 7.31 -32.08 -51.25
N ASP D 319 6.05 -32.00 -50.86
CA ASP D 319 5.59 -32.59 -49.60
C ASP D 319 5.77 -34.09 -49.61
N PRO D 320 6.20 -34.67 -48.47
CA PRO D 320 6.40 -36.11 -48.44
C PRO D 320 5.14 -36.86 -48.01
N LYS D 321 5.18 -38.18 -48.20
CA LYS D 321 4.26 -39.07 -47.50
C LYS D 321 4.70 -39.26 -46.08
N ILE D 322 3.77 -39.38 -45.16
CA ILE D 322 4.10 -39.42 -43.75
C ILE D 322 3.76 -40.75 -43.11
N CYS D 323 4.71 -41.28 -42.38
CA CYS D 323 4.48 -42.46 -41.56
C CYS D 323 4.35 -42.02 -40.07
N PHE D 324 3.39 -42.62 -39.40
CA PHE D 324 3.05 -42.26 -38.06
C PHE D 324 3.45 -43.32 -37.01
N GLY D 325 3.88 -42.84 -35.86
CA GLY D 325 4.06 -43.65 -34.67
C GLY D 325 3.19 -43.13 -33.54
N ASP D 326 3.47 -43.60 -32.32
CA ASP D 326 2.66 -43.20 -31.17
C ASP D 326 3.21 -41.89 -30.58
N GLY D 327 2.39 -41.19 -29.81
CA GLY D 327 2.75 -39.89 -29.25
C GLY D 327 1.51 -39.02 -29.12
N ASP D 328 1.73 -37.71 -29.13
CA ASP D 328 0.64 -36.75 -28.95
C ASP D 328 0.34 -35.94 -30.19
N GLY D 329 0.79 -36.42 -31.34
CA GLY D 329 0.56 -35.69 -32.61
C GLY D 329 1.77 -34.96 -33.10
N THR D 330 2.64 -34.58 -32.18
CA THR D 330 3.85 -33.80 -32.44
C THR D 330 5.06 -34.51 -31.83
N VAL D 331 4.98 -34.74 -30.53
CA VAL D 331 6.07 -35.33 -29.76
C VAL D 331 5.95 -36.86 -29.77
N ASN D 332 6.99 -37.52 -30.27
CA ASN D 332 6.98 -38.95 -30.37
C ASN D 332 7.05 -39.55 -28.98
N LEU D 333 6.34 -40.64 -28.78
CA LEU D 333 6.29 -41.30 -27.47
C LEU D 333 7.68 -41.61 -26.90
N LYS D 334 8.59 -42.03 -27.74
CA LYS D 334 9.96 -42.37 -27.33
C LYS D 334 10.69 -41.21 -26.70
N SER D 335 10.43 -40.06 -27.30
CA SER D 335 11.06 -38.80 -26.94
C SER D 335 10.55 -38.42 -25.54
N ALA D 336 9.24 -38.33 -25.43
CA ALA D 336 8.59 -38.09 -24.17
C ALA D 336 9.13 -39.04 -23.05
N LEU D 337 9.47 -40.29 -23.37
CA LEU D 337 9.81 -41.26 -22.35
C LEU D 337 11.25 -41.24 -21.85
N GLN D 338 12.07 -40.34 -22.34
CA GLN D 338 13.40 -40.13 -21.76
C GLN D 338 13.34 -39.85 -20.23
N CYS D 339 12.23 -39.30 -19.82
CA CYS D 339 11.86 -39.07 -18.46
C CYS D 339 12.01 -40.24 -17.46
N GLN D 340 11.75 -41.45 -17.95
CA GLN D 340 11.81 -42.66 -17.18
C GLN D 340 13.23 -42.98 -16.71
N ALA D 341 14.23 -42.66 -17.53
CA ALA D 341 15.62 -42.86 -17.21
C ALA D 341 16.06 -42.04 -15.99
N TRP D 342 15.44 -40.88 -15.80
CA TRP D 342 15.77 -40.03 -14.67
C TRP D 342 15.36 -40.55 -13.31
N GLN D 343 14.37 -41.44 -13.25
CA GLN D 343 13.91 -42.01 -12.00
C GLN D 343 15.04 -42.51 -11.10
N SER D 344 15.99 -43.21 -11.69
CA SER D 344 17.07 -43.82 -10.91
C SER D 344 18.27 -42.88 -10.72
N ARG D 345 18.24 -41.73 -11.40
CA ARG D 345 19.37 -40.81 -11.38
C ARG D 345 19.19 -39.58 -10.53
N GLN D 346 18.01 -39.38 -9.92
CA GLN D 346 17.88 -38.34 -8.90
C GLN D 346 17.14 -38.90 -7.71
N GLU D 347 17.31 -38.25 -6.58
CA GLU D 347 16.57 -38.56 -5.35
C GLU D 347 15.17 -38.03 -5.36
N HIS D 348 14.99 -36.81 -5.88
CA HIS D 348 13.64 -36.24 -6.01
CA HIS D 348 13.64 -36.24 -5.98
C HIS D 348 12.78 -37.13 -6.85
N GLN D 349 11.50 -37.22 -6.53
CA GLN D 349 10.58 -38.08 -7.27
C GLN D 349 10.43 -37.70 -8.71
N VAL D 350 10.31 -38.71 -9.58
CA VAL D 350 9.95 -38.53 -10.98
C VAL D 350 8.65 -39.32 -11.17
N LEU D 351 7.55 -38.61 -11.46
CA LEU D 351 6.26 -39.26 -11.68
C LEU D 351 5.96 -39.21 -13.15
N LEU D 352 5.67 -40.34 -13.74
CA LEU D 352 5.22 -40.41 -15.12
C LEU D 352 3.72 -40.46 -15.17
N GLN D 353 3.12 -39.64 -16.01
CA GLN D 353 1.67 -39.67 -16.19
C GLN D 353 1.32 -39.71 -17.67
N GLU D 354 0.84 -40.86 -18.12
CA GLU D 354 0.29 -40.99 -19.47
C GLU D 354 -1.04 -40.27 -19.59
N LEU D 355 -1.23 -39.59 -20.73
CA LEU D 355 -2.46 -38.89 -21.06
C LEU D 355 -2.99 -39.49 -22.36
N PRO D 356 -3.70 -40.63 -22.27
CA PRO D 356 -4.14 -41.28 -23.49
C PRO D 356 -5.18 -40.43 -24.22
N GLY D 357 -4.95 -40.22 -25.51
CA GLY D 357 -5.85 -39.45 -26.33
C GLY D 357 -5.67 -37.95 -26.22
N SER D 358 -4.61 -37.50 -25.57
CA SER D 358 -4.39 -36.07 -25.39
C SER D 358 -3.45 -35.52 -26.43
N GLU D 359 -3.97 -34.68 -27.32
CA GLU D 359 -3.15 -34.05 -28.36
C GLU D 359 -2.25 -32.94 -27.80
N HIS D 360 -1.13 -32.74 -28.45
CA HIS D 360 -0.04 -31.89 -27.99
C HIS D 360 -0.47 -30.53 -27.51
N ILE D 361 -1.25 -29.80 -28.29
CA ILE D 361 -1.73 -28.47 -27.87
C ILE D 361 -2.96 -28.54 -27.00
N GLU D 362 -3.90 -29.41 -27.34
CA GLU D 362 -5.16 -29.54 -26.56
C GLU D 362 -4.88 -29.92 -25.14
N MET D 363 -3.75 -30.55 -24.84
CA MET D 363 -3.48 -30.98 -23.46
C MET D 363 -3.48 -29.79 -22.49
N LEU D 364 -3.13 -28.61 -22.99
CA LEU D 364 -3.10 -27.39 -22.18
C LEU D 364 -4.45 -26.85 -21.74
N ALA D 365 -5.52 -27.26 -22.40
CA ALA D 365 -6.88 -26.83 -22.08
C ALA D 365 -7.74 -28.00 -21.64
N ASN D 366 -7.12 -29.14 -21.44
CA ASN D 366 -7.83 -30.40 -21.17
C ASN D 366 -8.06 -30.56 -19.69
N ALA D 367 -9.30 -30.91 -19.33
CA ALA D 367 -9.74 -30.97 -17.91
C ALA D 367 -8.91 -31.94 -17.08
N THR D 368 -8.46 -33.06 -17.67
CA THR D 368 -7.64 -34.03 -16.98
C THR D 368 -6.25 -33.47 -16.67
N THR D 369 -5.68 -32.76 -17.63
CA THR D 369 -4.39 -32.10 -17.41
C THR D 369 -4.52 -31.08 -16.28
N LEU D 370 -5.58 -30.29 -16.33
CA LEU D 370 -5.78 -29.23 -15.35
C LEU D 370 -6.07 -29.81 -13.98
N ALA D 371 -6.80 -30.92 -13.89
CA ALA D 371 -7.05 -31.61 -12.61
C ALA D 371 -5.73 -32.12 -12.02
N TYR D 372 -4.81 -32.60 -12.87
CA TYR D 372 -3.49 -33.05 -12.40
C TYR D 372 -2.71 -31.88 -11.82
N LEU D 373 -2.67 -30.78 -12.56
CA LEU D 373 -2.01 -29.56 -12.12
C LEU D 373 -2.58 -29.05 -10.81
N LYS D 374 -3.90 -29.05 -10.69
CA LYS D 374 -4.57 -28.62 -9.47
C LYS D 374 -4.11 -29.41 -8.25
N ARG D 375 -3.96 -30.72 -8.41
CA ARG D 375 -3.49 -31.61 -7.40
C ARG D 375 -2.03 -31.26 -6.98
N VAL D 376 -1.18 -30.97 -7.97
CA VAL D 376 0.20 -30.57 -7.71
C VAL D 376 0.24 -29.24 -6.91
N LEU D 377 -0.59 -28.30 -7.29
CA LEU D 377 -0.58 -26.95 -6.69
C LEU D 377 -1.29 -26.83 -5.34
N LEU D 378 -2.47 -27.43 -5.26
CA LEU D 378 -3.39 -27.23 -4.14
C LEU D 378 -3.36 -28.43 -3.18
N GLY D 379 -2.77 -29.54 -3.56
CA GLY D 379 -2.42 -30.58 -2.60
C GLY D 379 -3.53 -31.61 -2.49
N PRO D 380 -3.34 -32.60 -1.58
CA PRO D 380 -4.11 -33.86 -1.58
C PRO D 380 -5.56 -33.71 -1.15
#